data_1TZK
#
_entry.id   1TZK
#
_cell.length_a   67.664
_cell.length_b   68.446
_cell.length_c   350.174
_cell.angle_alpha   90.00
_cell.angle_beta   90.00
_cell.angle_gamma   90.00
#
_symmetry.space_group_name_H-M   'P 21 21 21'
#
loop_
_entity.id
_entity.type
_entity.pdbx_description
1 polymer '1-aminocyclopropane-1-carboxylate deaminase'
2 non-polymer "PYRIDOXAL-5'-PHOSPHATE"
3 non-polymer '2-KETOBUTYRIC ACID'
4 non-polymer 'SULFATE ION'
5 water water
#
_entity_poly.entity_id   1
_entity_poly.type   'polypeptide(L)'
_entity_poly.pdbx_seq_one_letter_code
;MNLQRFPRYPLTFGPTPIQPLARLSKHLGGKVHLYAKREDCNSGLAFGGNKTRKLEYLIPEALAQGCDTLVSIGGIQSNQ
TRQVAAVAAHLGMKCVLVQENWVNYSDAVYDRVGNIQMSRILGADVRLVPDGFDIGFRRSWEDALESVRAAGGKPYAIPA
GCSDHPLGGLGFVGFAEEVRAQEAELGFKFDYVVVCSVTGSTQAGMVVGFAADGRADRVIGVDASAKPAQTREQITRIAR
QTAEKVGLERDIMRADVVLDERFAGPEYGLPNEGTLEAIRLCARTEGMLTDPVYEGKSMHGMIEMVRNGEFPEGSRVLYA
HLGGVPALNGYSFIFRDG
;
_entity_poly.pdbx_strand_id   A,B,C,D
#
loop_
_chem_comp.id
_chem_comp.type
_chem_comp.name
_chem_comp.formula
2KT non-polymer '2-KETOBUTYRIC ACID' 'C4 H6 O3'
PLP non-polymer PYRIDOXAL-5'-PHOSPHATE 'C8 H10 N O6 P'
SO4 non-polymer 'SULFATE ION' 'O4 S -2'
#
# COMPACT_ATOMS: atom_id res chain seq x y z
N MET A 1 -12.52 32.21 38.26
CA MET A 1 -13.38 31.90 37.08
C MET A 1 -14.39 30.79 37.39
N ASN A 2 -15.16 30.40 36.39
CA ASN A 2 -16.14 29.35 36.59
C ASN A 2 -16.50 28.60 35.30
N LEU A 3 -15.83 27.47 35.09
CA LEU A 3 -16.06 26.64 33.93
C LEU A 3 -17.25 25.76 34.22
N GLN A 4 -17.58 25.66 35.51
CA GLN A 4 -18.69 24.84 35.98
C GLN A 4 -20.03 25.30 35.43
N ARG A 5 -20.09 26.55 34.97
CA ARG A 5 -21.32 27.11 34.41
C ARG A 5 -21.70 26.38 33.12
N PHE A 6 -20.70 25.82 32.44
CA PHE A 6 -20.91 25.11 31.18
C PHE A 6 -20.98 23.60 31.39
N PRO A 7 -22.02 22.96 30.84
CA PRO A 7 -22.13 21.51 31.01
C PRO A 7 -21.03 20.78 30.23
N ARG A 8 -20.71 19.58 30.69
CA ARG A 8 -19.67 18.76 30.06
C ARG A 8 -20.25 17.36 29.84
N TYR A 9 -20.35 16.94 28.58
CA TYR A 9 -20.88 15.62 28.28
C TYR A 9 -19.72 14.63 28.40
N PRO A 10 -19.87 13.59 29.24
CA PRO A 10 -18.84 12.56 29.47
C PRO A 10 -18.46 11.76 28.24
N LEU A 11 -17.25 11.98 27.74
CA LEU A 11 -16.76 11.25 26.57
C LEU A 11 -15.39 10.62 26.88
N THR A 12 -14.88 10.90 28.07
CA THR A 12 -13.59 10.38 28.51
C THR A 12 -13.74 9.48 29.72
N PHE A 13 -12.65 8.81 30.11
CA PHE A 13 -12.72 7.90 31.25
C PHE A 13 -12.70 8.67 32.56
N GLY A 14 -12.23 9.91 32.49
CA GLY A 14 -12.11 10.74 33.68
C GLY A 14 -10.81 11.47 33.57
N PRO A 15 -10.29 12.06 34.64
CA PRO A 15 -9.01 12.77 34.53
C PRO A 15 -7.96 11.90 33.85
N THR A 16 -7.06 12.53 33.10
CA THR A 16 -6.02 11.79 32.39
C THR A 16 -4.78 11.74 33.24
N PRO A 17 -4.16 10.56 33.32
CA PRO A 17 -2.95 10.40 34.12
C PRO A 17 -1.71 11.13 33.69
N ILE A 18 -0.89 11.45 34.69
CA ILE A 18 0.38 12.09 34.47
C ILE A 18 1.39 11.00 34.78
N GLN A 19 2.37 10.83 33.91
CA GLN A 19 3.38 9.82 34.09
C GLN A 19 4.75 10.43 34.02
N PRO A 20 5.67 9.96 34.86
CA PRO A 20 7.00 10.54 34.76
C PRO A 20 7.74 9.89 33.59
N LEU A 21 8.59 10.66 32.93
CA LEU A 21 9.38 10.16 31.83
C LEU A 21 10.81 10.19 32.34
N ALA A 22 11.09 9.34 33.32
CA ALA A 22 12.40 9.29 33.93
C ALA A 22 13.50 8.79 33.02
N ARG A 23 13.19 7.79 32.20
CA ARG A 23 14.20 7.25 31.30
C ARG A 23 14.66 8.34 30.34
N LEU A 24 13.71 9.06 29.74
CA LEU A 24 14.06 10.13 28.82
C LEU A 24 14.72 11.32 29.55
N SER A 25 14.22 11.65 30.74
CA SER A 25 14.79 12.76 31.51
C SER A 25 16.25 12.48 31.76
N LYS A 26 16.53 11.28 32.24
CA LYS A 26 17.89 10.86 32.53
C LYS A 26 18.70 10.84 31.26
N HIS A 27 18.09 10.39 30.18
CA HIS A 27 18.79 10.31 28.91
C HIS A 27 19.30 11.67 28.49
N LEU A 28 18.50 12.71 28.74
CA LEU A 28 18.91 14.05 28.36
C LEU A 28 19.89 14.74 29.33
N GLY A 29 20.35 14.01 30.35
CA GLY A 29 21.27 14.61 31.29
C GLY A 29 20.79 14.60 32.72
N GLY A 30 19.50 14.33 32.92
CA GLY A 30 18.94 14.27 34.26
C GLY A 30 18.81 15.59 35.00
N LYS A 31 18.78 16.69 34.26
CA LYS A 31 18.66 18.01 34.86
C LYS A 31 17.23 18.48 34.90
N VAL A 32 16.43 18.05 33.91
CA VAL A 32 15.03 18.44 33.83
C VAL A 32 14.14 17.20 33.99
N HIS A 33 13.11 17.33 34.82
CA HIS A 33 12.19 16.22 35.07
C HIS A 33 11.01 16.31 34.12
N LEU A 34 10.96 15.36 33.19
CA LEU A 34 9.90 15.31 32.19
C LEU A 34 8.77 14.40 32.59
N TYR A 35 7.56 14.86 32.31
CA TYR A 35 6.35 14.10 32.60
C TYR A 35 5.47 14.18 31.36
N ALA A 36 4.44 13.35 31.34
CA ALA A 36 3.49 13.37 30.23
C ALA A 36 2.09 13.16 30.82
N LYS A 37 1.15 14.00 30.39
CA LYS A 37 -0.23 13.85 30.81
C LYS A 37 -0.84 13.22 29.55
N ARG A 38 -1.42 12.05 29.73
CA ARG A 38 -1.95 11.23 28.62
C ARG A 38 -3.35 11.48 28.06
N GLU A 39 -3.51 12.59 27.34
CA GLU A 39 -4.81 12.90 26.73
C GLU A 39 -5.07 11.84 25.67
N ASP A 40 -3.99 11.34 25.09
CA ASP A 40 -4.04 10.29 24.07
C ASP A 40 -4.67 8.97 24.58
N CYS A 41 -4.90 8.86 25.89
CA CYS A 41 -5.51 7.66 26.47
C CYS A 41 -6.78 7.98 27.23
N ASN A 42 -7.39 9.12 26.91
CA ASN A 42 -8.56 9.56 27.62
C ASN A 42 -9.87 8.92 27.27
N SER A 43 -9.94 8.07 26.25
CA SER A 43 -11.26 7.56 25.88
C SER A 43 -11.32 6.21 25.19
N GLY A 44 -12.47 5.57 25.27
CA GLY A 44 -12.66 4.28 24.63
C GLY A 44 -13.28 4.46 23.24
N LEU A 45 -13.52 5.72 22.87
CA LEU A 45 -14.09 6.06 21.58
C LEU A 45 -12.96 6.24 20.56
N ALA A 46 -12.64 5.13 19.90
CA ALA A 46 -11.60 5.06 18.88
C ALA A 46 -10.35 5.82 19.21
N PHE A 47 -9.77 5.49 20.37
CA PHE A 47 -8.56 6.05 20.92
C PHE A 47 -8.63 7.48 21.44
N GLY A 48 -9.69 8.22 21.13
CA GLY A 48 -9.78 9.60 21.64
C GLY A 48 -8.60 10.52 21.34
N GLY A 49 -8.25 11.38 22.32
CA GLY A 49 -7.16 12.33 22.16
C GLY A 49 -7.67 13.74 22.56
N ASN A 50 -6.85 14.75 22.42
CA ASN A 50 -7.27 16.11 22.83
C ASN A 50 -8.63 16.58 22.29
N LYS A 51 -8.96 16.26 21.04
CA LYS A 51 -10.23 16.71 20.46
C LYS A 51 -11.43 16.22 21.22
N THR A 52 -11.30 15.01 21.75
CA THR A 52 -12.39 14.42 22.49
C THR A 52 -12.62 15.20 23.80
N ARG A 53 -11.56 15.74 24.40
CA ARG A 53 -11.77 16.52 25.62
C ARG A 53 -12.52 17.81 25.19
N LYS A 54 -12.09 18.42 24.08
CA LYS A 54 -12.76 19.63 23.57
C LYS A 54 -14.24 19.33 23.36
N LEU A 55 -14.54 18.25 22.66
CA LEU A 55 -15.91 17.87 22.34
C LEU A 55 -16.86 17.70 23.53
N GLU A 56 -16.34 17.36 24.71
CA GLU A 56 -17.24 17.20 25.84
C GLU A 56 -18.06 18.48 26.09
N TYR A 57 -17.47 19.64 25.80
CA TYR A 57 -18.17 20.91 26.00
C TYR A 57 -18.99 21.38 24.82
N LEU A 58 -18.94 20.64 23.71
CA LEU A 58 -19.72 21.00 22.53
C LEU A 58 -20.97 20.17 22.39
N ILE A 59 -20.88 18.88 22.73
CA ILE A 59 -22.03 17.99 22.58
C ILE A 59 -23.30 18.44 23.31
N PRO A 60 -23.17 19.04 24.50
CA PRO A 60 -24.40 19.46 25.18
C PRO A 60 -25.19 20.44 24.30
N GLU A 61 -24.52 21.43 23.74
CA GLU A 61 -25.19 22.40 22.87
C GLU A 61 -25.81 21.67 21.68
N ALA A 62 -25.01 20.85 21.00
CA ALA A 62 -25.49 20.09 19.86
C ALA A 62 -26.76 19.33 20.22
N LEU A 63 -26.77 18.75 21.41
CA LEU A 63 -27.94 17.99 21.88
C LEU A 63 -29.07 18.96 22.24
N ALA A 64 -28.71 20.05 22.91
CA ALA A 64 -29.68 21.07 23.31
C ALA A 64 -30.39 21.64 22.08
N GLN A 65 -29.62 21.92 21.02
CA GLN A 65 -30.17 22.47 19.80
C GLN A 65 -30.92 21.42 18.98
N GLY A 66 -31.01 20.20 19.51
CA GLY A 66 -31.72 19.13 18.79
C GLY A 66 -31.08 18.63 17.50
N CYS A 67 -29.79 18.86 17.31
CA CYS A 67 -29.11 18.40 16.09
C CYS A 67 -29.04 16.86 16.03
N ASP A 68 -29.10 16.29 14.83
CA ASP A 68 -29.04 14.82 14.69
C ASP A 68 -27.81 14.34 13.91
N THR A 69 -26.96 15.28 13.50
CA THR A 69 -25.78 14.94 12.71
C THR A 69 -24.62 15.82 13.11
N LEU A 70 -23.45 15.22 13.24
CA LEU A 70 -22.28 16.00 13.56
C LEU A 70 -21.54 16.14 12.25
N VAL A 71 -21.17 17.37 11.91
CA VAL A 71 -20.44 17.62 10.66
C VAL A 71 -19.13 18.32 10.94
N SER A 72 -18.04 17.74 10.44
CA SER A 72 -16.76 18.37 10.71
C SER A 72 -15.83 18.27 9.51
N ILE A 73 -14.58 18.63 9.70
CA ILE A 73 -13.68 18.68 8.56
C ILE A 73 -12.26 18.64 9.03
N GLY A 74 -11.37 18.25 8.12
CA GLY A 74 -9.95 18.22 8.41
C GLY A 74 -9.19 17.54 7.28
N GLY A 75 -7.89 17.42 7.40
CA GLY A 75 -7.11 16.73 6.39
C GLY A 75 -7.41 15.23 6.30
N ILE A 76 -6.71 14.56 5.40
CA ILE A 76 -6.93 13.13 5.18
C ILE A 76 -6.71 12.31 6.46
N GLN A 77 -5.61 12.58 7.16
CA GLN A 77 -5.30 11.84 8.39
C GLN A 77 -5.68 12.61 9.64
N SER A 78 -6.70 13.47 9.51
CA SER A 78 -7.18 14.26 10.64
C SER A 78 -7.61 13.40 11.84
N ASN A 79 -7.17 13.77 13.02
CA ASN A 79 -7.54 13.04 14.23
C ASN A 79 -8.92 13.51 14.62
N GLN A 80 -9.14 14.81 14.43
CA GLN A 80 -10.41 15.44 14.73
C GLN A 80 -11.60 14.72 14.17
N THR A 81 -11.62 14.52 12.85
CA THR A 81 -12.75 13.89 12.20
C THR A 81 -13.01 12.48 12.68
N ARG A 82 -11.94 11.75 12.98
CA ARG A 82 -12.08 10.38 13.47
C ARG A 82 -12.79 10.43 14.84
N GLN A 83 -12.35 11.34 15.71
CA GLN A 83 -12.99 11.47 17.04
C GLN A 83 -14.43 11.92 16.91
N VAL A 84 -14.71 12.78 15.92
CA VAL A 84 -16.09 13.23 15.68
C VAL A 84 -16.92 12.03 15.24
N ALA A 85 -16.35 11.20 14.38
CA ALA A 85 -17.08 10.04 13.92
C ALA A 85 -17.40 9.07 15.06
N ALA A 86 -16.45 8.87 15.97
CA ALA A 86 -16.66 7.94 17.08
C ALA A 86 -17.68 8.53 18.06
N VAL A 87 -17.50 9.80 18.40
CA VAL A 87 -18.42 10.47 19.32
C VAL A 87 -19.84 10.46 18.75
N ALA A 88 -19.96 10.63 17.44
CA ALA A 88 -21.28 10.62 16.82
C ALA A 88 -21.94 9.26 16.95
N ALA A 89 -21.21 8.22 16.55
CA ALA A 89 -21.72 6.85 16.67
C ALA A 89 -22.17 6.60 18.13
N HIS A 90 -21.33 6.98 19.08
CA HIS A 90 -21.64 6.77 20.47
C HIS A 90 -22.94 7.48 20.89
N LEU A 91 -23.12 8.70 20.40
CA LEU A 91 -24.31 9.48 20.73
C LEU A 91 -25.55 9.11 19.89
N GLY A 92 -25.43 8.19 18.94
CA GLY A 92 -26.59 7.86 18.12
C GLY A 92 -26.86 8.91 17.05
N MET A 93 -25.84 9.69 16.70
CA MET A 93 -25.95 10.73 15.68
C MET A 93 -25.28 10.33 14.36
N LYS A 94 -25.70 10.95 13.28
CA LYS A 94 -25.09 10.67 12.00
C LYS A 94 -23.86 11.54 11.94
N CYS A 95 -23.04 11.32 10.92
CA CYS A 95 -21.82 12.09 10.82
C CYS A 95 -21.44 12.31 9.38
N VAL A 96 -20.99 13.52 9.08
CA VAL A 96 -20.53 13.85 7.71
C VAL A 96 -19.19 14.51 7.93
N LEU A 97 -18.20 14.08 7.16
CA LEU A 97 -16.86 14.61 7.28
C LEU A 97 -16.39 15.02 5.91
N VAL A 98 -15.81 16.22 5.86
CA VAL A 98 -15.27 16.80 4.67
C VAL A 98 -13.78 16.65 4.87
N GLN A 99 -13.11 15.87 4.03
CA GLN A 99 -11.67 15.67 4.19
C GLN A 99 -10.99 16.24 3.00
N GLU A 100 -9.97 17.03 3.26
CA GLU A 100 -9.24 17.66 2.19
C GLU A 100 -7.79 17.25 2.23
N ASN A 101 -7.11 17.41 1.10
CA ASN A 101 -5.70 17.10 1.00
C ASN A 101 -4.99 18.30 1.54
N TRP A 102 -4.72 18.32 2.84
CA TRP A 102 -4.06 19.46 3.47
C TRP A 102 -2.58 19.27 3.54
N VAL A 103 -2.09 18.14 3.04
CA VAL A 103 -0.67 17.90 3.14
C VAL A 103 -0.08 17.56 1.80
N ASN A 104 1.12 18.04 1.54
CA ASN A 104 1.80 17.75 0.27
C ASN A 104 2.49 16.43 0.52
N TYR A 105 1.69 15.37 0.58
CA TYR A 105 2.17 14.03 0.86
C TYR A 105 1.30 13.13 -0.01
N SER A 106 1.86 12.09 -0.60
CA SER A 106 1.05 11.24 -1.48
C SER A 106 1.25 9.74 -1.35
N ASP A 107 1.20 9.24 -0.13
CA ASP A 107 1.40 7.83 0.15
C ASP A 107 0.29 6.93 -0.42
N ALA A 108 0.69 5.75 -0.92
CA ALA A 108 -0.28 4.82 -1.49
C ALA A 108 -1.52 4.50 -0.67
N VAL A 109 -1.41 4.44 0.66
CA VAL A 109 -2.58 4.09 1.44
C VAL A 109 -3.01 5.23 2.36
N TYR A 110 -2.57 6.44 2.03
CA TYR A 110 -2.84 7.63 2.86
C TYR A 110 -4.31 7.80 3.20
N ASP A 111 -5.19 7.51 2.26
CA ASP A 111 -6.62 7.67 2.49
C ASP A 111 -7.35 6.40 2.84
N ARG A 112 -6.61 5.40 3.33
CA ARG A 112 -7.24 4.13 3.63
C ARG A 112 -6.77 3.41 4.88
N VAL A 113 -5.90 4.06 5.64
CA VAL A 113 -5.43 3.46 6.89
C VAL A 113 -5.58 4.52 7.97
N GLY A 114 -5.20 4.17 9.19
CA GLY A 114 -5.25 5.12 10.26
C GLY A 114 -6.59 5.76 10.58
N ASN A 115 -6.52 7.07 10.78
CA ASN A 115 -7.71 7.82 11.15
C ASN A 115 -8.88 7.71 10.22
N ILE A 116 -8.66 7.93 8.92
CA ILE A 116 -9.76 7.91 7.99
C ILE A 116 -10.35 6.51 7.84
N GLN A 117 -9.54 5.48 8.00
CA GLN A 117 -10.08 4.13 7.90
C GLN A 117 -11.11 3.96 9.03
N MET A 118 -10.72 4.39 10.22
CA MET A 118 -11.64 4.27 11.36
C MET A 118 -12.93 5.06 11.13
N SER A 119 -12.82 6.27 10.61
CA SER A 119 -14.06 7.04 10.37
C SER A 119 -15.02 6.27 9.50
N ARG A 120 -14.52 5.66 8.43
CA ARG A 120 -15.40 4.90 7.54
C ARG A 120 -16.03 3.71 8.23
N ILE A 121 -15.24 3.00 9.03
CA ILE A 121 -15.78 1.86 9.77
C ILE A 121 -16.84 2.35 10.77
N LEU A 122 -16.58 3.50 11.39
CA LEU A 122 -17.49 4.10 12.38
C LEU A 122 -18.80 4.61 11.77
N GLY A 123 -18.94 4.41 10.46
CA GLY A 123 -20.14 4.82 9.79
C GLY A 123 -20.26 6.24 9.26
N ALA A 124 -19.23 7.08 9.39
CA ALA A 124 -19.33 8.45 8.86
C ALA A 124 -19.42 8.46 7.34
N ASP A 125 -19.99 9.53 6.79
CA ASP A 125 -20.07 9.73 5.34
C ASP A 125 -18.82 10.57 5.13
N VAL A 126 -17.78 9.91 4.64
CA VAL A 126 -16.47 10.53 4.44
C VAL A 126 -16.34 11.05 3.03
N ARG A 127 -16.33 12.38 2.91
CA ARG A 127 -16.25 13.02 1.60
C ARG A 127 -14.90 13.61 1.28
N LEU A 128 -14.29 13.09 0.23
CA LEU A 128 -12.98 13.55 -0.20
C LEU A 128 -13.10 14.65 -1.25
N VAL A 129 -12.76 15.88 -0.88
CA VAL A 129 -12.84 17.03 -1.79
C VAL A 129 -12.06 16.75 -3.07
N PRO A 130 -12.76 16.73 -4.22
CA PRO A 130 -12.24 16.47 -5.56
C PRO A 130 -10.92 15.67 -5.64
N ASP A 131 -10.03 16.14 -6.52
CA ASP A 131 -8.71 15.55 -6.73
C ASP A 131 -8.60 14.03 -6.61
N ARG A 139 -18.28 25.06 -2.44
CA ARG A 139 -17.92 24.90 -1.03
C ARG A 139 -18.28 23.54 -0.47
N SER A 140 -17.26 22.73 -0.23
CA SER A 140 -17.43 21.39 0.32
C SER A 140 -18.16 21.45 1.65
N TRP A 141 -17.72 22.38 2.49
CA TRP A 141 -18.29 22.58 3.82
C TRP A 141 -19.78 22.93 3.80
N GLU A 142 -20.17 23.89 2.95
CA GLU A 142 -21.58 24.28 2.84
C GLU A 142 -22.43 23.18 2.22
N ASP A 143 -21.90 22.51 1.19
CA ASP A 143 -22.67 21.43 0.58
C ASP A 143 -22.94 20.37 1.66
N ALA A 144 -21.93 20.10 2.47
CA ALA A 144 -22.05 19.12 3.53
C ALA A 144 -23.19 19.49 4.46
N LEU A 145 -23.13 20.68 5.03
CA LEU A 145 -24.17 21.12 5.94
C LEU A 145 -25.55 21.12 5.28
N GLU A 146 -25.61 21.60 4.05
CA GLU A 146 -26.88 21.66 3.34
C GLU A 146 -27.41 20.29 3.01
N SER A 147 -26.51 19.37 2.63
CA SER A 147 -26.97 18.02 2.30
C SER A 147 -27.72 17.42 3.47
N VAL A 148 -27.29 17.75 4.69
CA VAL A 148 -27.93 17.23 5.91
C VAL A 148 -29.31 17.83 6.08
N ARG A 149 -29.45 19.13 5.82
CA ARG A 149 -30.74 19.79 5.95
C ARG A 149 -31.66 19.22 4.87
N ALA A 150 -31.16 19.24 3.63
CA ALA A 150 -31.94 18.73 2.50
C ALA A 150 -32.44 17.32 2.77
N ALA A 151 -31.69 16.55 3.54
CA ALA A 151 -32.08 15.18 3.85
C ALA A 151 -33.08 15.11 4.99
N GLY A 152 -33.24 16.21 5.72
CA GLY A 152 -34.19 16.20 6.82
C GLY A 152 -33.54 16.25 8.19
N GLY A 153 -32.21 16.27 8.23
CA GLY A 153 -31.52 16.31 9.51
C GLY A 153 -31.18 17.73 9.94
N LYS A 154 -30.50 17.85 11.08
CA LYS A 154 -30.08 19.14 11.58
C LYS A 154 -28.62 18.95 11.94
N PRO A 155 -27.73 19.62 11.22
CA PRO A 155 -26.30 19.49 11.49
C PRO A 155 -25.77 20.39 12.57
N TYR A 156 -24.83 19.87 13.35
CA TYR A 156 -24.17 20.67 14.36
C TYR A 156 -22.80 20.80 13.72
N ALA A 157 -22.41 22.03 13.40
CA ALA A 157 -21.15 22.24 12.74
C ALA A 157 -19.95 22.30 13.65
N ILE A 158 -18.97 21.45 13.39
CA ILE A 158 -17.77 21.46 14.20
C ILE A 158 -16.60 21.87 13.32
N PRO A 159 -16.12 23.11 13.49
CA PRO A 159 -14.98 23.66 12.72
C PRO A 159 -13.69 22.87 12.89
N ALA A 160 -12.74 23.13 12.00
CA ALA A 160 -11.48 22.43 12.09
C ALA A 160 -10.95 22.42 13.54
N GLY A 161 -10.48 21.25 13.96
CA GLY A 161 -9.92 21.06 15.29
C GLY A 161 -10.81 21.42 16.47
N CYS A 162 -12.03 21.85 16.21
CA CYS A 162 -12.92 22.27 17.28
C CYS A 162 -12.46 23.62 17.82
N SER A 163 -11.44 24.21 17.23
CA SER A 163 -10.88 25.45 17.74
C SER A 163 -11.67 26.76 17.60
N ASP A 164 -11.91 27.21 16.37
CA ASP A 164 -12.64 28.46 16.17
C ASP A 164 -14.13 28.27 16.41
N HIS A 165 -14.51 27.98 17.64
CA HIS A 165 -15.90 27.76 18.02
C HIS A 165 -16.04 28.43 19.38
N PRO A 166 -17.23 29.00 19.67
CA PRO A 166 -17.36 29.65 20.98
C PRO A 166 -16.97 28.77 22.18
N LEU A 167 -17.29 27.47 22.10
CA LEU A 167 -17.02 26.51 23.18
C LEU A 167 -15.72 25.69 23.07
N GLY A 168 -15.05 25.78 21.94
CA GLY A 168 -13.84 25.00 21.71
C GLY A 168 -12.63 25.22 22.61
N GLY A 169 -12.66 26.22 23.49
CA GLY A 169 -11.51 26.46 24.35
C GLY A 169 -11.74 25.99 25.77
N LEU A 170 -12.97 25.60 26.05
CA LEU A 170 -13.35 25.16 27.38
C LEU A 170 -12.65 23.89 27.83
N GLY A 171 -12.69 22.88 26.96
CA GLY A 171 -12.07 21.60 27.28
C GLY A 171 -10.73 21.79 27.94
N PHE A 172 -9.84 22.54 27.31
CA PHE A 172 -8.55 22.71 27.93
C PHE A 172 -8.37 23.72 29.05
N VAL A 173 -9.45 24.37 29.47
CA VAL A 173 -9.32 25.23 30.64
C VAL A 173 -9.41 24.21 31.77
N GLY A 174 -10.33 23.26 31.61
CA GLY A 174 -10.53 22.20 32.57
C GLY A 174 -9.30 21.32 32.71
N PHE A 175 -8.47 21.29 31.66
CA PHE A 175 -7.23 20.53 31.70
C PHE A 175 -6.35 21.15 32.79
N ALA A 176 -6.30 22.49 32.83
CA ALA A 176 -5.49 23.20 33.84
C ALA A 176 -6.04 22.93 35.23
N GLU A 177 -7.36 22.80 35.30
CA GLU A 177 -8.09 22.55 36.54
C GLU A 177 -7.73 21.15 37.02
N GLU A 178 -7.60 20.24 36.05
CA GLU A 178 -7.26 18.87 36.33
C GLU A 178 -5.85 18.84 36.84
N VAL A 179 -4.96 19.55 36.16
CA VAL A 179 -3.57 19.57 36.56
C VAL A 179 -3.35 20.15 37.97
N ARG A 180 -4.16 21.12 38.37
CA ARG A 180 -4.01 21.72 39.70
C ARG A 180 -4.34 20.71 40.80
N ALA A 181 -5.41 19.96 40.60
CA ALA A 181 -5.85 18.94 41.54
C ALA A 181 -4.85 17.77 41.64
N GLN A 182 -4.11 17.52 40.56
CA GLN A 182 -3.14 16.44 40.56
C GLN A 182 -1.87 16.98 41.23
N GLU A 183 -1.59 18.25 41.01
CA GLU A 183 -0.42 18.85 41.62
C GLU A 183 -0.64 18.86 43.14
N ALA A 184 -1.90 18.93 43.53
CA ALA A 184 -2.26 18.91 44.94
C ALA A 184 -1.79 17.61 45.56
N GLU A 185 -2.05 16.49 44.88
CA GLU A 185 -1.63 15.20 45.39
C GLU A 185 -0.13 14.99 45.17
N LEU A 186 0.44 15.75 44.25
CA LEU A 186 1.85 15.62 43.94
C LEU A 186 2.69 16.45 44.90
N GLY A 187 2.06 17.41 45.56
CA GLY A 187 2.80 18.24 46.48
C GLY A 187 3.73 19.22 45.77
N PHE A 188 3.43 19.56 44.52
CA PHE A 188 4.23 20.53 43.78
C PHE A 188 3.52 20.96 42.50
N LYS A 189 4.03 22.03 41.89
CA LYS A 189 3.46 22.55 40.66
C LYS A 189 4.47 22.39 39.53
N PHE A 190 3.99 21.98 38.37
CA PHE A 190 4.88 21.81 37.23
C PHE A 190 5.37 23.19 36.83
N ASP A 191 6.61 23.29 36.42
CA ASP A 191 7.16 24.58 36.02
C ASP A 191 6.72 24.97 34.62
N TYR A 192 6.46 23.96 33.79
CA TYR A 192 6.04 24.19 32.41
C TYR A 192 5.12 23.11 31.86
N VAL A 193 4.47 23.46 30.75
CA VAL A 193 3.61 22.54 30.02
C VAL A 193 3.96 22.72 28.55
N VAL A 194 4.20 21.61 27.86
CA VAL A 194 4.53 21.68 26.45
C VAL A 194 3.36 21.11 25.69
N VAL A 195 2.87 21.86 24.71
CA VAL A 195 1.72 21.42 23.95
C VAL A 195 1.90 21.73 22.46
N CYS A 196 1.47 20.80 21.62
CA CYS A 196 1.59 21.00 20.18
C CYS A 196 0.42 21.85 19.74
N SER A 197 0.66 22.82 18.86
CA SER A 197 -0.44 23.66 18.43
C SER A 197 -0.56 23.86 16.93
N VAL A 198 -1.80 23.78 16.45
CA VAL A 198 -2.09 23.97 15.04
C VAL A 198 -3.37 24.80 14.91
N THR A 199 -4.54 24.28 15.25
CA THR A 199 -5.70 25.13 15.12
C THR A 199 -5.82 26.04 16.36
N GLY A 200 -5.13 25.69 17.45
CA GLY A 200 -5.09 26.56 18.62
C GLY A 200 -5.95 26.55 19.86
N SER A 201 -7.15 25.98 19.83
CA SER A 201 -7.94 26.04 21.04
C SER A 201 -7.45 25.12 22.15
N THR A 202 -6.45 24.28 21.87
CA THR A 202 -5.95 23.42 22.92
C THR A 202 -5.05 24.31 23.79
N GLN A 203 -4.06 24.93 23.16
CA GLN A 203 -3.17 25.81 23.87
C GLN A 203 -3.93 26.99 24.45
N ALA A 204 -5.02 27.38 23.80
CA ALA A 204 -5.83 28.51 24.28
C ALA A 204 -6.42 28.15 25.63
N GLY A 205 -7.13 27.03 25.68
CA GLY A 205 -7.74 26.58 26.92
C GLY A 205 -6.71 26.53 28.05
N MET A 206 -5.54 25.98 27.74
CA MET A 206 -4.45 25.90 28.71
C MET A 206 -3.96 27.27 29.16
N VAL A 207 -3.86 28.20 28.22
CA VAL A 207 -3.43 29.55 28.53
C VAL A 207 -4.38 30.21 29.51
N VAL A 208 -5.68 30.00 29.30
CA VAL A 208 -6.67 30.58 30.16
C VAL A 208 -6.65 29.86 31.52
N GLY A 209 -6.65 28.52 31.47
CA GLY A 209 -6.62 27.73 32.69
C GLY A 209 -5.47 28.07 33.62
N PHE A 210 -4.28 28.22 33.07
CA PHE A 210 -3.10 28.52 33.87
C PHE A 210 -2.86 30.00 34.18
N ALA A 211 -3.59 30.88 33.47
CA ALA A 211 -3.48 32.31 33.72
C ALA A 211 -3.94 32.45 35.18
N ALA A 212 -5.02 31.75 35.51
CA ALA A 212 -5.60 31.73 36.86
C ALA A 212 -4.52 31.77 37.95
N ASP A 213 -3.59 30.82 37.94
CA ASP A 213 -2.53 30.83 38.93
C ASP A 213 -1.26 31.43 38.34
N GLY A 214 -1.45 32.36 37.41
CA GLY A 214 -0.36 33.07 36.76
C GLY A 214 0.75 32.28 36.06
N ARG A 215 0.38 31.23 35.33
CA ARG A 215 1.39 30.44 34.64
C ARG A 215 1.14 30.35 33.13
N ALA A 216 0.26 31.21 32.63
CA ALA A 216 -0.06 31.19 31.22
C ALA A 216 1.21 31.12 30.36
N ASP A 217 2.17 31.99 30.64
CA ASP A 217 3.40 32.01 29.85
C ASP A 217 4.31 30.82 30.12
N ARG A 218 3.85 29.91 30.97
CA ARG A 218 4.60 28.69 31.29
C ARG A 218 4.14 27.58 30.32
N VAL A 219 2.97 27.77 29.71
CA VAL A 219 2.44 26.82 28.73
C VAL A 219 3.25 27.04 27.46
N ILE A 220 4.21 26.17 27.19
CA ILE A 220 5.05 26.33 26.01
C ILE A 220 4.52 25.63 24.78
N GLY A 221 3.89 26.43 23.91
CA GLY A 221 3.35 25.91 22.69
C GLY A 221 4.44 25.65 21.68
N VAL A 222 4.24 24.58 20.91
CA VAL A 222 5.18 24.20 19.86
C VAL A 222 4.37 24.16 18.57
N ASP A 223 4.70 25.07 17.66
CA ASP A 223 3.98 25.14 16.40
C ASP A 223 4.19 23.95 15.48
N ALA A 224 3.11 23.43 14.94
CA ALA A 224 3.21 22.31 14.00
C ALA A 224 2.51 22.69 12.71
N SER A 225 2.00 23.92 12.64
CA SER A 225 1.29 24.38 11.44
C SER A 225 2.22 24.89 10.36
N ALA A 226 3.41 25.33 10.76
CA ALA A 226 4.37 25.89 9.84
C ALA A 226 3.86 27.26 9.32
N LYS A 227 2.93 27.83 10.06
CA LYS A 227 2.37 29.17 9.80
C LYS A 227 2.23 29.81 11.18
N PRO A 228 3.37 29.97 11.89
CA PRO A 228 3.55 30.55 13.22
C PRO A 228 2.64 31.73 13.50
N ALA A 229 2.74 32.74 12.65
CA ALA A 229 1.95 33.96 12.77
C ALA A 229 0.45 33.74 12.91
N GLN A 230 -0.14 33.03 11.94
CA GLN A 230 -1.57 32.79 11.97
C GLN A 230 -1.99 32.00 13.20
N THR A 231 -1.28 30.91 13.44
CA THR A 231 -1.57 30.06 14.58
C THR A 231 -1.46 30.87 15.87
N ARG A 232 -0.33 31.55 16.05
CA ARG A 232 -0.13 32.38 17.24
C ARG A 232 -1.30 33.34 17.45
N GLU A 233 -1.72 34.00 16.38
CA GLU A 233 -2.83 34.95 16.43
C GLU A 233 -4.12 34.24 16.82
N GLN A 234 -4.36 33.06 16.25
CA GLN A 234 -5.58 32.35 16.57
C GLN A 234 -5.62 31.86 18.02
N ILE A 235 -4.47 31.47 18.54
CA ILE A 235 -4.41 31.01 19.93
C ILE A 235 -4.80 32.25 20.77
N THR A 236 -4.06 33.33 20.58
CA THR A 236 -4.33 34.58 21.30
C THR A 236 -5.81 34.91 21.30
N ARG A 237 -6.42 34.98 20.12
CA ARG A 237 -7.84 35.32 20.02
C ARG A 237 -8.77 34.32 20.70
N ILE A 238 -8.55 33.03 20.47
CA ILE A 238 -9.39 32.02 21.09
C ILE A 238 -9.26 32.13 22.59
N ALA A 239 -8.05 32.40 23.07
CA ALA A 239 -7.82 32.51 24.51
C ALA A 239 -8.66 33.65 25.12
N ARG A 240 -8.51 34.85 24.54
CA ARG A 240 -9.24 36.02 25.06
C ARG A 240 -10.74 35.76 25.12
N GLN A 241 -11.27 35.16 24.06
CA GLN A 241 -12.70 34.84 23.98
C GLN A 241 -13.09 33.86 25.05
N THR A 242 -12.26 32.84 25.25
CA THR A 242 -12.58 31.84 26.24
C THR A 242 -12.44 32.44 27.63
N ALA A 243 -11.40 33.26 27.82
CA ALA A 243 -11.18 33.92 29.10
C ALA A 243 -12.47 34.62 29.49
N GLU A 244 -13.01 35.41 28.57
CA GLU A 244 -14.26 36.11 28.83
C GLU A 244 -15.39 35.13 29.12
N LYS A 245 -15.43 34.02 28.40
CA LYS A 245 -16.49 33.03 28.59
C LYS A 245 -16.47 32.39 29.98
N VAL A 246 -15.31 32.33 30.62
CA VAL A 246 -15.22 31.68 31.92
C VAL A 246 -14.97 32.60 33.11
N GLY A 247 -14.89 33.90 32.86
CA GLY A 247 -14.69 34.84 33.94
C GLY A 247 -13.27 35.00 34.44
N LEU A 248 -12.30 34.81 33.55
CA LEU A 248 -10.91 34.97 33.96
C LEU A 248 -10.74 36.39 34.55
N GLU A 249 -10.42 36.45 35.83
CA GLU A 249 -10.26 37.71 36.55
C GLU A 249 -9.02 38.50 36.12
N ARG A 250 -8.49 38.16 34.95
CA ARG A 250 -7.32 38.84 34.41
C ARG A 250 -7.41 38.77 32.89
N ASP A 251 -6.60 39.57 32.20
CA ASP A 251 -6.63 39.55 30.75
C ASP A 251 -5.46 38.75 30.19
N ILE A 252 -5.63 38.26 28.96
CA ILE A 252 -4.57 37.51 28.31
C ILE A 252 -3.71 38.49 27.52
N MET A 253 -2.46 38.62 27.90
CA MET A 253 -1.54 39.51 27.20
C MET A 253 -0.86 38.72 26.10
N ARG A 254 -0.35 39.41 25.10
CA ARG A 254 0.36 38.75 24.03
C ARG A 254 1.49 37.91 24.62
N ALA A 255 2.11 38.45 25.67
CA ALA A 255 3.19 37.76 26.34
C ALA A 255 2.73 36.47 27.02
N ASP A 256 1.42 36.28 27.14
CA ASP A 256 0.90 35.06 27.75
C ASP A 256 0.87 33.89 26.75
N VAL A 257 0.85 34.20 25.46
CA VAL A 257 0.81 33.18 24.42
C VAL A 257 2.23 32.88 23.95
N VAL A 258 2.72 31.69 24.29
CA VAL A 258 4.07 31.28 23.92
C VAL A 258 3.98 30.22 22.81
N LEU A 259 4.67 30.47 21.70
CA LEU A 259 4.65 29.54 20.57
C LEU A 259 5.99 29.46 19.90
N ASP A 260 6.71 28.37 20.13
CA ASP A 260 8.01 28.18 19.53
C ASP A 260 7.75 27.73 18.10
N GLU A 261 8.48 28.29 17.15
CA GLU A 261 8.28 27.96 15.75
C GLU A 261 9.45 27.18 15.16
N ARG A 262 10.38 26.73 16.00
CA ARG A 262 11.56 26.01 15.50
C ARG A 262 11.37 24.54 15.10
N PHE A 263 10.21 23.97 15.40
CA PHE A 263 10.05 22.56 15.15
C PHE A 263 8.91 22.17 14.24
N ALA A 264 8.33 23.15 13.54
CA ALA A 264 7.20 22.88 12.66
C ALA A 264 7.56 22.41 11.25
N GLY A 265 8.82 22.61 10.83
CA GLY A 265 9.26 22.25 9.48
C GLY A 265 9.14 20.79 9.01
N PRO A 266 9.13 20.58 7.69
CA PRO A 266 9.24 21.64 6.67
C PRO A 266 7.90 22.26 6.37
N GLU A 267 6.84 21.50 6.61
CA GLU A 267 5.47 21.93 6.36
C GLU A 267 4.52 21.19 7.29
N TYR A 268 3.27 21.64 7.33
CA TYR A 268 2.28 20.96 8.13
C TYR A 268 2.17 19.54 7.54
N GLY A 269 2.08 18.54 8.40
CA GLY A 269 1.93 17.17 7.93
C GLY A 269 3.17 16.44 7.48
N LEU A 270 4.31 17.12 7.45
CA LEU A 270 5.54 16.48 7.05
C LEU A 270 6.55 16.56 8.19
N PRO A 271 7.20 15.43 8.54
CA PRO A 271 8.18 15.48 9.62
C PRO A 271 9.55 15.91 9.06
N ASN A 272 10.45 16.35 9.93
CA ASN A 272 11.82 16.65 9.48
C ASN A 272 12.63 15.55 10.17
N GLU A 273 13.95 15.51 9.98
CA GLU A 273 14.73 14.44 10.61
C GLU A 273 14.71 14.51 12.14
N GLY A 274 14.54 15.73 12.68
CA GLY A 274 14.51 15.92 14.12
C GLY A 274 13.25 15.27 14.67
N THR A 275 12.14 15.51 13.97
CA THR A 275 10.85 14.91 14.33
C THR A 275 11.01 13.38 14.45
N LEU A 276 11.63 12.76 13.45
CA LEU A 276 11.78 11.31 13.44
C LEU A 276 12.61 10.79 14.60
N GLU A 277 13.74 11.44 14.86
CA GLU A 277 14.63 11.05 15.93
C GLU A 277 13.90 11.17 17.25
N ALA A 278 13.18 12.27 17.40
CA ALA A 278 12.40 12.53 18.58
C ALA A 278 11.38 11.43 18.81
N ILE A 279 10.65 11.05 17.76
CA ILE A 279 9.66 10.00 17.90
C ILE A 279 10.35 8.71 18.38
N ARG A 280 11.47 8.37 17.76
CA ARG A 280 12.18 7.14 18.11
C ARG A 280 12.79 7.18 19.52
N LEU A 281 13.42 8.30 19.86
CA LEU A 281 14.07 8.43 21.15
C LEU A 281 13.06 8.20 22.27
N CYS A 282 11.95 8.92 22.17
CA CYS A 282 10.92 8.82 23.16
C CYS A 282 10.25 7.44 23.19
N ALA A 283 10.01 6.86 22.03
CA ALA A 283 9.35 5.57 22.01
C ALA A 283 10.29 4.52 22.60
N ARG A 284 11.58 4.69 22.35
CA ARG A 284 12.55 3.70 22.80
C ARG A 284 12.94 3.82 24.26
N THR A 285 12.78 5.01 24.83
CA THR A 285 13.13 5.23 26.21
C THR A 285 11.92 5.10 27.12
N GLU A 286 10.73 5.28 26.57
CA GLU A 286 9.53 5.24 27.40
C GLU A 286 8.41 4.31 26.98
N GLY A 287 8.46 3.81 25.75
CA GLY A 287 7.39 2.93 25.29
C GLY A 287 6.19 3.77 24.95
N MET A 288 6.42 5.07 24.74
CA MET A 288 5.34 6.03 24.41
C MET A 288 5.53 6.58 22.97
N LEU A 289 4.57 6.28 22.12
CA LEU A 289 4.63 6.68 20.72
C LEU A 289 4.07 8.07 20.46
N THR A 290 4.60 8.74 19.43
CA THR A 290 4.13 10.05 18.98
C THR A 290 4.11 10.01 17.45
N ASP A 291 3.36 10.91 16.81
CA ASP A 291 3.23 10.90 15.35
C ASP A 291 4.11 11.90 14.61
N PRO A 292 4.28 11.73 13.28
CA PRO A 292 5.12 12.68 12.54
C PRO A 292 4.49 14.02 12.17
N VAL A 293 3.19 14.18 12.41
CA VAL A 293 2.50 15.43 12.09
C VAL A 293 2.38 16.40 13.28
N TYR A 294 2.02 15.86 14.44
CA TYR A 294 1.78 16.68 15.63
C TYR A 294 2.67 16.44 16.85
N GLU A 295 2.42 15.35 17.57
CA GLU A 295 3.16 15.10 18.81
C GLU A 295 4.65 14.91 18.67
N GLY A 296 5.07 14.34 17.55
CA GLY A 296 6.48 14.13 17.35
C GLY A 296 7.21 15.44 17.26
N LYS A 297 6.48 16.47 16.82
CA LYS A 297 7.05 17.79 16.66
C LYS A 297 7.17 18.49 18.03
N SER A 298 6.16 18.33 18.88
CA SER A 298 6.21 18.94 20.21
C SER A 298 7.19 18.15 21.08
N MET A 299 7.31 16.85 20.82
CA MET A 299 8.24 16.01 21.57
C MET A 299 9.63 16.46 21.16
N HIS A 300 9.78 16.75 19.87
CA HIS A 300 11.06 17.21 19.34
C HIS A 300 11.42 18.54 20.00
N GLY A 301 10.41 19.39 20.15
CA GLY A 301 10.64 20.68 20.78
C GLY A 301 11.16 20.50 22.19
N MET A 302 10.41 19.76 23.00
CA MET A 302 10.81 19.54 24.37
C MET A 302 12.22 18.96 24.55
N ILE A 303 12.57 17.93 23.79
CA ILE A 303 13.89 17.32 23.91
C ILE A 303 14.99 18.32 23.58
N GLU A 304 14.78 19.08 22.51
CA GLU A 304 15.73 20.08 22.08
C GLU A 304 15.85 21.16 23.15
N MET A 305 14.73 21.60 23.69
CA MET A 305 14.74 22.62 24.73
C MET A 305 15.63 22.12 25.86
N VAL A 306 15.32 20.94 26.38
CA VAL A 306 16.11 20.36 27.45
C VAL A 306 17.56 20.30 27.01
N ARG A 307 17.80 19.78 25.81
CA ARG A 307 19.16 19.64 25.30
C ARG A 307 19.91 20.97 25.23
N ASN A 308 19.19 22.04 24.90
CA ASN A 308 19.79 23.37 24.79
C ASN A 308 19.96 24.05 26.14
N GLY A 309 19.48 23.39 27.19
CA GLY A 309 19.57 23.94 28.52
C GLY A 309 18.64 25.12 28.68
N GLU A 310 17.56 25.14 27.89
CA GLU A 310 16.60 26.22 27.95
C GLU A 310 15.64 26.09 29.12
N PHE A 311 15.60 24.93 29.75
CA PHE A 311 14.76 24.74 30.92
C PHE A 311 15.67 24.91 32.13
N PRO A 312 15.21 25.63 33.18
CA PRO A 312 16.06 25.81 34.37
C PRO A 312 16.32 24.47 35.04
N GLU A 313 17.58 24.18 35.33
CA GLU A 313 17.91 22.91 35.98
C GLU A 313 16.96 22.71 37.15
N GLY A 314 16.36 21.53 37.23
CA GLY A 314 15.43 21.28 38.30
C GLY A 314 13.99 21.50 37.90
N SER A 315 13.77 22.13 36.75
CA SER A 315 12.40 22.38 36.28
C SER A 315 11.62 21.07 36.12
N ARG A 316 10.31 21.15 36.30
CA ARG A 316 9.44 20.00 36.11
C ARG A 316 8.55 20.38 34.91
N VAL A 317 8.71 19.66 33.80
CA VAL A 317 7.95 19.96 32.56
C VAL A 317 6.87 18.93 32.23
N LEU A 318 5.65 19.39 32.07
CA LEU A 318 4.55 18.49 31.77
C LEU A 318 4.24 18.47 30.27
N TYR A 319 4.59 17.36 29.62
CA TYR A 319 4.31 17.19 28.19
C TYR A 319 2.89 16.74 28.00
N ALA A 320 2.11 17.49 27.22
CA ALA A 320 0.71 17.10 26.99
C ALA A 320 0.68 16.22 25.76
N HIS A 321 0.41 14.94 25.93
CA HIS A 321 0.35 14.07 24.76
C HIS A 321 -1.07 14.11 24.28
N LEU A 322 -1.28 14.79 23.15
CA LEU A 322 -2.62 15.00 22.61
C LEU A 322 -3.26 13.88 21.79
N GLY A 323 -2.47 12.85 21.44
CA GLY A 323 -2.98 11.72 20.66
C GLY A 323 -2.28 11.68 19.34
N GLY A 324 -3.00 11.33 18.27
CA GLY A 324 -2.43 11.36 16.93
C GLY A 324 -1.68 10.17 16.39
N VAL A 325 -1.43 9.17 17.25
CA VAL A 325 -0.66 7.99 16.86
C VAL A 325 -1.18 7.19 15.66
N PRO A 326 -2.50 7.01 15.53
CA PRO A 326 -2.93 6.22 14.37
C PRO A 326 -2.44 6.74 13.02
N ALA A 327 -2.09 8.03 12.93
CA ALA A 327 -1.64 8.59 11.66
C ALA A 327 -0.31 8.02 11.23
N LEU A 328 0.37 7.35 12.15
CA LEU A 328 1.66 6.75 11.84
C LEU A 328 1.49 5.83 10.61
N ASN A 329 0.34 5.18 10.54
CA ASN A 329 0.04 4.25 9.47
C ASN A 329 0.15 4.86 8.09
N GLY A 330 0.01 6.20 8.01
CA GLY A 330 0.11 6.86 6.72
C GLY A 330 1.52 7.20 6.30
N TYR A 331 2.49 6.93 7.17
CA TYR A 331 3.90 7.22 6.88
C TYR A 331 4.71 5.94 7.06
N SER A 332 4.13 4.83 6.63
CA SER A 332 4.79 3.54 6.79
C SER A 332 6.19 3.38 6.19
N PHE A 333 6.49 4.04 5.07
CA PHE A 333 7.79 3.85 4.42
C PHE A 333 8.98 4.42 5.21
N ILE A 334 8.73 5.54 5.87
CA ILE A 334 9.71 6.24 6.70
C ILE A 334 10.14 5.39 7.88
N PHE A 335 9.22 4.59 8.40
CA PHE A 335 9.51 3.75 9.56
C PHE A 335 9.66 2.25 9.23
N ARG A 336 9.86 1.92 7.95
CA ARG A 336 9.95 0.53 7.52
C ARG A 336 11.01 -0.26 8.27
N ASP A 337 12.08 0.42 8.68
CA ASP A 337 13.16 -0.21 9.43
C ASP A 337 13.28 0.40 10.81
N GLY A 338 12.24 1.08 11.28
CA GLY A 338 12.32 1.68 12.60
C GLY A 338 12.17 3.20 12.52
N MET B 1 -8.51 -19.52 47.04
CA MET B 1 -7.24 -19.31 46.27
C MET B 1 -6.49 -18.07 46.75
N ASN B 2 -5.30 -17.87 46.20
CA ASN B 2 -4.47 -16.74 46.58
C ASN B 2 -3.53 -16.28 45.47
N LEU B 3 -3.93 -15.20 44.80
CA LEU B 3 -3.16 -14.61 43.71
C LEU B 3 -2.11 -13.64 44.28
N GLN B 4 -2.50 -12.94 45.34
CA GLN B 4 -1.66 -11.95 46.01
C GLN B 4 -0.25 -12.40 46.31
N ARG B 5 -0.04 -13.71 46.36
CA ARG B 5 1.30 -14.25 46.63
C ARG B 5 2.26 -13.85 45.52
N PHE B 6 1.77 -13.80 44.29
CA PHE B 6 2.63 -13.45 43.15
C PHE B 6 2.67 -11.95 42.89
N PRO B 7 3.88 -11.41 42.74
CA PRO B 7 4.07 -9.99 42.50
C PRO B 7 3.59 -9.59 41.13
N ARG B 8 3.16 -8.33 41.01
CA ARG B 8 2.63 -7.80 39.77
C ARG B 8 3.33 -6.50 39.42
N TYR B 9 3.96 -6.44 38.26
CA TYR B 9 4.64 -5.23 37.88
C TYR B 9 3.61 -4.38 37.14
N PRO B 10 3.34 -3.17 37.63
CA PRO B 10 2.37 -2.26 37.03
C PRO B 10 2.73 -1.83 35.61
N LEU B 11 1.91 -2.24 34.64
CA LEU B 11 2.13 -1.88 33.24
C LEU B 11 0.87 -1.23 32.70
N THR B 12 -0.13 -1.13 33.57
CA THR B 12 -1.41 -0.58 33.20
C THR B 12 -1.75 0.60 34.07
N PHE B 13 -2.80 1.34 33.69
CA PHE B 13 -3.24 2.50 34.47
C PHE B 13 -3.95 2.04 35.75
N GLY B 14 -4.39 0.79 35.76
CA GLY B 14 -5.09 0.26 36.91
C GLY B 14 -6.30 -0.52 36.45
N PRO B 15 -7.30 -0.71 37.31
CA PRO B 15 -8.47 -1.48 36.85
C PRO B 15 -9.11 -0.87 35.61
N THR B 16 -9.49 -1.73 34.68
CA THR B 16 -10.08 -1.31 33.44
C THR B 16 -11.58 -1.06 33.59
N PRO B 17 -12.06 0.05 32.99
CA PRO B 17 -13.48 0.40 33.07
C PRO B 17 -14.44 -0.56 32.39
N ILE B 18 -15.65 -0.59 32.92
CA ILE B 18 -16.72 -1.40 32.37
C ILE B 18 -17.75 -0.37 31.84
N GLN B 19 -18.14 -0.48 30.58
CA GLN B 19 -19.09 0.45 30.00
C GLN B 19 -20.34 -0.24 29.48
N PRO B 20 -21.48 0.45 29.54
CA PRO B 20 -22.73 -0.12 29.05
C PRO B 20 -22.70 -0.03 27.53
N LEU B 21 -23.31 -0.99 26.84
CA LEU B 21 -23.40 -0.97 25.37
C LEU B 21 -24.91 -0.91 25.13
N ALA B 22 -25.50 0.16 25.64
CA ALA B 22 -26.92 0.41 25.54
C ALA B 22 -27.47 0.48 24.12
N ARG B 23 -26.78 1.20 23.24
CA ARG B 23 -27.26 1.33 21.86
C ARG B 23 -27.28 -0.03 21.20
N LEU B 24 -26.15 -0.74 21.27
CA LEU B 24 -26.12 -2.06 20.66
C LEU B 24 -27.16 -2.99 21.31
N SER B 25 -27.23 -2.96 22.63
CA SER B 25 -28.19 -3.84 23.31
C SER B 25 -29.59 -3.54 22.78
N LYS B 26 -29.95 -2.26 22.75
CA LYS B 26 -31.27 -1.86 22.27
C LYS B 26 -31.48 -2.29 20.83
N HIS B 27 -30.46 -2.09 20.01
CA HIS B 27 -30.53 -2.44 18.60
C HIS B 27 -30.86 -3.90 18.41
N LEU B 28 -30.31 -4.75 19.29
CA LEU B 28 -30.53 -6.19 19.20
C LEU B 28 -31.81 -6.71 19.89
N GLY B 29 -32.57 -5.83 20.55
CA GLY B 29 -33.79 -6.30 21.16
C GLY B 29 -34.09 -5.85 22.57
N GLY B 30 -33.11 -5.25 23.24
CA GLY B 30 -33.32 -4.78 24.60
C GLY B 30 -33.56 -5.91 25.58
N LYS B 31 -33.42 -7.16 25.12
CA LYS B 31 -33.65 -8.31 25.97
C LYS B 31 -32.43 -8.74 26.77
N VAL B 32 -31.25 -8.47 26.23
CA VAL B 32 -30.00 -8.82 26.86
C VAL B 32 -29.21 -7.54 27.08
N HIS B 33 -28.71 -7.34 28.29
CA HIS B 33 -27.94 -6.15 28.64
C HIS B 33 -26.45 -6.38 28.39
N LEU B 34 -25.90 -5.64 27.42
CA LEU B 34 -24.49 -5.77 27.06
C LEU B 34 -23.58 -4.67 27.62
N TYR B 35 -22.42 -5.10 28.10
CA TYR B 35 -21.41 -4.23 28.67
C TYR B 35 -20.05 -4.58 28.06
N ALA B 36 -19.07 -3.74 28.26
CA ALA B 36 -17.74 -4.03 27.74
C ALA B 36 -16.70 -3.60 28.76
N LYS B 37 -15.78 -4.49 29.08
CA LYS B 37 -14.71 -4.17 30.00
C LYS B 37 -13.54 -3.89 29.06
N ARG B 38 -13.03 -2.68 29.15
CA ARG B 38 -12.00 -2.22 28.23
C ARG B 38 -10.56 -2.56 28.53
N GLU B 39 -10.18 -3.81 28.26
CA GLU B 39 -8.79 -4.20 28.46
C GLU B 39 -8.00 -3.46 27.35
N ASP B 40 -8.68 -3.16 26.25
CA ASP B 40 -8.04 -2.45 25.14
C ASP B 40 -7.57 -1.03 25.47
N CYS B 41 -7.97 -0.50 26.62
CA CYS B 41 -7.55 0.86 27.02
C CYS B 41 -6.79 0.82 28.36
N ASN B 42 -6.13 -0.28 28.65
CA ASN B 42 -5.44 -0.42 29.94
C ASN B 42 -4.06 0.16 30.11
N SER B 43 -3.47 0.70 29.06
CA SER B 43 -2.10 1.17 29.22
C SER B 43 -1.63 2.26 28.26
N GLY B 44 -0.63 3.02 28.70
CA GLY B 44 -0.06 4.06 27.88
C GLY B 44 1.05 3.50 26.99
N LEU B 45 1.31 2.20 27.12
CA LEU B 45 2.37 1.53 26.36
C LEU B 45 1.83 0.98 25.04
N ALA B 46 1.93 1.81 24.00
CA ALA B 46 1.49 1.51 22.63
C ALA B 46 0.16 0.79 22.52
N PHE B 47 -0.83 1.32 23.24
CA PHE B 47 -2.21 0.82 23.26
C PHE B 47 -2.54 -0.37 24.13
N GLY B 48 -1.52 -1.03 24.66
CA GLY B 48 -1.81 -2.15 25.54
C GLY B 48 -2.76 -3.22 25.01
N GLY B 49 -3.60 -3.73 25.92
CA GLY B 49 -4.54 -4.78 25.59
C GLY B 49 -4.35 -5.94 26.58
N ASN B 50 -5.08 -7.03 26.37
CA ASN B 50 -5.03 -8.19 27.27
C ASN B 50 -3.63 -8.74 27.55
N LYS B 51 -2.75 -8.71 26.56
CA LYS B 51 -1.39 -9.22 26.71
C LYS B 51 -0.62 -8.46 27.76
N THR B 52 -0.93 -7.17 27.85
CA THR B 52 -0.30 -6.31 28.81
C THR B 52 -0.73 -6.68 30.24
N ARG B 53 -1.97 -7.14 30.41
CA ARG B 53 -2.40 -7.50 31.75
C ARG B 53 -1.61 -8.77 32.13
N LYS B 54 -1.39 -9.66 31.16
CA LYS B 54 -0.63 -10.89 31.41
C LYS B 54 0.81 -10.55 31.79
N LEU B 55 1.43 -9.69 31.00
CA LEU B 55 2.83 -9.32 31.24
C LEU B 55 3.16 -8.81 32.64
N GLU B 56 2.20 -8.23 33.33
CA GLU B 56 2.47 -7.71 34.66
C GLU B 56 2.96 -8.82 35.60
N TYR B 57 2.40 -10.02 35.48
CA TYR B 57 2.85 -11.13 36.33
C TYR B 57 4.13 -11.81 35.83
N LEU B 58 4.55 -11.54 34.60
CA LEU B 58 5.79 -12.14 34.11
C LEU B 58 7.02 -11.28 34.31
N ILE B 59 6.88 -9.96 34.22
CA ILE B 59 8.01 -9.05 34.36
C ILE B 59 8.81 -9.22 35.66
N PRO B 60 8.13 -9.41 36.80
CA PRO B 60 8.89 -9.59 38.05
C PRO B 60 9.92 -10.73 37.94
N GLU B 61 9.50 -11.86 37.36
CA GLU B 61 10.40 -12.99 37.18
C GLU B 61 11.54 -12.62 36.25
N ALA B 62 11.25 -11.83 35.23
CA ALA B 62 12.27 -11.41 34.30
C ALA B 62 13.29 -10.55 35.05
N LEU B 63 12.78 -9.66 35.90
CA LEU B 63 13.65 -8.78 36.66
C LEU B 63 14.41 -9.58 37.74
N ALA B 64 13.67 -10.43 38.46
CA ALA B 64 14.28 -11.25 39.49
C ALA B 64 15.41 -12.07 38.86
N GLN B 65 15.19 -12.53 37.63
CA GLN B 65 16.19 -13.33 36.94
C GLN B 65 17.33 -12.52 36.32
N GLY B 66 17.32 -11.21 36.52
CA GLY B 66 18.38 -10.39 35.96
C GLY B 66 18.43 -10.38 34.43
N CYS B 67 17.32 -10.67 33.77
CA CYS B 67 17.28 -10.69 32.30
C CYS B 67 17.38 -9.27 31.73
N ASP B 68 17.96 -9.14 30.54
CA ASP B 68 18.11 -7.81 29.94
C ASP B 68 17.40 -7.63 28.59
N THR B 69 16.86 -8.73 28.06
CA THR B 69 16.20 -8.70 26.76
C THR B 69 14.92 -9.52 26.81
N LEU B 70 13.83 -8.97 26.30
CA LEU B 70 12.60 -9.73 26.25
C LEU B 70 12.49 -10.30 24.83
N VAL B 71 12.29 -11.60 24.73
CA VAL B 71 12.17 -12.24 23.43
C VAL B 71 10.79 -12.88 23.29
N SER B 72 10.06 -12.57 22.22
CA SER B 72 8.74 -13.18 22.03
C SER B 72 8.52 -13.51 20.57
N ILE B 73 7.29 -13.89 20.24
CA ILE B 73 6.99 -14.34 18.91
C ILE B 73 5.50 -14.24 18.59
N GLY B 74 5.19 -14.13 17.31
CA GLY B 74 3.80 -14.06 16.88
C GLY B 74 3.74 -13.83 15.39
N GLY B 75 2.53 -13.77 14.85
CA GLY B 75 2.35 -13.50 13.43
C GLY B 75 2.76 -12.08 13.10
N ILE B 76 2.68 -11.73 11.83
CA ILE B 76 3.06 -10.40 11.40
C ILE B 76 2.29 -9.29 12.13
N GLN B 77 0.96 -9.41 12.25
CA GLN B 77 0.18 -8.37 12.94
C GLN B 77 -0.13 -8.75 14.39
N SER B 78 0.84 -9.43 14.99
CA SER B 78 0.70 -9.85 16.37
C SER B 78 0.59 -8.66 17.31
N ASN B 79 -0.36 -8.72 18.25
CA ASN B 79 -0.56 -7.70 19.26
C ASN B 79 0.43 -7.98 20.39
N GLN B 80 0.57 -9.26 20.70
CA GLN B 80 1.51 -9.72 21.74
C GLN B 80 2.89 -9.09 21.59
N THR B 81 3.50 -9.29 20.43
CA THR B 81 4.84 -8.76 20.18
C THR B 81 4.95 -7.24 20.25
N ARG B 82 3.91 -6.53 19.79
CA ARG B 82 3.93 -5.07 19.84
C ARG B 82 3.91 -4.64 21.31
N GLN B 83 3.12 -5.33 22.13
CA GLN B 83 3.08 -5.01 23.55
C GLN B 83 4.42 -5.34 24.23
N VAL B 84 5.01 -6.48 23.92
CA VAL B 84 6.28 -6.85 24.53
C VAL B 84 7.34 -5.79 24.20
N ALA B 85 7.28 -5.29 22.98
CA ALA B 85 8.23 -4.27 22.55
C ALA B 85 8.11 -2.99 23.39
N ALA B 86 6.86 -2.59 23.66
CA ALA B 86 6.60 -1.37 24.44
C ALA B 86 7.01 -1.55 25.91
N VAL B 87 6.60 -2.66 26.50
CA VAL B 87 6.95 -2.98 27.89
C VAL B 87 8.48 -2.97 28.01
N ALA B 88 9.15 -3.64 27.08
CA ALA B 88 10.61 -3.70 27.08
C ALA B 88 11.24 -2.31 27.08
N ALA B 89 10.79 -1.46 26.16
CA ALA B 89 11.31 -0.11 26.03
C ALA B 89 11.13 0.60 27.38
N HIS B 90 9.93 0.48 27.93
CA HIS B 90 9.60 1.11 29.19
C HIS B 90 10.47 0.60 30.33
N LEU B 91 10.77 -0.69 30.32
CA LEU B 91 11.59 -1.28 31.38
C LEU B 91 13.08 -1.05 31.14
N GLY B 92 13.44 -0.53 29.97
CA GLY B 92 14.85 -0.33 29.69
C GLY B 92 15.48 -1.62 29.18
N MET B 93 14.64 -2.53 28.70
CA MET B 93 15.13 -3.80 28.17
C MET B 93 15.22 -3.87 26.66
N LYS B 94 16.09 -4.73 26.16
CA LYS B 94 16.26 -4.94 24.73
C LYS B 94 15.09 -5.82 24.31
N CYS B 95 14.80 -5.90 23.02
CA CYS B 95 13.69 -6.73 22.58
C CYS B 95 13.95 -7.37 21.24
N VAL B 96 13.71 -8.68 21.20
CA VAL B 96 13.86 -9.47 20.00
C VAL B 96 12.53 -10.18 19.77
N LEU B 97 11.95 -9.95 18.59
CA LEU B 97 10.66 -10.51 18.23
C LEU B 97 10.78 -11.38 16.98
N VAL B 98 10.25 -12.59 17.07
CA VAL B 98 10.27 -13.48 15.95
C VAL B 98 8.88 -13.34 15.33
N GLN B 99 8.80 -12.79 14.12
CA GLN B 99 7.50 -12.61 13.48
C GLN B 99 7.38 -13.60 12.36
N GLU B 100 6.38 -14.45 12.41
CA GLU B 100 6.23 -15.41 11.34
C GLU B 100 4.99 -15.12 10.51
N ASN B 101 4.93 -15.68 9.32
CA ASN B 101 3.79 -15.51 8.45
C ASN B 101 2.75 -16.54 8.87
N TRP B 102 1.94 -16.17 9.86
CA TRP B 102 0.92 -17.08 10.38
C TRP B 102 -0.43 -16.98 9.73
N VAL B 103 -0.56 -16.18 8.69
CA VAL B 103 -1.87 -16.00 8.06
C VAL B 103 -1.79 -16.06 6.54
N ASN B 104 -2.77 -16.72 5.93
CA ASN B 104 -2.79 -16.80 4.48
C ASN B 104 -3.44 -15.53 3.97
N TYR B 105 -2.76 -14.41 4.19
CA TYR B 105 -3.27 -13.11 3.79
C TYR B 105 -2.20 -12.34 3.07
N SER B 106 -2.55 -11.80 1.91
CA SER B 106 -1.62 -11.06 1.09
C SER B 106 -2.02 -9.60 1.00
N ASP B 107 -1.23 -8.74 1.64
CA ASP B 107 -1.52 -7.31 1.62
C ASP B 107 -0.24 -6.56 1.49
N ALA B 108 -0.23 -5.58 0.58
CA ALA B 108 0.96 -4.81 0.30
C ALA B 108 1.67 -4.13 1.46
N VAL B 109 0.95 -3.72 2.50
CA VAL B 109 1.62 -3.06 3.61
C VAL B 109 1.48 -3.84 4.91
N TYR B 110 1.14 -5.11 4.80
CA TYR B 110 0.92 -5.96 5.97
C TYR B 110 2.04 -5.99 7.00
N ASP B 111 3.28 -5.91 6.55
CA ASP B 111 4.40 -5.96 7.48
C ASP B 111 5.00 -4.60 7.70
N ARG B 112 4.18 -3.56 7.48
CA ARG B 112 4.65 -2.19 7.60
C ARG B 112 3.76 -1.17 8.28
N VAL B 113 2.61 -1.62 8.75
CA VAL B 113 1.66 -0.76 9.42
C VAL B 113 1.21 -1.44 10.70
N GLY B 114 0.31 -0.78 11.44
CA GLY B 114 -0.23 -1.39 12.61
C GLY B 114 0.73 -1.85 13.67
N ASN B 115 0.52 -3.08 14.16
CA ASN B 115 1.34 -3.61 15.23
C ASN B 115 2.82 -3.70 14.97
N ILE B 116 3.22 -4.29 13.85
CA ILE B 116 4.64 -4.43 13.56
C ILE B 116 5.36 -3.09 13.35
N GLN B 117 4.65 -2.13 12.78
CA GLN B 117 5.25 -0.81 12.59
C GLN B 117 5.67 -0.24 13.95
N MET B 118 4.75 -0.28 14.90
CA MET B 118 5.04 0.22 16.25
C MET B 118 6.23 -0.50 16.88
N SER B 119 6.27 -1.83 16.76
CA SER B 119 7.39 -2.59 17.33
C SER B 119 8.74 -2.09 16.81
N ARG B 120 8.81 -1.73 15.53
CA ARG B 120 10.07 -1.24 15.01
C ARG B 120 10.37 0.14 15.56
N ILE B 121 9.35 0.99 15.62
CA ILE B 121 9.57 2.32 16.14
C ILE B 121 9.98 2.19 17.62
N LEU B 122 9.35 1.27 18.34
CA LEU B 122 9.67 1.05 19.76
C LEU B 122 11.12 0.55 19.98
N GLY B 123 11.83 0.25 18.89
CA GLY B 123 13.22 -0.20 19.01
C GLY B 123 13.47 -1.70 19.11
N ALA B 124 12.44 -2.51 18.88
CA ALA B 124 12.58 -3.95 18.94
C ALA B 124 13.32 -4.48 17.72
N ASP B 125 13.99 -5.62 17.88
CA ASP B 125 14.71 -6.28 16.78
C ASP B 125 13.65 -7.18 16.14
N VAL B 126 13.06 -6.73 15.05
CA VAL B 126 12.00 -7.51 14.41
C VAL B 126 12.51 -8.45 13.32
N ARG B 127 12.47 -9.74 13.61
CA ARG B 127 12.94 -10.77 12.69
C ARG B 127 11.80 -11.51 11.98
N LEU B 128 11.76 -11.38 10.66
CA LEU B 128 10.75 -12.01 9.83
C LEU B 128 11.25 -13.34 9.27
N VAL B 129 10.47 -14.42 9.45
CA VAL B 129 10.88 -15.74 8.99
C VAL B 129 10.24 -16.13 7.65
N ARG B 139 11.63 -23.73 15.56
CA ARG B 139 13.09 -23.69 15.61
C ARG B 139 13.63 -22.26 15.61
N SER B 140 12.92 -21.35 14.94
CA SER B 140 13.35 -19.94 14.89
C SER B 140 13.39 -19.37 16.31
N TRP B 141 12.57 -19.94 17.17
CA TRP B 141 12.47 -19.56 18.56
C TRP B 141 13.82 -19.69 19.26
N GLU B 142 14.32 -20.93 19.31
CA GLU B 142 15.60 -21.24 19.95
C GLU B 142 16.70 -20.38 19.36
N ASP B 143 16.75 -20.32 18.03
CA ASP B 143 17.77 -19.54 17.34
C ASP B 143 17.84 -18.15 17.95
N ALA B 144 16.71 -17.46 17.95
CA ALA B 144 16.64 -16.12 18.50
C ALA B 144 17.17 -16.06 19.93
N LEU B 145 16.65 -16.93 20.79
CA LEU B 145 17.08 -16.96 22.19
C LEU B 145 18.59 -17.16 22.31
N GLU B 146 19.10 -18.16 21.59
CA GLU B 146 20.52 -18.47 21.59
C GLU B 146 21.28 -17.23 21.15
N SER B 147 20.77 -16.60 20.10
CA SER B 147 21.35 -15.39 19.53
C SER B 147 21.63 -14.42 20.66
N VAL B 148 20.67 -14.26 21.56
CA VAL B 148 20.80 -13.34 22.68
C VAL B 148 21.89 -13.73 23.67
N ARG B 149 21.89 -14.99 24.08
CA ARG B 149 22.91 -15.46 25.01
C ARG B 149 24.28 -15.25 24.39
N ALA B 150 24.48 -15.81 23.21
CA ALA B 150 25.74 -15.68 22.50
C ALA B 150 26.13 -14.21 22.33
N ALA B 151 25.14 -13.34 22.29
CA ALA B 151 25.40 -11.92 22.12
C ALA B 151 25.90 -11.26 23.42
N GLY B 152 25.77 -11.99 24.54
CA GLY B 152 26.22 -11.46 25.81
C GLY B 152 25.10 -10.90 26.68
N GLY B 153 23.85 -11.17 26.31
CA GLY B 153 22.74 -10.68 27.09
C GLY B 153 21.97 -11.85 27.66
N LYS B 154 21.06 -11.59 28.60
CA LYS B 154 20.27 -12.66 29.19
C LYS B 154 18.81 -12.46 28.79
N PRO B 155 18.31 -13.36 27.94
CA PRO B 155 16.93 -13.26 27.47
C PRO B 155 15.88 -13.83 28.39
N TYR B 156 14.69 -13.22 28.37
CA TYR B 156 13.56 -13.74 29.13
C TYR B 156 12.61 -14.20 28.04
N ALA B 157 12.39 -15.51 27.99
CA ALA B 157 11.52 -16.09 26.97
C ALA B 157 10.05 -15.89 27.21
N ILE B 158 9.36 -15.24 26.28
CA ILE B 158 7.91 -15.05 26.41
C ILE B 158 7.25 -15.79 25.24
N PRO B 159 6.57 -16.91 25.52
CA PRO B 159 5.92 -17.65 24.43
C PRO B 159 4.76 -16.87 23.80
N ALA B 160 4.27 -17.39 22.68
CA ALA B 160 3.17 -16.76 21.96
C ALA B 160 2.02 -16.40 22.89
N GLY B 161 1.52 -15.17 22.74
CA GLY B 161 0.43 -14.72 23.58
C GLY B 161 0.66 -14.79 25.08
N CYS B 162 1.86 -15.16 25.51
CA CYS B 162 2.17 -15.28 26.93
C CYS B 162 1.47 -16.49 27.55
N SER B 163 0.65 -17.17 26.77
CA SER B 163 -0.14 -18.28 27.29
C SER B 163 0.50 -19.52 27.94
N ASP B 164 1.30 -20.28 27.20
CA ASP B 164 1.90 -21.49 27.77
C ASP B 164 3.13 -21.15 28.61
N HIS B 165 2.90 -20.56 29.78
CA HIS B 165 3.97 -20.15 30.68
C HIS B 165 3.38 -20.30 32.07
N PRO B 166 4.22 -20.62 33.07
CA PRO B 166 3.72 -20.79 34.43
C PRO B 166 3.01 -19.59 35.02
N LEU B 167 3.42 -18.40 34.62
CA LEU B 167 2.81 -17.17 35.13
C LEU B 167 1.77 -16.59 34.16
N GLY B 168 1.75 -17.16 32.96
CA GLY B 168 0.85 -16.71 31.91
C GLY B 168 -0.65 -16.71 32.18
N GLY B 169 -1.10 -17.41 33.21
CA GLY B 169 -2.52 -17.44 33.49
C GLY B 169 -2.92 -16.50 34.62
N LEU B 170 -1.94 -16.03 35.38
CA LEU B 170 -2.18 -15.15 36.53
C LEU B 170 -2.91 -13.83 36.25
N GLY B 171 -2.51 -13.16 35.17
CA GLY B 171 -3.14 -11.90 34.84
C GLY B 171 -4.65 -11.93 34.83
N PHE B 172 -5.24 -12.93 34.18
CA PHE B 172 -6.68 -12.96 34.11
C PHE B 172 -7.42 -13.57 35.25
N VAL B 173 -6.69 -14.19 36.18
CA VAL B 173 -7.35 -14.68 37.36
C VAL B 173 -7.62 -13.31 38.04
N GLY B 174 -6.63 -12.42 37.97
CA GLY B 174 -6.79 -11.09 38.54
C GLY B 174 -7.95 -10.31 37.92
N PHE B 175 -8.26 -10.60 36.66
CA PHE B 175 -9.37 -9.99 35.94
C PHE B 175 -10.71 -10.35 36.63
N ALA B 176 -10.87 -11.62 36.94
CA ALA B 176 -12.09 -12.09 37.61
C ALA B 176 -12.18 -11.41 38.97
N GLU B 177 -11.04 -11.23 39.60
CA GLU B 177 -10.96 -10.57 40.90
C GLU B 177 -11.50 -9.16 40.73
N GLU B 178 -10.91 -8.41 39.79
CA GLU B 178 -11.30 -7.03 39.48
C GLU B 178 -12.81 -6.95 39.24
N VAL B 179 -13.32 -7.83 38.39
CA VAL B 179 -14.73 -7.85 38.10
C VAL B 179 -15.59 -8.01 39.36
N ARG B 180 -15.14 -8.88 40.29
CA ARG B 180 -15.89 -9.06 41.52
C ARG B 180 -15.97 -7.74 42.27
N ALA B 181 -14.83 -7.07 42.41
CA ALA B 181 -14.79 -5.79 43.11
C ALA B 181 -15.70 -4.75 42.44
N GLN B 182 -15.76 -4.75 41.11
CA GLN B 182 -16.59 -3.81 40.38
C GLN B 182 -18.07 -4.17 40.48
N GLU B 183 -18.37 -5.46 40.59
CA GLU B 183 -19.75 -5.87 40.70
C GLU B 183 -20.24 -5.40 42.07
N ALA B 184 -19.33 -5.38 43.03
CA ALA B 184 -19.65 -4.95 44.37
C ALA B 184 -19.92 -3.47 44.37
N GLU B 185 -19.22 -2.72 43.54
CA GLU B 185 -19.43 -1.28 43.45
C GLU B 185 -20.70 -0.97 42.65
N LEU B 186 -20.96 -1.78 41.63
CA LEU B 186 -22.14 -1.59 40.80
C LEU B 186 -23.38 -2.04 41.51
N GLY B 187 -23.23 -3.03 42.39
CA GLY B 187 -24.36 -3.53 43.12
C GLY B 187 -25.09 -4.61 42.35
N PHE B 188 -24.42 -5.22 41.37
CA PHE B 188 -25.03 -6.30 40.60
C PHE B 188 -23.95 -7.19 40.00
N LYS B 189 -24.31 -8.42 39.62
CA LYS B 189 -23.35 -9.34 39.03
C LYS B 189 -23.62 -9.56 37.56
N PHE B 190 -22.58 -9.90 36.82
CA PHE B 190 -22.76 -10.17 35.40
C PHE B 190 -23.07 -11.65 35.29
N ASP B 191 -23.99 -12.00 34.42
CA ASP B 191 -24.36 -13.38 34.25
C ASP B 191 -23.37 -14.14 33.38
N TYR B 192 -22.76 -13.45 32.41
CA TYR B 192 -21.78 -14.09 31.52
C TYR B 192 -20.66 -13.14 31.11
N VAL B 193 -19.59 -13.73 30.58
CA VAL B 193 -18.46 -12.98 30.06
C VAL B 193 -18.15 -13.57 28.70
N VAL B 194 -18.02 -12.72 27.68
CA VAL B 194 -17.69 -13.21 26.35
C VAL B 194 -16.23 -12.83 26.10
N VAL B 195 -15.41 -13.77 25.68
CA VAL B 195 -14.00 -13.46 25.45
C VAL B 195 -13.44 -14.21 24.25
N CYS B 196 -12.56 -13.55 23.51
CA CYS B 196 -11.97 -14.17 22.33
C CYS B 196 -10.81 -15.06 22.75
N SER B 197 -10.73 -16.26 22.19
CA SER B 197 -9.64 -17.15 22.54
C SER B 197 -8.81 -17.69 21.39
N VAL B 198 -7.51 -17.66 21.56
CA VAL B 198 -6.59 -18.22 20.58
C VAL B 198 -5.46 -18.98 21.26
N THR B 199 -4.54 -18.31 21.97
CA THR B 199 -3.46 -19.06 22.62
C THR B 199 -3.89 -19.60 23.98
N GLY B 200 -5.00 -19.08 24.50
CA GLY B 200 -5.58 -19.62 25.72
C GLY B 200 -5.45 -19.14 27.14
N SER B 201 -4.36 -18.47 27.52
CA SER B 201 -4.27 -18.09 28.91
C SER B 201 -5.15 -16.95 29.33
N THR B 202 -5.82 -16.29 28.38
CA THR B 202 -6.71 -15.21 28.78
C THR B 202 -7.95 -15.88 29.37
N GLN B 203 -8.55 -16.78 28.60
CA GLN B 203 -9.73 -17.48 29.09
C GLN B 203 -9.36 -18.40 30.26
N ALA B 204 -8.15 -18.97 30.23
CA ALA B 204 -7.75 -19.87 31.31
C ALA B 204 -7.76 -19.13 32.63
N GLY B 205 -7.17 -17.93 32.63
CA GLY B 205 -7.12 -17.10 33.81
C GLY B 205 -8.53 -16.81 34.28
N MET B 206 -9.40 -16.51 33.32
CA MET B 206 -10.79 -16.21 33.65
C MET B 206 -11.51 -17.39 34.29
N VAL B 207 -11.27 -18.58 33.75
CA VAL B 207 -11.89 -19.81 34.22
C VAL B 207 -11.52 -20.06 35.68
N VAL B 208 -10.23 -19.94 35.99
CA VAL B 208 -9.75 -20.15 37.35
C VAL B 208 -10.32 -19.05 38.25
N GLY B 209 -10.20 -17.81 37.79
CA GLY B 209 -10.70 -16.71 38.57
C GLY B 209 -12.19 -16.79 38.88
N PHE B 210 -12.99 -17.20 37.90
CA PHE B 210 -14.43 -17.28 38.08
C PHE B 210 -14.91 -18.62 38.66
N ALA B 211 -14.02 -19.61 38.63
CA ALA B 211 -14.35 -20.91 39.21
C ALA B 211 -14.53 -20.62 40.70
N ALA B 212 -13.72 -19.69 41.21
CA ALA B 212 -13.79 -19.28 42.61
C ALA B 212 -15.20 -18.98 43.08
N ASP B 213 -16.02 -18.34 42.26
CA ASP B 213 -17.39 -18.08 42.69
C ASP B 213 -18.45 -18.86 41.92
N GLY B 214 -18.04 -19.98 41.33
CA GLY B 214 -18.96 -20.84 40.59
C GLY B 214 -19.46 -20.37 39.23
N ARG B 215 -18.70 -19.52 38.57
CA ARG B 215 -19.15 -19.02 37.27
C ARG B 215 -18.19 -19.36 36.15
N ALA B 216 -17.29 -20.32 36.37
CA ALA B 216 -16.34 -20.67 35.33
C ALA B 216 -17.09 -21.00 34.04
N ASP B 217 -18.25 -21.61 34.16
CA ASP B 217 -18.99 -21.98 32.97
C ASP B 217 -19.78 -20.83 32.35
N ARG B 218 -19.64 -19.64 32.94
CA ARG B 218 -20.32 -18.44 32.43
C ARG B 218 -19.33 -17.67 31.56
N VAL B 219 -18.06 -18.10 31.58
CA VAL B 219 -17.02 -17.48 30.77
C VAL B 219 -17.18 -18.12 29.40
N ILE B 220 -17.81 -17.39 28.48
CA ILE B 220 -18.06 -17.91 27.15
C ILE B 220 -16.96 -17.54 26.17
N GLY B 221 -16.08 -18.51 25.88
CA GLY B 221 -15.00 -18.25 24.96
C GLY B 221 -15.44 -18.36 23.52
N VAL B 222 -14.89 -17.50 22.66
CA VAL B 222 -15.23 -17.58 21.25
C VAL B 222 -13.91 -17.88 20.58
N ASP B 223 -13.84 -19.00 19.88
CA ASP B 223 -12.60 -19.36 19.22
C ASP B 223 -12.32 -18.49 17.99
N ALA B 224 -11.06 -18.09 17.83
CA ALA B 224 -10.67 -17.30 16.68
C ALA B 224 -9.46 -17.95 16.03
N SER B 225 -9.09 -19.14 16.54
CA SER B 225 -7.94 -19.88 16.00
C SER B 225 -8.32 -20.72 14.79
N ALA B 226 -9.57 -21.14 14.70
CA ALA B 226 -10.04 -21.99 13.63
C ALA B 226 -9.49 -23.42 13.78
N LYS B 227 -8.98 -23.73 14.97
CA LYS B 227 -8.48 -25.08 15.31
C LYS B 227 -9.02 -25.18 16.73
N PRO B 228 -10.36 -25.25 16.87
CA PRO B 228 -10.98 -25.32 18.20
C PRO B 228 -10.52 -26.39 19.17
N ALA B 229 -10.19 -27.58 18.65
CA ALA B 229 -9.76 -28.67 19.52
C ALA B 229 -8.45 -28.36 20.23
N GLN B 230 -7.51 -27.78 19.50
CA GLN B 230 -6.22 -27.42 20.07
C GLN B 230 -6.34 -26.28 21.07
N THR B 231 -7.08 -25.25 20.67
CA THR B 231 -7.28 -24.12 21.54
C THR B 231 -8.00 -24.54 22.82
N ARG B 232 -9.01 -25.39 22.69
CA ARG B 232 -9.73 -25.82 23.89
C ARG B 232 -8.83 -26.58 24.86
N GLU B 233 -7.96 -27.43 24.32
CA GLU B 233 -7.04 -28.21 25.14
C GLU B 233 -6.00 -27.30 25.79
N GLN B 234 -5.60 -26.25 25.08
CA GLN B 234 -4.61 -25.31 25.58
C GLN B 234 -5.20 -24.57 26.78
N ILE B 235 -6.43 -24.06 26.59
CA ILE B 235 -7.10 -23.34 27.65
C ILE B 235 -7.27 -24.24 28.88
N THR B 236 -7.73 -25.46 28.64
CA THR B 236 -7.95 -26.41 29.72
C THR B 236 -6.69 -26.72 30.47
N ARG B 237 -5.63 -27.01 29.73
CA ARG B 237 -4.35 -27.31 30.35
C ARG B 237 -3.82 -26.14 31.15
N ILE B 238 -3.90 -24.93 30.58
CA ILE B 238 -3.41 -23.73 31.26
C ILE B 238 -4.24 -23.43 32.51
N ALA B 239 -5.54 -23.69 32.42
CA ALA B 239 -6.42 -23.44 33.56
C ALA B 239 -6.05 -24.38 34.72
N ARG B 240 -5.77 -25.64 34.40
CA ARG B 240 -5.41 -26.60 35.42
C ARG B 240 -4.11 -26.20 36.11
N GLN B 241 -3.09 -25.88 35.32
CA GLN B 241 -1.81 -25.48 35.89
C GLN B 241 -1.98 -24.21 36.71
N THR B 242 -2.76 -23.27 36.20
CA THR B 242 -2.96 -22.01 36.91
C THR B 242 -3.81 -22.22 38.17
N ALA B 243 -4.78 -23.12 38.10
CA ALA B 243 -5.63 -23.38 39.26
C ALA B 243 -4.78 -23.91 40.41
N GLU B 244 -3.78 -24.71 40.06
CA GLU B 244 -2.85 -25.28 41.02
C GLU B 244 -1.95 -24.19 41.58
N LYS B 245 -1.47 -23.31 40.70
CA LYS B 245 -0.60 -22.19 41.08
C LYS B 245 -1.22 -21.25 42.11
N VAL B 246 -2.52 -21.01 42.00
CA VAL B 246 -3.19 -20.07 42.90
C VAL B 246 -4.01 -20.69 44.04
N GLY B 247 -3.92 -22.01 44.16
CA GLY B 247 -4.65 -22.67 45.23
C GLY B 247 -6.13 -22.79 45.05
N LEU B 248 -6.60 -22.97 43.82
CA LEU B 248 -8.04 -23.15 43.66
C LEU B 248 -8.26 -24.48 44.35
N GLU B 249 -9.32 -24.59 45.13
CA GLU B 249 -9.58 -25.82 45.86
C GLU B 249 -10.52 -26.72 45.07
N ARG B 250 -10.26 -26.85 43.77
CA ARG B 250 -11.09 -27.68 42.91
C ARG B 250 -10.35 -27.95 41.61
N ASP B 251 -10.74 -29.01 40.92
CA ASP B 251 -10.12 -29.33 39.65
C ASP B 251 -10.96 -28.67 38.57
N ILE B 252 -10.34 -28.35 37.45
CA ILE B 252 -11.06 -27.76 36.34
C ILE B 252 -11.60 -28.93 35.54
N MET B 253 -12.90 -28.92 35.25
CA MET B 253 -13.53 -29.99 34.48
C MET B 253 -13.82 -29.47 33.06
N ARG B 254 -13.97 -30.37 32.11
CA ARG B 254 -14.28 -29.96 30.73
C ARG B 254 -15.50 -29.09 30.72
N ALA B 255 -16.34 -29.23 31.75
CA ALA B 255 -17.55 -28.44 31.88
C ALA B 255 -17.23 -26.98 32.16
N ASP B 256 -16.05 -26.71 32.71
CA ASP B 256 -15.63 -25.35 33.04
C ASP B 256 -15.06 -24.58 31.85
N VAL B 257 -14.83 -25.25 30.73
CA VAL B 257 -14.26 -24.61 29.57
C VAL B 257 -15.25 -24.56 28.42
N VAL B 258 -15.82 -23.38 28.19
CA VAL B 258 -16.79 -23.17 27.13
C VAL B 258 -16.09 -22.44 25.98
N LEU B 259 -16.04 -23.07 24.82
CA LEU B 259 -15.40 -22.47 23.66
C LEU B 259 -16.30 -22.61 22.42
N ASP B 260 -16.93 -21.52 22.01
CA ASP B 260 -17.80 -21.56 20.83
C ASP B 260 -16.94 -21.64 19.58
N GLU B 261 -17.31 -22.49 18.64
CA GLU B 261 -16.51 -22.67 17.45
C GLU B 261 -17.10 -22.06 16.19
N ARG B 262 -18.36 -21.68 16.27
CA ARG B 262 -19.06 -21.12 15.11
C ARG B 262 -18.56 -19.81 14.49
N PHE B 263 -17.68 -19.08 15.17
CA PHE B 263 -17.29 -17.78 14.66
C PHE B 263 -15.84 -17.52 14.22
N ALA B 264 -15.04 -18.58 14.19
CA ALA B 264 -13.62 -18.48 13.88
C ALA B 264 -13.23 -18.45 12.42
N GLY B 265 -14.13 -18.91 11.56
CA GLY B 265 -13.82 -18.99 10.14
C GLY B 265 -13.58 -17.71 9.36
N PRO B 266 -13.03 -17.85 8.15
CA PRO B 266 -12.68 -19.16 7.58
C PRO B 266 -11.33 -19.70 8.08
N GLU B 267 -10.46 -18.81 8.55
CA GLU B 267 -9.15 -19.19 9.05
C GLU B 267 -8.69 -18.19 10.10
N TYR B 268 -7.64 -18.52 10.82
CA TYR B 268 -7.08 -17.60 11.79
C TYR B 268 -6.55 -16.40 10.99
N GLY B 269 -6.79 -15.19 11.48
CA GLY B 269 -6.33 -14.02 10.79
C GLY B 269 -7.17 -13.56 9.60
N LEU B 270 -8.23 -14.30 9.27
CA LEU B 270 -9.09 -13.93 8.14
C LEU B 270 -10.52 -13.76 8.60
N PRO B 271 -11.13 -12.60 8.29
CA PRO B 271 -12.52 -12.37 8.70
C PRO B 271 -13.53 -13.06 7.78
N ASN B 272 -14.74 -13.31 8.28
CA ASN B 272 -15.77 -13.82 7.39
C ASN B 272 -16.71 -12.62 7.31
N GLU B 273 -17.72 -12.70 6.45
CA GLU B 273 -18.65 -11.57 6.29
C GLU B 273 -19.37 -11.22 7.59
N GLY B 274 -19.56 -12.21 8.45
CA GLY B 274 -20.24 -11.97 9.72
C GLY B 274 -19.34 -11.12 10.59
N THR B 275 -18.03 -11.42 10.52
CA THR B 275 -17.04 -10.68 11.28
C THR B 275 -17.16 -9.20 10.91
N LEU B 276 -17.05 -8.91 9.62
CA LEU B 276 -17.12 -7.55 9.13
C LEU B 276 -18.42 -6.86 9.56
N GLU B 277 -19.54 -7.55 9.41
CA GLU B 277 -20.81 -6.96 9.80
C GLU B 277 -20.78 -6.65 11.29
N ALA B 278 -20.25 -7.57 12.07
CA ALA B 278 -20.15 -7.37 13.51
C ALA B 278 -19.28 -6.16 13.87
N ILE B 279 -18.16 -6.01 13.17
CA ILE B 279 -17.26 -4.90 13.45
C ILE B 279 -17.99 -3.60 13.12
N ARG B 280 -18.66 -3.57 11.98
CA ARG B 280 -19.38 -2.36 11.57
C ARG B 280 -20.51 -1.97 12.53
N LEU B 281 -21.35 -2.94 12.87
CA LEU B 281 -22.50 -2.69 13.74
C LEU B 281 -22.08 -2.16 15.11
N CYS B 282 -21.09 -2.81 15.71
CA CYS B 282 -20.63 -2.40 17.00
C CYS B 282 -19.98 -1.03 16.93
N ALA B 283 -19.20 -0.78 15.89
CA ALA B 283 -18.58 0.53 15.79
C ALA B 283 -19.62 1.62 15.53
N ARG B 284 -20.62 1.31 14.72
CA ARG B 284 -21.63 2.32 14.40
C ARG B 284 -22.68 2.58 15.46
N THR B 285 -22.82 1.67 16.42
CA THR B 285 -23.81 1.87 17.47
C THR B 285 -23.17 2.35 18.76
N GLU B 286 -21.91 2.02 18.98
CA GLU B 286 -21.23 2.37 20.22
C GLU B 286 -19.99 3.20 20.07
N GLY B 287 -19.45 3.30 18.85
CA GLY B 287 -18.23 4.05 18.63
C GLY B 287 -17.05 3.24 19.13
N MET B 288 -17.26 1.94 19.34
CA MET B 288 -16.19 1.06 19.84
C MET B 288 -15.69 0.14 18.73
N LEU B 289 -14.42 0.28 18.37
CA LEU B 289 -13.84 -0.51 17.29
C LEU B 289 -13.34 -1.89 17.72
N THR B 290 -13.44 -2.86 16.80
CA THR B 290 -12.94 -4.24 17.00
C THR B 290 -12.19 -4.62 15.72
N ASP B 291 -11.36 -5.67 15.77
CA ASP B 291 -10.57 -6.05 14.60
C ASP B 291 -11.04 -7.33 13.89
N PRO B 292 -10.54 -7.59 12.67
CA PRO B 292 -10.92 -8.76 11.88
C PRO B 292 -10.29 -10.09 12.28
N VAL B 293 -9.30 -10.06 13.17
CA VAL B 293 -8.62 -11.29 13.59
C VAL B 293 -9.17 -11.86 14.88
N TYR B 294 -9.32 -11.00 15.89
CA TYR B 294 -9.77 -11.44 17.21
C TYR B 294 -11.10 -10.90 17.71
N GLU B 295 -11.08 -9.64 18.15
CA GLU B 295 -12.28 -9.04 18.73
C GLU B 295 -13.51 -8.99 17.85
N GLY B 296 -13.33 -8.73 16.57
CA GLY B 296 -14.49 -8.70 15.70
C GLY B 296 -15.16 -10.07 15.72
N LYS B 297 -14.37 -11.13 15.89
CA LYS B 297 -14.96 -12.48 15.90
C LYS B 297 -15.70 -12.75 17.20
N SER B 298 -15.15 -12.27 18.31
CA SER B 298 -15.83 -12.44 19.60
C SER B 298 -17.05 -11.53 19.65
N MET B 299 -16.95 -10.34 19.03
CA MET B 299 -18.09 -9.42 18.99
C MET B 299 -19.18 -10.13 18.15
N HIS B 300 -18.77 -10.71 17.03
CA HIS B 300 -19.70 -11.42 16.17
C HIS B 300 -20.46 -12.47 16.96
N GLY B 301 -19.73 -13.28 17.73
CA GLY B 301 -20.36 -14.31 18.51
C GLY B 301 -21.40 -13.79 19.48
N MET B 302 -21.03 -12.78 20.25
CA MET B 302 -21.93 -12.18 21.21
C MET B 302 -23.20 -11.63 20.54
N ILE B 303 -23.05 -10.94 19.43
CA ILE B 303 -24.24 -10.37 18.75
C ILE B 303 -25.15 -11.48 18.28
N GLU B 304 -24.53 -12.51 17.70
CA GLU B 304 -25.23 -13.67 17.19
C GLU B 304 -26.01 -14.38 18.30
N MET B 305 -25.32 -14.61 19.42
CA MET B 305 -25.93 -15.29 20.57
C MET B 305 -27.17 -14.53 21.00
N VAL B 306 -27.02 -13.22 21.18
CA VAL B 306 -28.14 -12.39 21.57
C VAL B 306 -29.27 -12.51 20.54
N ARG B 307 -28.89 -12.43 19.26
CA ARG B 307 -29.85 -12.53 18.17
C ARG B 307 -30.59 -13.86 18.17
N ASN B 308 -29.86 -14.96 18.46
CA ASN B 308 -30.49 -16.26 18.51
C ASN B 308 -31.24 -16.49 19.81
N GLY B 309 -31.16 -15.53 20.73
CA GLY B 309 -31.83 -15.65 22.01
C GLY B 309 -31.16 -16.66 22.94
N GLU B 310 -29.91 -16.98 22.64
CA GLU B 310 -29.15 -17.94 23.44
C GLU B 310 -28.90 -17.43 24.86
N PHE B 311 -29.05 -16.13 25.07
CA PHE B 311 -28.88 -15.56 26.40
C PHE B 311 -30.25 -15.44 27.07
N PRO B 312 -30.38 -15.91 28.31
CA PRO B 312 -31.69 -15.79 28.96
C PRO B 312 -32.07 -14.31 29.05
N GLU B 313 -33.34 -14.00 28.78
CA GLU B 313 -33.81 -12.61 28.85
C GLU B 313 -33.43 -12.01 30.22
N GLY B 314 -32.85 -10.81 30.21
CA GLY B 314 -32.45 -10.18 31.46
C GLY B 314 -30.98 -10.36 31.77
N SER B 315 -30.31 -11.25 31.03
CA SER B 315 -28.89 -11.50 31.28
C SER B 315 -28.08 -10.25 31.08
N ARG B 316 -27.01 -10.13 31.85
CA ARG B 316 -26.07 -9.03 31.73
C ARG B 316 -24.82 -9.72 31.24
N VAL B 317 -24.38 -9.33 30.05
CA VAL B 317 -23.21 -9.93 29.45
C VAL B 317 -22.04 -8.95 29.40
N LEU B 318 -20.92 -9.36 29.97
CA LEU B 318 -19.73 -8.53 29.98
C LEU B 318 -18.80 -8.98 28.86
N TYR B 319 -18.72 -8.13 27.83
CA TYR B 319 -17.84 -8.39 26.68
C TYR B 319 -16.46 -7.95 27.15
N ALA B 320 -15.45 -8.80 26.97
CA ALA B 320 -14.08 -8.43 27.36
C ALA B 320 -13.38 -7.98 26.08
N HIS B 321 -13.10 -6.69 25.97
CA HIS B 321 -12.45 -6.21 24.78
C HIS B 321 -10.97 -6.24 25.05
N LEU B 322 -10.34 -7.22 24.40
CA LEU B 322 -8.93 -7.51 24.57
C LEU B 322 -7.92 -6.63 23.86
N GLY B 323 -8.38 -5.77 22.93
CA GLY B 323 -7.49 -4.88 22.19
C GLY B 323 -7.45 -5.28 20.72
N GLY B 324 -6.30 -5.15 20.09
CA GLY B 324 -6.16 -5.58 18.70
C GLY B 324 -6.56 -4.64 17.57
N VAL B 325 -7.09 -3.47 17.91
CA VAL B 325 -7.54 -2.55 16.86
C VAL B 325 -6.48 -2.12 15.84
N PRO B 326 -5.24 -1.87 16.27
CA PRO B 326 -4.28 -1.45 15.26
C PRO B 326 -4.11 -2.43 14.09
N ALA B 327 -4.47 -3.71 14.24
CA ALA B 327 -4.31 -4.63 13.12
C ALA B 327 -5.24 -4.27 11.95
N LEU B 328 -6.23 -3.42 12.21
CA LEU B 328 -7.14 -2.97 11.15
C LEU B 328 -6.35 -2.41 9.96
N ASN B 329 -5.21 -1.79 10.23
CA ASN B 329 -4.39 -1.21 9.17
C ASN B 329 -3.87 -2.20 8.11
N GLY B 330 -3.74 -3.48 8.47
CA GLY B 330 -3.28 -4.47 7.51
C GLY B 330 -4.40 -5.03 6.67
N TYR B 331 -5.64 -4.59 6.91
CA TYR B 331 -6.82 -5.02 6.17
C TYR B 331 -7.51 -3.79 5.53
N SER B 332 -6.73 -2.83 5.09
CA SER B 332 -7.29 -1.59 4.54
C SER B 332 -8.25 -1.75 3.35
N PHE B 333 -7.94 -2.61 2.39
CA PHE B 333 -8.82 -2.74 1.24
C PHE B 333 -10.28 -3.15 1.55
N ILE B 334 -10.42 -4.10 2.46
CA ILE B 334 -11.73 -4.57 2.86
C ILE B 334 -12.63 -3.46 3.42
N PHE B 335 -12.03 -2.48 4.07
CA PHE B 335 -12.80 -1.40 4.67
C PHE B 335 -12.73 -0.08 3.90
N ARG B 336 -12.24 -0.12 2.68
CA ARG B 336 -12.06 1.11 1.89
C ARG B 336 -13.31 1.95 1.69
N ASP B 337 -14.49 1.33 1.74
CA ASP B 337 -15.75 2.03 1.58
C ASP B 337 -16.60 1.92 2.84
N GLY B 338 -15.98 1.57 3.97
CA GLY B 338 -16.75 1.39 5.19
C GLY B 338 -16.55 -0.03 5.67
N MET C 1 -11.45 -21.50 -45.88
CA MET C 1 -11.49 -20.51 -44.76
C MET C 1 -10.98 -19.18 -45.27
N ASN C 2 -11.55 -18.09 -44.77
CA ASN C 2 -11.11 -16.76 -45.20
C ASN C 2 -11.40 -15.66 -44.20
N LEU C 3 -10.33 -15.19 -43.58
CA LEU C 3 -10.38 -14.14 -42.57
C LEU C 3 -10.20 -12.81 -43.25
N GLN C 4 -9.45 -12.84 -44.35
CA GLN C 4 -9.17 -11.65 -45.15
C GLN C 4 -10.45 -10.94 -45.51
N ARG C 5 -11.56 -11.65 -45.37
CA ARG C 5 -12.88 -11.10 -45.67
C ARG C 5 -13.25 -9.99 -44.69
N PHE C 6 -12.79 -10.12 -43.44
CA PHE C 6 -13.08 -9.14 -42.37
C PHE C 6 -11.96 -8.09 -42.19
N PRO C 7 -12.30 -6.79 -42.26
CA PRO C 7 -11.29 -5.74 -42.11
C PRO C 7 -10.57 -5.75 -40.76
N ARG C 8 -9.30 -5.37 -40.75
CA ARG C 8 -8.52 -5.36 -39.52
C ARG C 8 -7.80 -4.04 -39.32
N TYR C 9 -8.15 -3.36 -38.23
CA TYR C 9 -7.53 -2.09 -37.90
C TYR C 9 -6.22 -2.34 -37.18
N PRO C 10 -5.15 -1.68 -37.63
CA PRO C 10 -3.81 -1.84 -37.03
C PRO C 10 -3.69 -1.22 -35.64
N LEU C 11 -3.41 -2.07 -34.65
CA LEU C 11 -3.24 -1.62 -33.26
C LEU C 11 -1.97 -2.24 -32.71
N THR C 12 -1.33 -3.07 -33.52
CA THR C 12 -0.10 -3.77 -33.18
C THR C 12 1.07 -3.33 -34.07
N PHE C 13 2.28 -3.74 -33.72
CA PHE C 13 3.46 -3.37 -34.52
C PHE C 13 3.54 -4.19 -35.81
N GLY C 14 2.96 -5.38 -35.78
CA GLY C 14 2.97 -6.27 -36.91
C GLY C 14 2.97 -7.64 -36.29
N PRO C 15 3.35 -8.70 -37.01
CA PRO C 15 3.37 -10.04 -36.44
C PRO C 15 4.22 -10.06 -35.19
N THR C 16 3.88 -10.94 -34.26
CA THR C 16 4.62 -11.04 -33.01
C THR C 16 5.72 -12.08 -33.12
N PRO C 17 6.90 -11.76 -32.57
CA PRO C 17 8.08 -12.63 -32.60
C PRO C 17 7.98 -13.92 -31.82
N ILE C 18 8.74 -14.91 -32.28
CA ILE C 18 8.79 -16.19 -31.61
C ILE C 18 10.24 -16.33 -31.16
N GLN C 19 10.42 -16.64 -29.89
CA GLN C 19 11.77 -16.76 -29.36
C GLN C 19 11.91 -18.10 -28.70
N PRO C 20 13.12 -18.67 -28.74
CA PRO C 20 13.27 -19.97 -28.10
C PRO C 20 13.49 -19.77 -26.59
N LEU C 21 12.95 -20.68 -25.80
CA LEU C 21 13.12 -20.64 -24.37
C LEU C 21 14.14 -21.74 -24.14
N ALA C 22 15.32 -21.51 -24.71
CA ALA C 22 16.43 -22.46 -24.67
C ALA C 22 16.89 -22.80 -23.28
N ARG C 23 17.06 -21.77 -22.45
CA ARG C 23 17.52 -21.99 -21.08
C ARG C 23 16.48 -22.78 -20.30
N LEU C 24 15.22 -22.37 -20.40
CA LEU C 24 14.20 -23.12 -19.67
C LEU C 24 14.12 -24.53 -20.27
N SER C 25 14.19 -24.64 -21.59
CA SER C 25 14.14 -25.96 -22.21
C SER C 25 15.24 -26.84 -21.62
N LYS C 26 16.48 -26.33 -21.63
CA LYS C 26 17.61 -27.08 -21.09
C LYS C 26 17.40 -27.45 -19.62
N HIS C 27 16.93 -26.49 -18.83
CA HIS C 27 16.70 -26.72 -17.39
C HIS C 27 15.72 -27.86 -17.13
N LEU C 28 14.76 -28.03 -18.02
CA LEU C 28 13.77 -29.10 -17.87
C LEU C 28 14.24 -30.43 -18.47
N GLY C 29 15.50 -30.48 -18.93
CA GLY C 29 16.02 -31.72 -19.48
C GLY C 29 16.40 -31.70 -20.94
N GLY C 30 15.99 -30.67 -21.67
CA GLY C 30 16.34 -30.58 -23.08
C GLY C 30 15.60 -31.55 -24.00
N LYS C 31 14.69 -32.36 -23.44
CA LYS C 31 13.95 -33.33 -24.24
C LYS C 31 12.81 -32.68 -25.03
N VAL C 32 12.36 -31.50 -24.59
CA VAL C 32 11.30 -30.77 -25.27
C VAL C 32 11.80 -29.37 -25.53
N HIS C 33 11.51 -28.85 -26.71
CA HIS C 33 11.97 -27.51 -27.07
C HIS C 33 10.84 -26.50 -26.97
N LEU C 34 11.03 -25.51 -26.09
CA LEU C 34 10.01 -24.49 -25.85
C LEU C 34 10.33 -23.17 -26.52
N TYR C 35 9.29 -22.50 -26.98
CA TYR C 35 9.43 -21.20 -27.60
C TYR C 35 8.31 -20.34 -27.06
N ALA C 36 8.33 -19.04 -27.36
CA ALA C 36 7.27 -18.18 -26.91
C ALA C 36 6.93 -17.21 -28.03
N LYS C 37 5.63 -17.05 -28.28
CA LYS C 37 5.23 -16.08 -29.28
C LYS C 37 4.78 -14.92 -28.40
N ARG C 38 5.52 -13.83 -28.47
CA ARG C 38 5.26 -12.68 -27.63
C ARG C 38 4.07 -11.77 -27.92
N GLU C 39 2.86 -12.29 -27.70
CA GLU C 39 1.66 -11.47 -27.87
C GLU C 39 1.75 -10.30 -26.85
N ASP C 40 2.42 -10.57 -25.73
CA ASP C 40 2.61 -9.55 -24.68
C ASP C 40 3.42 -8.33 -25.14
N CYS C 41 4.07 -8.42 -26.31
CA CYS C 41 4.84 -7.27 -26.79
C CYS C 41 4.35 -6.79 -28.16
N ASN C 42 3.08 -6.99 -28.46
CA ASN C 42 2.53 -6.63 -29.77
C ASN C 42 2.14 -5.18 -29.99
N SER C 43 2.25 -4.32 -29.00
CA SER C 43 1.73 -2.97 -29.21
C SER C 43 2.34 -1.87 -28.37
N GLY C 44 2.25 -0.64 -28.90
CA GLY C 44 2.75 0.49 -28.17
C GLY C 44 1.66 1.05 -27.29
N LEU C 45 0.44 0.52 -27.46
CA LEU C 45 -0.70 1.00 -26.69
C LEU C 45 -0.77 0.32 -25.32
N ALA C 46 -0.18 1.00 -24.34
CA ALA C 46 -0.13 0.56 -22.95
C ALA C 46 0.17 -0.91 -22.72
N PHE C 47 1.25 -1.40 -23.33
CA PHE C 47 1.74 -2.78 -23.25
C PHE C 47 0.95 -3.83 -24.00
N GLY C 48 -0.17 -3.44 -24.59
CA GLY C 48 -0.96 -4.41 -25.35
C GLY C 48 -1.13 -5.82 -24.76
N GLY C 49 -1.13 -6.83 -25.63
CA GLY C 49 -1.33 -8.21 -25.20
C GLY C 49 -2.42 -8.86 -26.07
N ASN C 50 -2.78 -10.11 -25.76
CA ASN C 50 -3.79 -10.84 -26.57
C ASN C 50 -5.07 -10.08 -26.89
N LYS C 51 -5.61 -9.39 -25.88
CA LYS C 51 -6.82 -8.62 -26.09
C LYS C 51 -6.72 -7.61 -27.23
N THR C 52 -5.52 -7.06 -27.43
CA THR C 52 -5.32 -6.07 -28.47
C THR C 52 -5.41 -6.69 -29.87
N ARG C 53 -4.99 -7.95 -29.99
CA ARG C 53 -5.07 -8.65 -31.27
C ARG C 53 -6.54 -8.83 -31.59
N LYS C 54 -7.34 -9.17 -30.59
CA LYS C 54 -8.78 -9.35 -30.77
C LYS C 54 -9.42 -8.04 -31.23
N LEU C 55 -9.05 -6.94 -30.57
CA LEU C 55 -9.63 -5.65 -30.89
C LEU C 55 -9.46 -5.16 -32.32
N GLU C 56 -8.38 -5.57 -32.98
CA GLU C 56 -8.15 -5.15 -34.36
C GLU C 56 -9.35 -5.48 -35.26
N TYR C 57 -10.04 -6.57 -34.97
CA TYR C 57 -11.21 -6.94 -35.78
C TYR C 57 -12.54 -6.32 -35.34
N LEU C 58 -12.58 -5.73 -34.15
CA LEU C 58 -13.82 -5.12 -33.69
C LEU C 58 -13.92 -3.63 -34.03
N ILE C 59 -12.78 -2.94 -33.95
CA ILE C 59 -12.73 -1.51 -34.21
C ILE C 59 -13.30 -1.09 -35.57
N PRO C 60 -13.03 -1.87 -36.62
CA PRO C 60 -13.60 -1.44 -37.91
C PRO C 60 -15.13 -1.34 -37.79
N GLU C 61 -15.73 -2.26 -37.04
CA GLU C 61 -17.18 -2.21 -36.87
C GLU C 61 -17.56 -0.98 -36.06
N ALA C 62 -16.89 -0.76 -34.93
CA ALA C 62 -17.19 0.38 -34.10
C ALA C 62 -17.10 1.65 -34.93
N LEU C 63 -16.09 1.71 -35.79
CA LEU C 63 -15.87 2.87 -36.65
C LEU C 63 -16.94 2.98 -37.74
N ALA C 64 -17.23 1.87 -38.42
CA ALA C 64 -18.26 1.90 -39.46
C ALA C 64 -19.59 2.36 -38.86
N GLN C 65 -19.84 1.96 -37.61
CA GLN C 65 -21.09 2.34 -36.94
C GLN C 65 -21.09 3.77 -36.44
N GLY C 66 -19.97 4.46 -36.56
CA GLY C 66 -19.93 5.84 -36.11
C GLY C 66 -19.98 5.98 -34.59
N CYS C 67 -19.50 4.98 -33.88
CA CYS C 67 -19.49 5.06 -32.42
C CYS C 67 -18.38 6.01 -31.99
N ASP C 68 -18.58 6.69 -30.86
CA ASP C 68 -17.59 7.62 -30.36
C ASP C 68 -17.11 7.23 -28.96
N THR C 69 -17.58 6.09 -28.46
CA THR C 69 -17.22 5.66 -27.12
C THR C 69 -17.06 4.15 -27.04
N LEU C 70 -15.99 3.67 -26.41
CA LEU C 70 -15.86 2.23 -26.25
C LEU C 70 -16.25 1.92 -24.82
N VAL C 71 -17.13 0.93 -24.66
CA VAL C 71 -17.60 0.53 -23.33
C VAL C 71 -17.24 -0.94 -23.07
N SER C 72 -16.52 -1.20 -21.97
CA SER C 72 -16.16 -2.58 -21.65
C SER C 72 -16.29 -2.90 -20.17
N ILE C 73 -15.81 -4.07 -19.77
CA ILE C 73 -16.01 -4.50 -18.42
C ILE C 73 -14.98 -5.52 -17.98
N GLY C 74 -14.63 -5.51 -16.70
CA GLY C 74 -13.68 -6.49 -16.21
C GLY C 74 -13.42 -6.33 -14.71
N GLY C 75 -12.72 -7.29 -14.13
CA GLY C 75 -12.39 -7.22 -12.73
C GLY C 75 -11.39 -6.10 -12.50
N ILE C 76 -11.00 -5.90 -11.25
CA ILE C 76 -10.05 -4.82 -10.93
C ILE C 76 -8.71 -4.81 -11.70
N GLN C 77 -8.07 -5.96 -11.83
CA GLN C 77 -6.80 -5.99 -12.55
C GLN C 77 -6.95 -6.54 -13.98
N SER C 78 -8.16 -6.36 -14.52
CA SER C 78 -8.45 -6.79 -15.87
C SER C 78 -7.47 -6.18 -16.89
N ASN C 79 -6.92 -7.03 -17.75
CA ASN C 79 -6.00 -6.56 -18.80
C ASN C 79 -6.80 -6.02 -19.95
N GLN C 80 -7.95 -6.65 -20.17
CA GLN C 80 -8.85 -6.26 -21.24
C GLN C 80 -9.25 -4.79 -21.17
N THR C 81 -9.72 -4.35 -20.02
CA THR C 81 -10.18 -2.97 -19.90
C THR C 81 -9.06 -1.96 -20.10
N ARG C 82 -7.85 -2.31 -19.64
CA ARG C 82 -6.71 -1.41 -19.82
C ARG C 82 -6.38 -1.27 -21.32
N GLN C 83 -6.45 -2.36 -22.07
CA GLN C 83 -6.17 -2.25 -23.50
C GLN C 83 -7.27 -1.48 -24.24
N VAL C 84 -8.52 -1.63 -23.78
CA VAL C 84 -9.63 -0.93 -24.39
C VAL C 84 -9.45 0.58 -24.19
N ALA C 85 -9.00 0.94 -22.99
CA ALA C 85 -8.78 2.35 -22.68
C ALA C 85 -7.69 2.98 -23.60
N ALA C 86 -6.61 2.25 -23.83
CA ALA C 86 -5.52 2.79 -24.69
C ALA C 86 -5.96 2.82 -26.15
N VAL C 87 -6.65 1.77 -26.59
CA VAL C 87 -7.12 1.75 -27.97
C VAL C 87 -8.05 2.94 -28.18
N ALA C 88 -8.95 3.17 -27.22
CA ALA C 88 -9.90 4.28 -27.31
C ALA C 88 -9.18 5.61 -27.44
N ALA C 89 -8.27 5.86 -26.49
CA ALA C 89 -7.52 7.11 -26.53
C ALA C 89 -6.83 7.27 -27.90
N HIS C 90 -6.20 6.21 -28.35
CA HIS C 90 -5.49 6.22 -29.63
C HIS C 90 -6.40 6.58 -30.82
N LEU C 91 -7.66 6.14 -30.73
CA LEU C 91 -8.62 6.37 -31.79
C LEU C 91 -9.37 7.68 -31.64
N GLY C 92 -9.24 8.31 -30.49
CA GLY C 92 -9.96 9.55 -30.27
C GLY C 92 -11.37 9.27 -29.80
N MET C 93 -11.56 8.11 -29.18
CA MET C 93 -12.86 7.73 -28.65
C MET C 93 -12.88 7.81 -27.13
N LYS C 94 -14.07 8.05 -26.57
CA LYS C 94 -14.19 8.08 -25.13
C LYS C 94 -14.21 6.62 -24.68
N CYS C 95 -14.12 6.39 -23.38
CA CYS C 95 -14.11 5.03 -22.88
C CYS C 95 -14.71 4.93 -21.49
N VAL C 96 -15.67 4.02 -21.34
CA VAL C 96 -16.28 3.79 -20.05
C VAL C 96 -15.99 2.35 -19.69
N LEU C 97 -15.47 2.11 -18.49
CA LEU C 97 -15.17 0.75 -18.05
C LEU C 97 -15.95 0.46 -16.77
N VAL C 98 -16.73 -0.61 -16.78
CA VAL C 98 -17.50 -0.99 -15.61
C VAL C 98 -16.62 -2.02 -14.92
N GLN C 99 -16.29 -1.77 -13.66
CA GLN C 99 -15.43 -2.70 -12.97
C GLN C 99 -15.83 -3.03 -11.55
N GLU C 100 -15.38 -4.19 -11.09
CA GLU C 100 -15.71 -4.68 -9.77
C GLU C 100 -14.67 -5.71 -9.37
N ASN C 101 -14.52 -5.93 -8.07
CA ASN C 101 -13.55 -6.94 -7.67
C ASN C 101 -14.14 -8.29 -8.05
N TRP C 102 -13.48 -8.98 -8.96
CA TRP C 102 -13.96 -10.30 -9.36
C TRP C 102 -13.11 -11.39 -8.73
N VAL C 103 -12.32 -11.03 -7.74
CA VAL C 103 -11.47 -12.03 -7.11
C VAL C 103 -11.65 -11.98 -5.61
N ASN C 104 -11.48 -13.11 -4.93
CA ASN C 104 -11.56 -13.10 -3.47
C ASN C 104 -10.15 -12.76 -3.03
N TYR C 105 -9.86 -11.48 -3.09
CA TYR C 105 -8.54 -10.97 -2.81
C TYR C 105 -8.72 -9.51 -2.39
N SER C 106 -7.83 -8.99 -1.55
CA SER C 106 -7.99 -7.61 -1.09
C SER C 106 -6.71 -6.82 -0.79
N ASP C 107 -5.76 -6.80 -1.71
CA ASP C 107 -4.52 -6.09 -1.48
C ASP C 107 -4.72 -4.57 -1.30
N ALA C 108 -3.96 -3.99 -0.37
CA ALA C 108 -4.03 -2.58 -0.07
C ALA C 108 -4.05 -1.61 -1.28
N VAL C 109 -3.28 -1.92 -2.33
CA VAL C 109 -3.23 -1.02 -3.50
C VAL C 109 -3.81 -1.62 -4.76
N TYR C 110 -4.57 -2.71 -4.60
CA TYR C 110 -5.18 -3.46 -5.71
C TYR C 110 -5.88 -2.61 -6.78
N ASP C 111 -6.65 -1.62 -6.35
CA ASP C 111 -7.38 -0.78 -7.30
C ASP C 111 -6.69 0.51 -7.69
N ARG C 112 -5.39 0.60 -7.43
CA ARG C 112 -4.68 1.80 -7.78
C ARG C 112 -3.30 1.60 -8.38
N VAL C 113 -3.03 0.37 -8.78
CA VAL C 113 -1.76 0.10 -9.45
C VAL C 113 -2.03 -0.75 -10.69
N GLY C 114 -0.94 -1.09 -11.37
CA GLY C 114 -1.06 -1.93 -12.55
C GLY C 114 -2.06 -1.52 -13.61
N ASN C 115 -2.87 -2.47 -14.04
CA ASN C 115 -3.85 -2.23 -15.09
C ASN C 115 -4.84 -1.08 -14.87
N ILE C 116 -5.52 -1.07 -13.74
CA ILE C 116 -6.51 -0.04 -13.51
C ILE C 116 -5.88 1.35 -13.39
N GLN C 117 -4.68 1.42 -12.82
CA GLN C 117 -4.00 2.72 -12.73
C GLN C 117 -3.84 3.30 -14.15
N MET C 118 -3.35 2.48 -15.08
CA MET C 118 -3.18 2.92 -16.47
C MET C 118 -4.49 3.36 -17.12
N SER C 119 -5.56 2.59 -16.93
CA SER C 119 -6.85 2.99 -17.53
C SER C 119 -7.25 4.40 -17.09
N ARG C 120 -7.05 4.72 -15.82
CA ARG C 120 -7.40 6.06 -15.37
C ARG C 120 -6.48 7.10 -16.03
N ILE C 121 -5.18 6.82 -16.12
CA ILE C 121 -4.28 7.76 -16.76
C ILE C 121 -4.66 7.94 -18.23
N LEU C 122 -5.04 6.83 -18.86
CA LEU C 122 -5.47 6.82 -20.25
C LEU C 122 -6.78 7.58 -20.51
N GLY C 123 -7.39 8.13 -19.48
CA GLY C 123 -8.59 8.92 -19.70
C GLY C 123 -9.91 8.18 -19.63
N ALA C 124 -9.90 6.88 -19.30
CA ALA C 124 -11.18 6.18 -19.21
C ALA C 124 -11.96 6.58 -17.95
N ASP C 125 -13.27 6.42 -18.06
CA ASP C 125 -14.18 6.69 -16.96
C ASP C 125 -14.26 5.32 -16.33
N VAL C 126 -13.44 5.12 -15.31
CA VAL C 126 -13.39 3.85 -14.60
C VAL C 126 -14.48 3.84 -13.53
N ARG C 127 -15.56 3.10 -13.78
CA ARG C 127 -16.66 3.01 -12.83
C ARG C 127 -16.49 1.72 -12.01
N LEU C 128 -15.74 1.85 -10.91
CA LEU C 128 -15.43 0.71 -10.04
C LEU C 128 -16.43 0.72 -8.90
N VAL C 129 -17.16 -0.38 -8.75
CA VAL C 129 -18.18 -0.47 -7.71
C VAL C 129 -17.69 -1.09 -6.40
N PRO C 130 -18.30 -0.71 -5.27
CA PRO C 130 -17.91 -1.25 -3.94
C PRO C 130 -18.22 -2.74 -3.90
N ASP C 131 -17.65 -3.46 -2.93
CA ASP C 131 -17.93 -4.89 -2.83
C ASP C 131 -19.42 -5.09 -2.58
N GLY C 132 -19.96 -6.17 -3.12
CA GLY C 132 -21.38 -6.47 -2.92
C GLY C 132 -22.34 -5.71 -3.82
N PHE C 133 -21.80 -4.88 -4.73
CA PHE C 133 -22.66 -4.15 -5.62
C PHE C 133 -23.25 -5.19 -6.59
N ASP C 134 -22.35 -5.97 -7.17
CA ASP C 134 -22.69 -7.02 -8.12
C ASP C 134 -23.20 -6.44 -9.45
N ILE C 135 -22.26 -6.05 -10.30
CA ILE C 135 -22.58 -5.49 -11.60
C ILE C 135 -23.26 -6.50 -12.52
N GLY C 136 -22.75 -7.74 -12.50
CA GLY C 136 -23.31 -8.80 -13.34
C GLY C 136 -24.75 -9.13 -13.02
N PHE C 137 -25.20 -8.71 -11.84
CA PHE C 137 -26.56 -8.96 -11.41
C PHE C 137 -27.43 -7.75 -11.74
N ARG C 138 -26.95 -6.56 -11.42
CA ARG C 138 -27.71 -5.35 -11.69
C ARG C 138 -27.68 -5.00 -13.17
N ARG C 139 -26.87 -5.72 -13.93
CA ARG C 139 -26.73 -5.42 -15.35
C ARG C 139 -26.22 -3.98 -15.51
N SER C 140 -25.22 -3.63 -14.70
CA SER C 140 -24.60 -2.31 -14.74
C SER C 140 -24.06 -2.07 -16.14
N TRP C 141 -23.59 -3.16 -16.75
CA TRP C 141 -23.05 -3.16 -18.10
C TRP C 141 -23.98 -2.40 -19.05
N GLU C 142 -25.28 -2.70 -18.98
CA GLU C 142 -26.26 -2.04 -19.84
C GLU C 142 -26.52 -0.60 -19.44
N ASP C 143 -26.56 -0.33 -18.14
CA ASP C 143 -26.79 1.05 -17.71
C ASP C 143 -25.67 1.93 -18.23
N ALA C 144 -24.46 1.38 -18.27
CA ALA C 144 -23.32 2.13 -18.78
C ALA C 144 -23.59 2.41 -20.26
N LEU C 145 -23.95 1.38 -21.02
CA LEU C 145 -24.23 1.59 -22.44
C LEU C 145 -25.29 2.66 -22.58
N GLU C 146 -26.32 2.55 -21.75
CA GLU C 146 -27.42 3.49 -21.76
C GLU C 146 -27.01 4.91 -21.38
N SER C 147 -26.14 5.05 -20.38
CA SER C 147 -25.68 6.38 -19.96
C SER C 147 -24.89 7.10 -21.05
N VAL C 148 -24.22 6.35 -21.92
CA VAL C 148 -23.46 6.99 -22.98
C VAL C 148 -24.47 7.58 -23.95
N ARG C 149 -25.46 6.79 -24.32
CA ARG C 149 -26.49 7.28 -25.24
C ARG C 149 -27.15 8.43 -24.54
N ALA C 150 -27.64 8.17 -23.34
CA ALA C 150 -28.33 9.18 -22.55
C ALA C 150 -27.54 10.49 -22.55
N ALA C 151 -26.22 10.39 -22.74
CA ALA C 151 -25.35 11.55 -22.74
C ALA C 151 -25.09 12.20 -24.10
N GLY C 152 -25.48 11.52 -25.19
CA GLY C 152 -25.26 12.12 -26.50
C GLY C 152 -24.28 11.38 -27.38
N GLY C 153 -23.60 10.39 -26.82
CA GLY C 153 -22.63 9.63 -27.60
C GLY C 153 -23.22 8.33 -28.10
N LYS C 154 -22.42 7.58 -28.84
CA LYS C 154 -22.86 6.29 -29.37
C LYS C 154 -21.83 5.27 -28.91
N PRO C 155 -22.23 4.37 -28.02
CA PRO C 155 -21.32 3.34 -27.50
C PRO C 155 -21.14 2.10 -28.34
N TYR C 156 -19.92 1.56 -28.32
CA TYR C 156 -19.63 0.31 -28.99
C TYR C 156 -19.42 -0.67 -27.83
N ALA C 157 -20.28 -1.68 -27.73
CA ALA C 157 -20.21 -2.62 -26.62
C ALA C 157 -19.19 -3.74 -26.74
N ILE C 158 -18.19 -3.74 -25.86
CA ILE C 158 -17.18 -4.79 -25.87
C ILE C 158 -17.35 -5.63 -24.60
N PRO C 159 -17.83 -6.88 -24.73
CA PRO C 159 -18.05 -7.79 -23.60
C PRO C 159 -16.77 -8.22 -22.93
N ALA C 160 -16.92 -8.85 -21.77
CA ALA C 160 -15.77 -9.32 -21.01
C ALA C 160 -14.78 -10.08 -21.89
N GLY C 161 -13.52 -9.67 -21.84
CA GLY C 161 -12.48 -10.32 -22.63
C GLY C 161 -12.65 -10.32 -24.13
N CYS C 162 -13.64 -9.58 -24.63
CA CYS C 162 -13.91 -9.54 -26.07
C CYS C 162 -14.46 -10.86 -26.60
N SER C 163 -14.34 -11.92 -25.81
CA SER C 163 -14.74 -13.24 -26.27
C SER C 163 -16.12 -13.49 -26.83
N ASP C 164 -17.13 -13.49 -25.97
CA ASP C 164 -18.49 -13.74 -26.43
C ASP C 164 -19.04 -12.58 -27.24
N HIS C 165 -18.40 -12.32 -28.37
CA HIS C 165 -18.76 -11.26 -29.30
C HIS C 165 -18.57 -11.85 -30.69
N PRO C 166 -19.46 -11.52 -31.64
CA PRO C 166 -19.38 -12.04 -33.01
C PRO C 166 -18.00 -11.99 -33.68
N LEU C 167 -17.29 -10.89 -33.48
CA LEU C 167 -15.97 -10.71 -34.11
C LEU C 167 -14.83 -11.04 -33.15
N GLY C 168 -15.20 -11.43 -31.94
CA GLY C 168 -14.22 -11.74 -30.91
C GLY C 168 -13.26 -12.89 -31.11
N GLY C 169 -13.58 -13.81 -32.01
CA GLY C 169 -12.67 -14.94 -32.21
C GLY C 169 -11.77 -14.81 -33.43
N LEU C 170 -11.97 -13.77 -34.24
CA LEU C 170 -11.19 -13.56 -35.47
C LEU C 170 -9.69 -13.37 -35.24
N GLY C 171 -9.37 -12.44 -34.35
CA GLY C 171 -7.99 -12.15 -34.06
C GLY C 171 -7.13 -13.37 -33.93
N PHE C 172 -7.55 -14.36 -33.14
CA PHE C 172 -6.69 -15.50 -33.00
C PHE C 172 -6.79 -16.55 -34.08
N VAL C 173 -7.67 -16.32 -35.06
CA VAL C 173 -7.69 -17.25 -36.17
C VAL C 173 -6.46 -16.70 -36.91
N GLY C 174 -6.42 -15.38 -37.03
CA GLY C 174 -5.31 -14.71 -37.69
C GLY C 174 -3.98 -15.11 -37.10
N PHE C 175 -3.98 -15.43 -35.81
CA PHE C 175 -2.79 -15.86 -35.10
C PHE C 175 -2.29 -17.18 -35.69
N ALA C 176 -3.21 -18.09 -36.01
CA ALA C 176 -2.82 -19.39 -36.56
C ALA C 176 -2.20 -19.19 -37.93
N GLU C 177 -2.77 -18.22 -38.66
CA GLU C 177 -2.35 -17.83 -40.01
C GLU C 177 -0.93 -17.29 -39.92
N GLU C 178 -0.77 -16.29 -39.05
CA GLU C 178 0.52 -15.68 -38.83
C GLU C 178 1.55 -16.75 -38.46
N VAL C 179 1.18 -17.66 -37.57
CA VAL C 179 2.09 -18.72 -37.18
C VAL C 179 2.53 -19.53 -38.41
N ARG C 180 1.57 -19.97 -39.22
CA ARG C 180 1.93 -20.75 -40.41
C ARG C 180 2.98 -20.02 -41.20
N ALA C 181 2.71 -18.77 -41.53
CA ALA C 181 3.62 -17.92 -42.29
C ALA C 181 5.02 -17.82 -41.69
N GLN C 182 5.10 -17.89 -40.37
CA GLN C 182 6.39 -17.84 -39.66
C GLN C 182 7.01 -19.22 -39.66
N GLU C 183 6.16 -20.25 -39.64
CA GLU C 183 6.67 -21.61 -39.64
C GLU C 183 7.32 -21.94 -40.97
N ALA C 184 7.00 -21.14 -41.97
CA ALA C 184 7.56 -21.33 -43.31
C ALA C 184 9.03 -20.92 -43.25
N GLU C 185 9.69 -21.23 -42.13
CA GLU C 185 11.08 -20.87 -41.94
C GLU C 185 11.91 -22.01 -41.38
N LYS C 189 7.85 -25.99 -38.39
CA LYS C 189 6.51 -26.18 -37.80
C LYS C 189 6.56 -26.54 -36.32
N PHE C 190 5.66 -25.92 -35.56
CA PHE C 190 5.57 -26.18 -34.12
C PHE C 190 4.54 -27.25 -33.95
N ASP C 191 4.81 -28.16 -33.02
CA ASP C 191 3.97 -29.30 -32.73
C ASP C 191 2.76 -29.06 -31.82
N TYR C 192 2.92 -28.16 -30.86
CA TYR C 192 1.84 -27.83 -29.93
C TYR C 192 1.90 -26.37 -29.59
N VAL C 193 0.82 -25.87 -29.02
CA VAL C 193 0.73 -24.49 -28.56
C VAL C 193 0.14 -24.58 -27.17
N VAL C 194 0.68 -23.77 -26.25
CA VAL C 194 0.12 -23.74 -24.91
C VAL C 194 -0.48 -22.34 -24.77
N VAL C 195 -1.72 -22.26 -24.32
CA VAL C 195 -2.37 -20.96 -24.20
C VAL C 195 -3.26 -20.92 -22.95
N CYS C 196 -3.26 -19.79 -22.26
CA CYS C 196 -4.09 -19.65 -21.06
C CYS C 196 -5.50 -19.32 -21.50
N SER C 197 -6.50 -19.91 -20.84
CA SER C 197 -7.88 -19.68 -21.23
C SER C 197 -8.81 -19.31 -20.07
N VAL C 198 -9.59 -18.26 -20.25
CA VAL C 198 -10.56 -17.91 -19.23
C VAL C 198 -11.87 -17.54 -19.90
N THR C 199 -11.90 -16.46 -20.66
CA THR C 199 -13.15 -16.10 -21.30
C THR C 199 -13.33 -16.79 -22.65
N GLY C 200 -12.25 -17.41 -23.14
CA GLY C 200 -12.32 -18.23 -24.35
C GLY C 200 -12.10 -17.91 -25.82
N SER C 201 -12.26 -16.68 -26.27
CA SER C 201 -12.09 -16.44 -27.69
C SER C 201 -10.63 -16.47 -28.14
N THR C 202 -9.68 -16.47 -27.20
CA THR C 202 -8.27 -16.53 -27.59
C THR C 202 -8.05 -17.95 -28.10
N GLN C 203 -8.25 -18.94 -27.23
CA GLN C 203 -8.09 -20.35 -27.64
C GLN C 203 -9.08 -20.72 -28.73
N ALA C 204 -10.30 -20.16 -28.69
CA ALA C 204 -11.28 -20.46 -29.72
C ALA C 204 -10.74 -20.09 -31.10
N GLY C 205 -10.31 -18.85 -31.24
CA GLY C 205 -9.75 -18.38 -32.50
C GLY C 205 -8.63 -19.30 -32.96
N MET C 206 -7.80 -19.72 -32.01
CA MET C 206 -6.71 -20.60 -32.34
C MET C 206 -7.25 -21.92 -32.87
N VAL C 207 -8.21 -22.52 -32.15
CA VAL C 207 -8.81 -23.78 -32.58
C VAL C 207 -9.32 -23.67 -34.02
N VAL C 208 -10.12 -22.66 -34.32
CA VAL C 208 -10.59 -22.49 -35.69
C VAL C 208 -9.38 -22.38 -36.64
N GLY C 209 -8.53 -21.39 -36.41
CA GLY C 209 -7.36 -21.16 -37.23
C GLY C 209 -6.48 -22.38 -37.49
N PHE C 210 -6.26 -23.20 -36.48
CA PHE C 210 -5.43 -24.37 -36.63
C PHE C 210 -6.20 -25.60 -37.13
N ALA C 211 -7.52 -25.54 -37.01
CA ALA C 211 -8.31 -26.65 -37.52
C ALA C 211 -8.08 -26.67 -39.02
N ALA C 212 -7.98 -25.48 -39.63
CA ALA C 212 -7.76 -25.36 -41.06
C ALA C 212 -6.59 -26.20 -41.58
N ASP C 213 -5.54 -26.39 -40.80
CA ASP C 213 -4.43 -27.21 -41.27
C ASP C 213 -4.32 -28.46 -40.40
N GLY C 214 -5.45 -28.85 -39.83
CA GLY C 214 -5.55 -30.04 -39.01
C GLY C 214 -4.83 -30.08 -37.68
N ARG C 215 -4.62 -28.93 -37.04
CA ARG C 215 -3.92 -28.95 -35.78
C ARG C 215 -4.72 -28.43 -34.59
N ALA C 216 -6.05 -28.38 -34.71
CA ALA C 216 -6.88 -27.86 -33.61
C ALA C 216 -6.57 -28.50 -32.29
N ASP C 217 -6.40 -29.83 -32.30
CA ASP C 217 -6.15 -30.51 -31.05
C ASP C 217 -4.72 -30.40 -30.55
N ARG C 218 -3.94 -29.58 -31.24
CA ARG C 218 -2.55 -29.34 -30.86
C ARG C 218 -2.46 -28.10 -29.95
N VAL C 219 -3.58 -27.37 -29.85
CA VAL C 219 -3.66 -26.18 -29.01
C VAL C 219 -4.00 -26.66 -27.61
N ILE C 220 -3.02 -26.68 -26.72
CA ILE C 220 -3.26 -27.14 -25.37
C ILE C 220 -3.66 -25.95 -24.48
N GLY C 221 -4.97 -25.84 -24.24
CA GLY C 221 -5.48 -24.76 -23.41
C GLY C 221 -5.24 -25.10 -21.96
N VAL C 222 -4.95 -24.09 -21.14
CA VAL C 222 -4.73 -24.29 -19.70
C VAL C 222 -5.70 -23.33 -19.02
N ASP C 223 -6.66 -23.92 -18.32
CA ASP C 223 -7.67 -23.18 -17.63
C ASP C 223 -7.12 -22.34 -16.46
N ALA C 224 -7.51 -21.08 -16.41
CA ALA C 224 -7.12 -20.22 -15.29
C ALA C 224 -8.41 -19.69 -14.63
N SER C 225 -9.57 -20.21 -15.06
CA SER C 225 -10.85 -19.77 -14.50
C SER C 225 -11.21 -20.50 -13.24
N ALA C 226 -10.72 -21.72 -13.11
CA ALA C 226 -11.03 -22.59 -11.98
C ALA C 226 -12.50 -23.00 -12.10
N LYS C 227 -13.06 -22.81 -13.29
CA LYS C 227 -14.45 -23.20 -13.64
C LYS C 227 -14.33 -23.84 -15.02
N PRO C 228 -13.51 -24.89 -15.13
CA PRO C 228 -13.27 -25.59 -16.41
C PRO C 228 -14.48 -25.95 -17.31
N ALA C 229 -15.50 -26.53 -16.73
CA ALA C 229 -16.68 -26.91 -17.51
C ALA C 229 -17.25 -25.73 -18.25
N GLN C 230 -17.44 -24.61 -17.56
CA GLN C 230 -18.00 -23.43 -18.20
C GLN C 230 -17.07 -22.89 -19.28
N THR C 231 -15.81 -22.75 -18.90
CA THR C 231 -14.82 -22.22 -19.82
C THR C 231 -14.69 -23.12 -21.07
N ARG C 232 -14.59 -24.42 -20.84
CA ARG C 232 -14.48 -25.37 -21.95
C ARG C 232 -15.64 -25.18 -22.94
N GLU C 233 -16.85 -25.05 -22.38
CA GLU C 233 -18.04 -24.89 -23.21
C GLU C 233 -18.01 -23.57 -23.97
N GLN C 234 -17.49 -22.53 -23.31
CA GLN C 234 -17.39 -21.21 -23.93
C GLN C 234 -16.44 -21.24 -25.12
N ILE C 235 -15.31 -21.89 -24.93
CA ILE C 235 -14.31 -21.99 -26.00
C ILE C 235 -14.94 -22.70 -27.20
N THR C 236 -15.52 -23.87 -26.95
CA THR C 236 -16.16 -24.65 -28.01
C THR C 236 -17.20 -23.87 -28.80
N ARG C 237 -18.08 -23.18 -28.09
CA ARG C 237 -19.14 -22.42 -28.70
C ARG C 237 -18.63 -21.25 -29.53
N ILE C 238 -17.68 -20.52 -28.96
CA ILE C 238 -17.09 -19.40 -29.67
C ILE C 238 -16.39 -19.92 -30.92
N ALA C 239 -15.74 -21.06 -30.79
CA ALA C 239 -15.04 -21.68 -31.90
C ALA C 239 -16.00 -21.97 -33.05
N ARG C 240 -17.05 -22.74 -32.74
CA ARG C 240 -18.06 -23.09 -33.73
C ARG C 240 -18.64 -21.85 -34.39
N GLN C 241 -18.94 -20.82 -33.61
CA GLN C 241 -19.49 -19.61 -34.20
C GLN C 241 -18.43 -18.97 -35.11
N THR C 242 -17.19 -18.91 -34.63
CA THR C 242 -16.14 -18.30 -35.44
C THR C 242 -15.82 -19.15 -36.67
N ALA C 243 -15.82 -20.48 -36.51
CA ALA C 243 -15.55 -21.36 -37.67
C ALA C 243 -16.49 -21.01 -38.82
N GLU C 244 -17.77 -20.91 -38.48
CA GLU C 244 -18.80 -20.56 -39.44
C GLU C 244 -18.58 -19.16 -40.00
N LYS C 245 -18.16 -18.25 -39.14
CA LYS C 245 -17.92 -16.87 -39.52
C LYS C 245 -16.83 -16.79 -40.58
N VAL C 246 -15.79 -17.61 -40.44
CA VAL C 246 -14.70 -17.57 -41.40
C VAL C 246 -14.73 -18.68 -42.44
N GLY C 247 -15.94 -19.22 -42.68
CA GLY C 247 -16.10 -20.26 -43.67
C GLY C 247 -15.19 -21.46 -43.55
N LEU C 248 -14.89 -21.88 -42.33
CA LEU C 248 -14.06 -23.04 -42.09
C LEU C 248 -14.86 -24.23 -42.60
N GLU C 249 -14.41 -24.87 -43.66
CA GLU C 249 -15.17 -26.01 -44.19
C GLU C 249 -15.03 -27.25 -43.32
N ARG C 250 -15.48 -27.13 -42.08
CA ARG C 250 -15.38 -28.26 -41.16
C ARG C 250 -16.11 -27.94 -39.85
N ASP C 251 -16.50 -28.99 -39.13
CA ASP C 251 -17.17 -28.81 -37.84
C ASP C 251 -16.10 -28.89 -36.78
N ILE C 252 -16.30 -28.19 -35.67
CA ILE C 252 -15.34 -28.24 -34.59
C ILE C 252 -15.82 -29.37 -33.67
N MET C 253 -14.99 -30.39 -33.49
CA MET C 253 -15.36 -31.51 -32.63
C MET C 253 -15.10 -31.17 -31.18
N ARG C 254 -15.69 -31.97 -30.31
CA ARG C 254 -15.48 -31.81 -28.89
C ARG C 254 -14.00 -32.17 -28.69
N ALA C 255 -13.49 -33.02 -29.58
CA ALA C 255 -12.12 -33.48 -29.54
C ALA C 255 -11.09 -32.41 -29.89
N ASP C 256 -11.53 -31.37 -30.59
CA ASP C 256 -10.66 -30.29 -31.00
C ASP C 256 -10.36 -29.26 -29.91
N VAL C 257 -11.19 -29.25 -28.87
CA VAL C 257 -11.02 -28.28 -27.80
C VAL C 257 -10.39 -28.89 -26.56
N VAL C 258 -9.09 -28.62 -26.38
CA VAL C 258 -8.33 -29.15 -25.25
C VAL C 258 -8.12 -28.08 -24.16
N LEU C 259 -8.65 -28.36 -22.98
CA LEU C 259 -8.54 -27.47 -21.84
C LEU C 259 -8.11 -28.27 -20.63
N ASP C 260 -6.85 -28.12 -20.25
CA ASP C 260 -6.30 -28.82 -19.08
C ASP C 260 -6.84 -28.08 -17.84
N GLU C 261 -7.18 -28.79 -16.77
CA GLU C 261 -7.77 -28.12 -15.59
C GLU C 261 -6.89 -28.21 -14.34
N ARG C 262 -5.70 -28.76 -14.51
CA ARG C 262 -4.80 -28.97 -13.38
C ARG C 262 -4.10 -27.78 -12.73
N PHE C 263 -3.98 -26.66 -13.43
CA PHE C 263 -3.22 -25.54 -12.89
C PHE C 263 -4.01 -24.25 -12.63
N ALA C 264 -5.32 -24.38 -12.58
CA ALA C 264 -6.21 -23.24 -12.36
C ALA C 264 -6.39 -22.83 -10.89
N GLY C 265 -6.07 -23.73 -9.97
CA GLY C 265 -6.27 -23.46 -8.56
C GLY C 265 -5.51 -22.33 -7.89
N PRO C 266 -6.02 -21.85 -6.74
CA PRO C 266 -7.26 -22.35 -6.13
C PRO C 266 -8.53 -21.69 -6.65
N GLU C 267 -8.39 -20.50 -7.22
CA GLU C 267 -9.51 -19.75 -7.75
C GLU C 267 -9.05 -18.80 -8.84
N TYR C 268 -9.99 -18.29 -9.61
CA TYR C 268 -9.64 -17.31 -10.62
C TYR C 268 -8.96 -16.16 -9.85
N GLY C 269 -7.86 -15.62 -10.38
CA GLY C 269 -7.16 -14.51 -9.73
C GLY C 269 -6.26 -14.84 -8.57
N LEU C 270 -6.26 -16.09 -8.12
CA LEU C 270 -5.40 -16.49 -7.00
C LEU C 270 -4.34 -17.50 -7.48
N PRO C 271 -3.07 -17.26 -7.15
CA PRO C 271 -2.04 -18.20 -7.59
C PRO C 271 -1.82 -19.31 -6.58
N ASN C 272 -1.28 -20.44 -7.01
CA ASN C 272 -0.96 -21.49 -6.05
C ASN C 272 0.57 -21.48 -5.98
N GLU C 273 1.16 -22.22 -5.05
CA GLU C 273 2.62 -22.25 -4.93
C GLU C 273 3.25 -22.69 -6.24
N GLY C 274 2.50 -23.45 -7.03
CA GLY C 274 2.99 -23.91 -8.31
C GLY C 274 3.08 -22.74 -9.27
N THR C 275 2.04 -21.94 -9.29
CA THR C 275 2.04 -20.77 -10.15
C THR C 275 3.30 -19.94 -9.85
N LEU C 276 3.52 -19.64 -8.58
CA LEU C 276 4.65 -18.84 -8.13
C LEU C 276 6.01 -19.40 -8.53
N GLU C 277 6.24 -20.69 -8.28
CA GLU C 277 7.50 -21.31 -8.64
C GLU C 277 7.68 -21.21 -10.15
N ALA C 278 6.60 -21.42 -10.89
CA ALA C 278 6.66 -21.35 -12.34
C ALA C 278 7.05 -19.94 -12.79
N ILE C 279 6.41 -18.92 -12.21
CA ILE C 279 6.73 -17.54 -12.57
C ILE C 279 8.22 -17.28 -12.33
N ARG C 280 8.71 -17.70 -11.16
CA ARG C 280 10.10 -17.49 -10.80
C ARG C 280 11.08 -18.25 -11.70
N LEU C 281 10.75 -19.50 -12.00
CA LEU C 281 11.62 -20.32 -12.85
C LEU C 281 11.73 -19.71 -14.22
N CYS C 282 10.59 -19.45 -14.84
CA CYS C 282 10.63 -18.88 -16.17
C CYS C 282 11.33 -17.53 -16.17
N ALA C 283 11.07 -16.72 -15.15
CA ALA C 283 11.70 -15.41 -15.10
C ALA C 283 13.23 -15.52 -14.92
N ARG C 284 13.66 -16.40 -14.02
CA ARG C 284 15.08 -16.53 -13.76
C ARG C 284 15.91 -17.26 -14.81
N THR C 285 15.25 -17.94 -15.75
CA THR C 285 15.98 -18.65 -16.79
C THR C 285 15.94 -17.93 -18.12
N GLU C 286 14.86 -17.19 -18.37
CA GLU C 286 14.69 -16.50 -19.64
C GLU C 286 14.53 -15.01 -19.57
N GLY C 287 14.37 -14.48 -18.36
CA GLY C 287 14.19 -13.05 -18.19
C GLY C 287 12.82 -12.66 -18.68
N MET C 288 11.94 -13.66 -18.79
CA MET C 288 10.58 -13.43 -19.25
C MET C 288 9.60 -13.53 -18.06
N LEU C 289 8.92 -12.42 -17.79
CA LEU C 289 7.97 -12.35 -16.68
C LEU C 289 6.57 -12.83 -17.06
N THR C 290 5.89 -13.45 -16.11
CA THR C 290 4.49 -13.93 -16.31
C THR C 290 3.77 -13.49 -15.04
N ASP C 291 2.44 -13.56 -15.01
CA ASP C 291 1.67 -13.08 -13.86
C ASP C 291 0.99 -14.18 -13.07
N PRO C 292 0.58 -13.87 -11.83
CA PRO C 292 -0.09 -14.81 -10.94
C PRO C 292 -1.51 -15.17 -11.34
N VAL C 293 -2.12 -14.45 -12.26
CA VAL C 293 -3.50 -14.74 -12.63
C VAL C 293 -3.66 -15.60 -13.88
N TYR C 294 -3.00 -15.18 -14.95
CA TYR C 294 -3.09 -15.82 -16.26
C TYR C 294 -1.88 -16.60 -16.74
N GLU C 295 -0.92 -15.88 -17.32
CA GLU C 295 0.27 -16.53 -17.87
C GLU C 295 1.07 -17.38 -16.91
N GLY C 296 1.12 -17.02 -15.63
CA GLY C 296 1.88 -17.83 -14.70
C GLY C 296 1.29 -19.23 -14.56
N LYS C 297 -0.02 -19.33 -14.75
CA LYS C 297 -0.69 -20.62 -14.61
C LYS C 297 -0.46 -21.49 -15.84
N SER C 298 -0.45 -20.88 -17.03
CA SER C 298 -0.20 -21.64 -18.25
C SER C 298 1.29 -21.97 -18.37
N MET C 299 2.14 -21.13 -17.75
CA MET C 299 3.58 -21.37 -17.76
C MET C 299 3.80 -22.57 -16.86
N HIS C 300 3.08 -22.58 -15.74
CA HIS C 300 3.13 -23.67 -14.77
C HIS C 300 2.62 -24.94 -15.48
N GLY C 301 1.67 -24.76 -16.39
CA GLY C 301 1.09 -25.87 -17.11
C GLY C 301 2.14 -26.49 -18.01
N MET C 302 2.67 -25.68 -18.92
CA MET C 302 3.69 -26.14 -19.87
C MET C 302 4.85 -26.83 -19.15
N ILE C 303 5.42 -26.18 -18.13
CA ILE C 303 6.54 -26.73 -17.37
C ILE C 303 6.23 -28.06 -16.71
N GLU C 304 5.03 -28.17 -16.15
CA GLU C 304 4.60 -29.39 -15.48
C GLU C 304 4.35 -30.50 -16.50
N MET C 305 3.85 -30.14 -17.68
CA MET C 305 3.60 -31.12 -18.73
C MET C 305 4.94 -31.68 -19.21
N VAL C 306 5.87 -30.77 -19.51
CA VAL C 306 7.18 -31.16 -19.97
C VAL C 306 7.86 -31.99 -18.89
N ARG C 307 7.67 -31.58 -17.63
CA ARG C 307 8.28 -32.30 -16.53
C ARG C 307 7.75 -33.71 -16.39
N ASN C 308 6.47 -33.90 -16.69
CA ASN C 308 5.84 -35.20 -16.58
C ASN C 308 6.02 -36.06 -17.84
N GLY C 309 6.55 -35.46 -18.89
CA GLY C 309 6.77 -36.21 -20.12
C GLY C 309 5.51 -36.41 -20.95
N GLU C 310 4.56 -35.50 -20.82
CA GLU C 310 3.33 -35.59 -21.59
C GLU C 310 3.61 -35.12 -23.00
N PHE C 311 4.81 -34.58 -23.19
CA PHE C 311 5.25 -34.13 -24.50
C PHE C 311 6.21 -35.17 -25.08
N PRO C 312 5.93 -35.63 -26.31
CA PRO C 312 6.82 -36.61 -26.92
C PRO C 312 8.21 -35.99 -27.01
N GLU C 313 9.25 -36.78 -26.78
CA GLU C 313 10.60 -36.26 -26.84
C GLU C 313 10.82 -35.62 -28.22
N GLY C 314 11.50 -34.48 -28.23
CA GLY C 314 11.77 -33.80 -29.49
C GLY C 314 10.72 -32.82 -29.94
N SER C 315 9.57 -32.81 -29.26
CA SER C 315 8.48 -31.90 -29.63
C SER C 315 8.89 -30.43 -29.43
N ARG C 316 8.33 -29.57 -30.28
CA ARG C 316 8.57 -28.13 -30.20
C ARG C 316 7.26 -27.50 -29.73
N VAL C 317 7.26 -26.94 -28.52
CA VAL C 317 6.07 -26.32 -27.94
C VAL C 317 6.09 -24.78 -28.02
N LEU C 318 5.07 -24.21 -28.65
CA LEU C 318 4.95 -22.77 -28.78
C LEU C 318 4.07 -22.23 -27.64
N TYR C 319 4.68 -21.54 -26.68
CA TYR C 319 3.94 -20.97 -25.56
C TYR C 319 3.46 -19.60 -26.01
N ALA C 320 2.15 -19.36 -25.97
CA ALA C 320 1.66 -18.05 -26.36
C ALA C 320 1.60 -17.16 -25.12
N HIS C 321 2.45 -16.13 -25.08
CA HIS C 321 2.46 -15.23 -23.93
C HIS C 321 1.44 -14.16 -24.23
N LEU C 322 0.27 -14.26 -23.60
CA LEU C 322 -0.82 -13.33 -23.86
C LEU C 322 -0.72 -11.95 -23.21
N GLY C 323 0.20 -11.81 -22.26
CA GLY C 323 0.41 -10.51 -21.61
C GLY C 323 0.15 -10.54 -20.13
N GLY C 324 -0.52 -9.50 -19.62
CA GLY C 324 -0.89 -9.48 -18.20
C GLY C 324 0.11 -9.17 -17.11
N VAL C 325 1.36 -8.95 -17.47
CA VAL C 325 2.38 -8.70 -16.46
C VAL C 325 2.09 -7.51 -15.52
N PRO C 326 1.51 -6.42 -16.03
CA PRO C 326 1.24 -5.30 -15.09
C PRO C 326 0.49 -5.67 -13.80
N ALA C 327 -0.24 -6.79 -13.82
CA ALA C 327 -1.02 -7.21 -12.66
C ALA C 327 -0.15 -7.62 -11.48
N LEU C 328 1.12 -7.85 -11.75
CA LEU C 328 2.04 -8.24 -10.68
C LEU C 328 2.01 -7.19 -9.57
N ASN C 329 1.81 -5.93 -9.96
CA ASN C 329 1.80 -4.82 -9.00
C ASN C 329 0.76 -4.94 -7.91
N GLY C 330 -0.30 -5.71 -8.18
CA GLY C 330 -1.32 -5.90 -7.18
C GLY C 330 -1.05 -7.07 -6.24
N TYR C 331 0.07 -7.77 -6.47
CA TYR C 331 0.44 -8.92 -5.63
C TYR C 331 1.86 -8.69 -5.10
N SER C 332 2.13 -7.47 -4.64
CA SER C 332 3.48 -7.14 -4.16
C SER C 332 3.98 -7.89 -2.92
N PHE C 333 3.09 -8.22 -1.99
CA PHE C 333 3.50 -8.88 -0.76
C PHE C 333 4.08 -10.29 -1.00
N ILE C 334 3.44 -11.01 -1.90
CA ILE C 334 3.84 -12.36 -2.28
C ILE C 334 5.25 -12.40 -2.86
N PHE C 335 5.63 -11.33 -3.55
CA PHE C 335 6.93 -11.25 -4.18
C PHE C 335 7.91 -10.33 -3.48
N ARG C 336 7.58 -9.95 -2.25
CA ARG C 336 8.43 -9.02 -1.51
C ARG C 336 9.90 -9.44 -1.40
N ASP C 337 10.16 -10.75 -1.40
CA ASP C 337 11.52 -11.26 -1.31
C ASP C 337 11.82 -12.03 -2.59
N GLY C 338 11.15 -11.68 -3.69
CA GLY C 338 11.36 -12.40 -4.93
C GLY C 338 10.22 -13.37 -5.17
N MET D 1 32.65 7.62 -39.43
CA MET D 1 32.98 6.87 -38.19
C MET D 1 32.73 5.37 -38.37
N ASN D 2 33.19 4.58 -37.41
CA ASN D 2 33.02 3.14 -37.48
C ASN D 2 32.50 2.53 -36.18
N LEU D 3 31.17 2.44 -36.09
CA LEU D 3 30.52 1.87 -34.91
C LEU D 3 30.71 0.35 -34.99
N GLN D 4 30.55 -0.18 -36.19
CA GLN D 4 30.68 -1.61 -36.46
C GLN D 4 31.89 -2.32 -35.85
N ARG D 5 32.94 -1.60 -35.51
CA ARG D 5 34.10 -2.24 -34.91
C ARG D 5 33.73 -2.98 -33.61
N PHE D 6 32.64 -2.58 -32.97
CA PHE D 6 32.25 -3.20 -31.70
C PHE D 6 31.13 -4.22 -31.80
N PRO D 7 31.30 -5.35 -31.09
CA PRO D 7 30.31 -6.43 -31.08
C PRO D 7 29.05 -6.10 -30.27
N ARG D 8 27.89 -6.20 -30.92
CA ARG D 8 26.60 -5.92 -30.30
C ARG D 8 25.86 -7.21 -29.94
N TYR D 9 25.63 -7.45 -28.65
CA TYR D 9 24.89 -8.65 -28.27
C TYR D 9 23.40 -8.35 -28.42
N PRO D 10 22.67 -9.19 -29.16
CA PRO D 10 21.23 -8.99 -29.38
C PRO D 10 20.41 -9.16 -28.11
N LEU D 11 19.72 -8.11 -27.68
CA LEU D 11 18.89 -8.21 -26.48
C LEU D 11 17.54 -7.58 -26.80
N THR D 12 17.42 -7.11 -28.03
CA THR D 12 16.21 -6.44 -28.51
C THR D 12 15.54 -7.23 -29.65
N PHE D 13 14.34 -6.81 -30.03
CA PHE D 13 13.64 -7.51 -31.11
C PHE D 13 14.21 -7.05 -32.45
N GLY D 14 14.93 -5.92 -32.43
CA GLY D 14 15.49 -5.35 -33.63
C GLY D 14 15.24 -3.85 -33.62
N PRO D 15 15.40 -3.18 -34.77
CA PRO D 15 15.15 -1.74 -34.75
C PRO D 15 13.79 -1.42 -34.14
N THR D 16 13.71 -0.33 -33.42
CA THR D 16 12.48 0.09 -32.78
C THR D 16 11.63 0.91 -33.73
N PRO D 17 10.30 0.74 -33.68
CA PRO D 17 9.42 1.49 -34.58
C PRO D 17 9.21 2.98 -34.34
N ILE D 18 8.87 3.68 -35.42
CA ILE D 18 8.60 5.10 -35.33
C ILE D 18 7.12 5.28 -35.68
N GLN D 19 6.37 5.87 -34.75
CA GLN D 19 4.94 6.09 -34.95
C GLN D 19 4.62 7.59 -34.96
N PRO D 20 3.64 8.01 -35.77
CA PRO D 20 3.31 9.44 -35.76
C PRO D 20 2.41 9.72 -34.57
N LEU D 21 2.46 10.93 -34.03
CA LEU D 21 1.60 11.29 -32.92
C LEU D 21 0.67 12.30 -33.53
N ALA D 22 -0.11 11.81 -34.48
CA ALA D 22 -1.04 12.62 -35.22
C ALA D 22 -2.03 13.38 -34.36
N ARG D 23 -2.63 12.69 -33.38
CA ARG D 23 -3.62 13.34 -32.54
C ARG D 23 -2.99 14.40 -31.66
N LEU D 24 -1.92 14.05 -30.97
CA LEU D 24 -1.26 15.03 -30.12
C LEU D 24 -0.84 16.25 -30.97
N SER D 25 -0.34 15.98 -32.16
CA SER D 25 0.10 17.06 -33.05
C SER D 25 -1.06 18.01 -33.40
N LYS D 26 -2.18 17.43 -33.80
CA LYS D 26 -3.34 18.22 -34.16
C LYS D 26 -3.83 18.95 -32.91
N HIS D 27 -3.80 18.25 -31.77
CA HIS D 27 -4.25 18.86 -30.53
C HIS D 27 -3.49 20.15 -30.22
N LEU D 28 -2.19 20.16 -30.48
CA LEU D 28 -1.39 21.35 -30.20
C LEU D 28 -1.35 22.35 -31.36
N GLY D 29 -2.28 22.23 -32.31
CA GLY D 29 -2.31 23.18 -33.41
C GLY D 29 -1.86 22.64 -34.77
N GLY D 30 -1.36 21.41 -34.80
CA GLY D 30 -0.93 20.79 -36.04
C GLY D 30 0.15 21.50 -36.84
N LYS D 31 0.86 22.44 -36.22
CA LYS D 31 1.92 23.18 -36.91
C LYS D 31 3.24 22.41 -36.87
N VAL D 32 3.32 21.42 -36.00
CA VAL D 32 4.52 20.60 -35.87
C VAL D 32 4.12 19.13 -35.88
N HIS D 33 4.85 18.33 -36.65
CA HIS D 33 4.58 16.91 -36.76
C HIS D 33 5.44 16.13 -35.76
N LEU D 34 4.78 15.55 -34.78
CA LEU D 34 5.44 14.79 -33.73
C LEU D 34 5.39 13.31 -34.01
N TYR D 35 6.45 12.61 -33.68
CA TYR D 35 6.52 11.19 -33.91
C TYR D 35 7.21 10.58 -32.70
N ALA D 36 7.02 9.29 -32.48
CA ALA D 36 7.70 8.69 -31.35
C ALA D 36 8.49 7.49 -31.81
N LYS D 37 9.70 7.33 -31.29
CA LYS D 37 10.49 6.15 -31.60
C LYS D 37 10.38 5.36 -30.31
N ARG D 38 9.80 4.16 -30.41
CA ARG D 38 9.52 3.34 -29.25
C ARG D 38 10.60 2.46 -28.66
N GLU D 39 11.61 3.08 -28.06
CA GLU D 39 12.67 2.31 -27.39
C GLU D 39 12.04 1.53 -26.22
N ASP D 40 10.92 2.04 -25.72
CA ASP D 40 10.23 1.38 -24.61
C ASP D 40 9.63 0.00 -24.98
N CYS D 41 9.58 -0.33 -26.27
CA CYS D 41 9.02 -1.62 -26.69
C CYS D 41 10.07 -2.44 -27.43
N ASN D 42 11.34 -2.17 -27.14
CA ASN D 42 12.45 -2.82 -27.81
C ASN D 42 12.77 -4.23 -27.36
N SER D 43 12.26 -4.68 -26.23
CA SER D 43 12.67 -6.02 -25.76
C SER D 43 11.63 -6.80 -24.98
N GLY D 44 11.75 -8.13 -25.01
CA GLY D 44 10.84 -9.00 -24.29
C GLY D 44 11.40 -9.33 -22.93
N LEU D 45 12.53 -8.70 -22.61
CA LEU D 45 13.18 -8.89 -21.34
C LEU D 45 12.66 -7.81 -20.37
N ALA D 46 11.59 -8.15 -19.64
CA ALA D 46 10.96 -7.25 -18.67
C ALA D 46 10.73 -5.83 -19.15
N PHE D 47 10.14 -5.70 -20.33
CA PHE D 47 9.82 -4.41 -20.89
C PHE D 47 10.96 -3.61 -21.52
N GLY D 48 12.19 -3.97 -21.22
CA GLY D 48 13.31 -3.24 -21.81
C GLY D 48 13.33 -1.72 -21.67
N GLY D 49 13.74 -1.04 -22.73
CA GLY D 49 13.84 0.42 -22.72
C GLY D 49 15.24 0.85 -23.19
N ASN D 50 15.56 2.14 -23.11
CA ASN D 50 16.86 2.63 -23.58
C ASN D 50 18.06 1.91 -23.00
N LYS D 51 17.99 1.58 -21.73
CA LYS D 51 19.09 0.90 -21.07
C LYS D 51 19.48 -0.41 -21.77
N THR D 52 18.48 -1.07 -22.33
CA THR D 52 18.71 -2.32 -23.03
C THR D 52 19.47 -2.08 -24.32
N ARG D 53 19.21 -0.97 -25.01
CA ARG D 53 19.97 -0.70 -26.23
C ARG D 53 21.43 -0.47 -25.80
N LYS D 54 21.64 0.27 -24.72
CA LYS D 54 22.98 0.53 -24.19
C LYS D 54 23.70 -0.79 -23.88
N LEU D 55 23.03 -1.66 -23.14
CA LEU D 55 23.59 -2.94 -22.73
C LEU D 55 24.01 -3.92 -23.84
N GLU D 56 23.45 -3.83 -25.03
CA GLU D 56 23.85 -4.76 -26.07
C GLU D 56 25.36 -4.63 -26.37
N TYR D 57 25.94 -3.44 -26.15
CA TYR D 57 27.37 -3.24 -26.40
C TYR D 57 28.29 -3.55 -25.20
N LEU D 58 27.72 -3.65 -24.02
CA LEU D 58 28.54 -3.96 -22.87
C LEU D 58 28.66 -5.47 -22.61
N ILE D 59 27.61 -6.22 -22.96
CA ILE D 59 27.60 -7.66 -22.71
C ILE D 59 28.71 -8.47 -23.41
N PRO D 60 29.04 -8.15 -24.66
CA PRO D 60 30.11 -8.94 -25.30
C PRO D 60 31.37 -8.92 -24.42
N GLU D 61 31.70 -7.75 -23.88
CA GLU D 61 32.88 -7.60 -23.02
C GLU D 61 32.74 -8.41 -21.75
N ALA D 62 31.55 -8.38 -21.15
CA ALA D 62 31.34 -9.11 -19.92
C ALA D 62 31.57 -10.59 -20.22
N LEU D 63 31.07 -11.02 -21.38
CA LEU D 63 31.23 -12.42 -21.77
C LEU D 63 32.71 -12.69 -22.08
N ALA D 64 33.29 -11.86 -22.95
CA ALA D 64 34.69 -12.03 -23.31
C ALA D 64 35.56 -12.15 -22.05
N GLN D 65 35.25 -11.34 -21.04
CA GLN D 65 36.01 -11.35 -19.80
C GLN D 65 35.69 -12.53 -18.90
N GLY D 66 34.68 -13.32 -19.28
CA GLY D 66 34.31 -14.46 -18.47
C GLY D 66 33.64 -14.13 -17.14
N CYS D 67 33.04 -12.95 -17.04
CA CYS D 67 32.34 -12.58 -15.81
C CYS D 67 31.13 -13.47 -15.69
N ASP D 68 30.68 -13.73 -14.48
CA ASP D 68 29.52 -14.58 -14.29
C ASP D 68 28.41 -13.85 -13.54
N THR D 69 28.68 -12.62 -13.11
CA THR D 69 27.70 -11.85 -12.36
C THR D 69 27.61 -10.42 -12.86
N LEU D 70 26.40 -9.93 -13.11
CA LEU D 70 26.29 -8.55 -13.53
C LEU D 70 25.95 -7.77 -12.28
N VAL D 71 26.67 -6.68 -12.05
CA VAL D 71 26.45 -5.87 -10.86
C VAL D 71 26.14 -4.44 -11.29
N SER D 72 25.02 -3.89 -10.80
CA SER D 72 24.72 -2.52 -11.18
C SER D 72 24.14 -1.73 -10.03
N ILE D 73 23.69 -0.52 -10.32
CA ILE D 73 23.21 0.35 -9.26
C ILE D 73 22.20 1.38 -9.74
N GLY D 74 21.30 1.78 -8.84
CA GLY D 74 20.30 2.77 -9.19
C GLY D 74 19.37 3.06 -8.02
N GLY D 75 18.47 4.01 -8.20
CA GLY D 75 17.52 4.32 -7.15
C GLY D 75 16.53 3.18 -6.99
N ILE D 76 15.60 3.30 -6.05
CA ILE D 76 14.62 2.25 -5.79
C ILE D 76 13.82 1.85 -7.04
N GLN D 77 13.34 2.83 -7.77
CA GLN D 77 12.58 2.54 -8.97
C GLN D 77 13.41 2.64 -10.25
N SER D 78 14.73 2.41 -10.12
CA SER D 78 15.63 2.43 -11.27
C SER D 78 15.16 1.47 -12.38
N ASN D 79 15.16 1.94 -13.62
CA ASN D 79 14.77 1.11 -14.76
C ASN D 79 15.98 0.28 -15.16
N GLN D 80 17.14 0.90 -15.04
CA GLN D 80 18.41 0.28 -15.37
C GLN D 80 18.63 -1.02 -14.63
N THR D 81 18.45 -1.01 -13.30
CA THR D 81 18.69 -2.21 -12.52
C THR D 81 17.68 -3.32 -12.86
N ARG D 82 16.49 -2.94 -13.33
CA ARG D 82 15.50 -3.98 -13.65
C ARG D 82 15.90 -4.63 -14.97
N GLN D 83 16.38 -3.83 -15.91
CA GLN D 83 16.80 -4.36 -17.18
C GLN D 83 18.06 -5.20 -17.01
N VAL D 84 18.96 -4.76 -16.14
CA VAL D 84 20.17 -5.53 -15.91
C VAL D 84 19.82 -6.90 -15.33
N ALA D 85 18.84 -6.94 -14.44
CA ALA D 85 18.44 -8.21 -13.82
C ALA D 85 17.82 -9.18 -14.86
N ALA D 86 17.11 -8.63 -15.83
CA ALA D 86 16.46 -9.42 -16.87
C ALA D 86 17.48 -9.94 -17.88
N VAL D 87 18.46 -9.10 -18.20
CA VAL D 87 19.51 -9.49 -19.13
C VAL D 87 20.36 -10.58 -18.48
N ALA D 88 20.65 -10.43 -17.19
CA ALA D 88 21.44 -11.43 -16.49
C ALA D 88 20.75 -12.78 -16.55
N ALA D 89 19.49 -12.81 -16.10
CA ALA D 89 18.73 -14.04 -16.13
C ALA D 89 18.77 -14.66 -17.51
N HIS D 90 18.46 -13.86 -18.53
CA HIS D 90 18.46 -14.32 -19.91
C HIS D 90 19.82 -14.89 -20.33
N LEU D 91 20.89 -14.21 -19.91
CA LEU D 91 22.25 -14.64 -20.24
C LEU D 91 22.73 -15.78 -19.35
N GLY D 92 22.02 -16.05 -18.27
CA GLY D 92 22.45 -17.11 -17.38
C GLY D 92 23.46 -16.63 -16.35
N MET D 93 23.55 -15.31 -16.16
CA MET D 93 24.48 -14.74 -15.19
C MET D 93 23.78 -14.33 -13.91
N LYS D 94 24.52 -14.35 -12.80
CA LYS D 94 24.00 -13.94 -11.51
C LYS D 94 23.86 -12.42 -11.54
N CYS D 95 23.11 -11.85 -10.61
CA CYS D 95 22.93 -10.41 -10.61
C CYS D 95 22.87 -9.80 -9.22
N VAL D 96 23.69 -8.77 -8.99
CA VAL D 96 23.73 -8.07 -7.72
C VAL D 96 23.39 -6.62 -8.02
N LEU D 97 22.40 -6.10 -7.30
CA LEU D 97 21.93 -4.75 -7.53
C LEU D 97 21.99 -3.89 -6.27
N VAL D 98 22.70 -2.78 -6.37
CA VAL D 98 22.80 -1.85 -5.25
C VAL D 98 21.72 -0.77 -5.46
N GLN D 99 20.69 -0.78 -4.61
CA GLN D 99 19.62 0.20 -4.72
C GLN D 99 19.64 1.14 -3.52
N GLU D 100 19.68 2.44 -3.79
CA GLU D 100 19.72 3.44 -2.74
C GLU D 100 18.55 4.38 -3.01
N ASN D 101 18.06 5.07 -2.00
CA ASN D 101 16.95 5.96 -2.29
C ASN D 101 17.50 7.28 -2.76
N TRP D 102 17.45 7.49 -4.06
CA TRP D 102 17.95 8.70 -4.67
C TRP D 102 16.88 9.75 -4.78
N VAL D 103 15.70 9.48 -4.26
CA VAL D 103 14.62 10.44 -4.36
C VAL D 103 14.04 10.79 -3.00
N ASN D 104 13.65 12.06 -2.84
CA ASN D 104 13.02 12.49 -1.59
C ASN D 104 11.57 12.19 -1.79
N TYR D 105 11.24 10.93 -1.52
CA TYR D 105 9.89 10.44 -1.74
C TYR D 105 9.78 9.23 -0.83
N SER D 106 8.57 8.88 -0.40
CA SER D 106 8.44 7.77 0.53
C SER D 106 7.12 7.01 0.50
N ASP D 107 6.67 6.70 -0.70
CA ASP D 107 5.43 5.97 -0.88
C ASP D 107 5.47 4.59 -0.19
N ALA D 108 4.36 4.18 0.41
CA ALA D 108 4.25 2.93 1.11
C ALA D 108 4.71 1.65 0.40
N VAL D 109 4.56 1.59 -0.93
CA VAL D 109 4.93 0.38 -1.68
C VAL D 109 6.06 0.67 -2.66
N TYR D 110 6.77 1.74 -2.39
CA TYR D 110 7.84 2.20 -3.25
C TYR D 110 8.90 1.17 -3.59
N ASP D 111 9.26 0.35 -2.62
CA ASP D 111 10.29 -0.66 -2.82
C ASP D 111 9.74 -2.06 -3.05
N ARG D 112 8.46 -2.15 -3.42
CA ARG D 112 7.78 -3.43 -3.63
C ARG D 112 6.99 -3.59 -4.92
N VAL D 113 6.92 -2.54 -5.73
CA VAL D 113 6.20 -2.65 -6.98
C VAL D 113 7.06 -2.19 -8.13
N GLY D 114 6.48 -2.17 -9.32
CA GLY D 114 7.21 -1.67 -10.46
C GLY D 114 8.53 -2.34 -10.76
N ASN D 115 9.58 -1.53 -10.98
CA ASN D 115 10.89 -2.07 -11.35
C ASN D 115 11.55 -2.97 -10.33
N ILE D 116 11.58 -2.56 -9.08
CA ILE D 116 12.25 -3.36 -8.08
C ILE D 116 11.58 -4.71 -7.83
N GLN D 117 10.25 -4.74 -7.93
CA GLN D 117 9.56 -6.00 -7.78
C GLN D 117 10.04 -6.96 -8.89
N MET D 118 10.05 -6.47 -10.11
CA MET D 118 10.51 -7.28 -11.23
C MET D 118 11.93 -7.80 -11.01
N SER D 119 12.83 -6.94 -10.56
CA SER D 119 14.19 -7.38 -10.32
C SER D 119 14.26 -8.55 -9.35
N ARG D 120 13.47 -8.51 -8.28
CA ARG D 120 13.51 -9.61 -7.31
C ARG D 120 12.93 -10.89 -7.93
N ILE D 121 11.87 -10.75 -8.73
CA ILE D 121 11.29 -11.92 -9.36
C ILE D 121 12.26 -12.49 -10.38
N LEU D 122 12.99 -11.61 -11.06
CA LEU D 122 13.98 -12.02 -12.07
C LEU D 122 15.21 -12.68 -11.44
N GLY D 123 15.21 -12.82 -10.12
CA GLY D 123 16.31 -13.45 -9.44
C GLY D 123 17.49 -12.61 -8.98
N ALA D 124 17.45 -11.29 -9.15
CA ALA D 124 18.59 -10.45 -8.71
C ALA D 124 18.64 -10.38 -7.19
N ASP D 125 19.85 -10.14 -6.68
CA ASP D 125 20.05 -9.98 -5.25
C ASP D 125 19.99 -8.47 -5.10
N VAL D 126 18.85 -8.01 -4.63
CA VAL D 126 18.57 -6.58 -4.47
C VAL D 126 18.98 -6.14 -3.06
N ARG D 127 20.05 -5.36 -3.01
CA ARG D 127 20.55 -4.85 -1.75
C ARG D 127 20.18 -3.39 -1.55
N LEU D 128 19.33 -3.14 -0.58
CA LEU D 128 18.89 -1.78 -0.26
C LEU D 128 19.76 -1.23 0.86
N VAL D 129 20.13 0.04 0.78
CA VAL D 129 20.97 0.68 1.80
C VAL D 129 20.14 1.61 2.70
N ARG D 139 31.53 1.44 1.56
CA ARG D 139 31.10 2.10 0.33
C ARG D 139 30.26 1.18 -0.55
N SER D 140 28.98 1.51 -0.65
CA SER D 140 27.98 0.79 -1.42
C SER D 140 28.51 -0.04 -2.61
N TRP D 141 28.67 0.63 -3.75
CA TRP D 141 29.16 0.04 -5.00
C TRP D 141 30.33 -0.92 -4.81
N GLU D 142 31.46 -0.37 -4.38
CA GLU D 142 32.68 -1.14 -4.16
C GLU D 142 32.44 -2.41 -3.33
N ASP D 143 31.74 -2.27 -2.21
CA ASP D 143 31.45 -3.42 -1.36
C ASP D 143 30.83 -4.54 -2.18
N ALA D 144 29.79 -4.20 -2.94
CA ALA D 144 29.09 -5.17 -3.76
C ALA D 144 30.06 -5.91 -4.67
N LEU D 145 30.81 -5.16 -5.45
CA LEU D 145 31.77 -5.76 -6.35
C LEU D 145 32.72 -6.71 -5.64
N GLU D 146 33.23 -6.27 -4.49
CA GLU D 146 34.17 -7.09 -3.72
C GLU D 146 33.53 -8.40 -3.27
N SER D 147 32.35 -8.29 -2.67
CA SER D 147 31.62 -9.45 -2.18
C SER D 147 31.45 -10.53 -3.24
N VAL D 148 31.30 -10.12 -4.49
CA VAL D 148 31.12 -11.10 -5.55
C VAL D 148 32.41 -11.89 -5.75
N ARG D 149 33.55 -11.20 -5.76
CA ARG D 149 34.83 -11.87 -5.92
C ARG D 149 35.04 -12.82 -4.74
N ALA D 150 34.78 -12.30 -3.55
CA ALA D 150 34.92 -13.08 -2.33
C ALA D 150 34.07 -14.34 -2.34
N ALA D 151 33.01 -14.33 -3.14
CA ALA D 151 32.12 -15.50 -3.24
C ALA D 151 32.64 -16.43 -4.31
N GLY D 152 33.68 -15.97 -5.01
CA GLY D 152 34.26 -16.78 -6.07
C GLY D 152 33.60 -16.51 -7.41
N GLY D 153 33.19 -15.27 -7.63
CA GLY D 153 32.59 -14.95 -8.90
C GLY D 153 33.34 -13.83 -9.55
N LYS D 154 33.07 -13.57 -10.82
CA LYS D 154 33.73 -12.48 -11.50
C LYS D 154 32.64 -11.53 -11.96
N PRO D 155 32.51 -10.39 -11.26
CA PRO D 155 31.50 -9.40 -11.59
C PRO D 155 31.84 -8.45 -12.71
N TYR D 156 30.84 -8.08 -13.49
CA TYR D 156 31.03 -7.11 -14.55
C TYR D 156 30.35 -5.86 -13.97
N ALA D 157 31.14 -4.82 -13.71
CA ALA D 157 30.62 -3.60 -13.14
C ALA D 157 29.86 -2.75 -14.15
N ILE D 158 28.60 -2.42 -13.82
CA ILE D 158 27.78 -1.60 -14.69
C ILE D 158 27.32 -0.34 -13.90
N PRO D 159 27.97 0.79 -14.16
CA PRO D 159 27.67 2.07 -13.49
C PRO D 159 26.23 2.53 -13.72
N ALA D 160 25.78 3.49 -12.90
CA ALA D 160 24.45 4.04 -13.03
C ALA D 160 24.14 4.39 -14.48
N GLY D 161 22.99 3.93 -14.96
CA GLY D 161 22.56 4.18 -16.31
C GLY D 161 23.47 3.70 -17.42
N CYS D 162 24.51 2.94 -17.08
CA CYS D 162 25.48 2.49 -18.09
C CYS D 162 26.30 3.64 -18.63
N SER D 163 25.97 4.86 -18.22
CA SER D 163 26.61 6.07 -18.74
C SER D 163 28.10 6.39 -18.55
N ASP D 164 28.66 6.15 -17.37
CA ASP D 164 30.07 6.43 -17.20
C ASP D 164 30.85 5.15 -17.42
N HIS D 165 30.61 4.56 -18.59
CA HIS D 165 31.28 3.33 -18.94
C HIS D 165 31.85 3.61 -20.30
N PRO D 166 33.03 3.05 -20.59
CA PRO D 166 33.63 3.28 -21.91
C PRO D 166 32.72 2.87 -23.06
N LEU D 167 31.92 1.82 -22.84
CA LEU D 167 31.02 1.33 -23.88
C LEU D 167 29.60 1.88 -23.82
N GLY D 168 29.27 2.50 -22.70
CA GLY D 168 27.94 3.04 -22.47
C GLY D 168 27.34 3.98 -23.50
N GLY D 169 28.18 4.59 -24.32
CA GLY D 169 27.65 5.54 -25.28
C GLY D 169 27.40 4.98 -26.67
N LEU D 170 27.82 3.75 -26.90
CA LEU D 170 27.68 3.13 -28.21
C LEU D 170 26.24 2.85 -28.64
N GLY D 171 25.45 2.26 -27.76
CA GLY D 171 24.08 1.96 -28.09
C GLY D 171 23.38 3.09 -28.84
N PHE D 172 23.46 4.29 -28.32
CA PHE D 172 22.75 5.33 -29.02
C PHE D 172 23.42 5.96 -30.21
N VAL D 173 24.68 5.61 -30.45
CA VAL D 173 25.34 6.08 -31.66
C VAL D 173 24.58 5.25 -32.69
N GLY D 174 24.38 3.96 -32.37
CA GLY D 174 23.63 3.08 -33.26
C GLY D 174 22.21 3.55 -33.53
N PHE D 175 21.59 4.18 -32.52
CA PHE D 175 20.23 4.70 -32.63
C PHE D 175 20.17 5.72 -33.77
N ALA D 176 21.20 6.56 -33.87
CA ALA D 176 21.24 7.56 -34.93
C ALA D 176 21.35 6.81 -36.25
N GLU D 177 22.14 5.74 -36.23
CA GLU D 177 22.36 4.89 -37.40
C GLU D 177 20.97 4.41 -37.88
N GLU D 178 20.27 3.78 -36.94
CA GLU D 178 18.94 3.24 -37.17
C GLU D 178 18.01 4.28 -37.77
N VAL D 179 18.05 5.49 -37.26
CA VAL D 179 17.18 6.54 -37.72
C VAL D 179 17.41 7.02 -39.16
N ARG D 180 18.67 7.08 -39.58
CA ARG D 180 18.98 7.50 -40.94
C ARG D 180 18.42 6.42 -41.86
N ALA D 181 18.64 5.18 -41.49
CA ALA D 181 18.17 4.06 -42.27
C ALA D 181 16.64 4.14 -42.38
N GLN D 182 15.96 4.39 -41.26
CA GLN D 182 14.51 4.47 -41.31
C GLN D 182 14.06 5.71 -42.08
N GLU D 183 14.83 6.79 -41.99
CA GLU D 183 14.46 8.01 -42.70
C GLU D 183 14.52 7.75 -44.19
N ALA D 184 15.43 6.89 -44.59
CA ALA D 184 15.58 6.53 -46.00
C ALA D 184 14.25 5.90 -46.44
N GLU D 185 13.87 4.82 -45.77
CA GLU D 185 12.62 4.14 -46.09
C GLU D 185 11.45 5.12 -46.07
N LEU D 186 11.44 6.02 -45.10
CA LEU D 186 10.35 6.98 -45.01
C LEU D 186 10.39 8.00 -46.14
N GLY D 187 11.58 8.31 -46.62
CA GLY D 187 11.69 9.29 -47.70
C GLY D 187 11.75 10.70 -47.17
N PHE D 188 12.08 10.83 -45.90
CA PHE D 188 12.20 12.14 -45.29
C PHE D 188 13.04 12.10 -44.02
N LYS D 189 13.43 13.27 -43.55
CA LYS D 189 14.26 13.37 -42.37
C LYS D 189 13.57 14.13 -41.25
N PHE D 190 13.89 13.75 -40.02
CA PHE D 190 13.32 14.41 -38.85
C PHE D 190 14.19 15.63 -38.57
N ASP D 191 13.56 16.75 -38.24
CA ASP D 191 14.28 17.99 -37.96
C ASP D 191 14.86 18.09 -36.55
N TYR D 192 14.25 17.38 -35.60
CA TYR D 192 14.69 17.40 -34.21
C TYR D 192 14.39 16.08 -33.53
N VAL D 193 15.08 15.85 -32.42
CA VAL D 193 14.89 14.64 -31.62
C VAL D 193 14.78 15.10 -30.17
N VAL D 194 13.69 14.73 -29.48
CA VAL D 194 13.57 15.10 -28.08
C VAL D 194 13.94 13.86 -27.28
N VAL D 195 14.77 14.03 -26.26
CA VAL D 195 15.21 12.89 -25.46
C VAL D 195 15.45 13.30 -24.03
N CYS D 196 15.00 12.46 -23.08
CA CYS D 196 15.17 12.73 -21.66
C CYS D 196 16.59 12.34 -21.26
N SER D 197 17.24 13.20 -20.48
CA SER D 197 18.60 12.92 -20.09
C SER D 197 18.81 13.09 -18.59
N VAL D 198 19.43 12.09 -18.00
CA VAL D 198 19.76 12.14 -16.58
C VAL D 198 21.22 11.71 -16.39
N THR D 199 21.55 10.43 -16.61
CA THR D 199 22.95 10.02 -16.44
C THR D 199 23.79 10.37 -17.68
N GLY D 200 23.11 10.60 -18.81
CA GLY D 200 23.84 11.07 -19.98
C GLY D 200 24.29 10.33 -21.21
N SER D 201 24.56 9.03 -21.13
CA SER D 201 25.03 8.34 -22.32
C SER D 201 23.98 8.12 -23.41
N THR D 202 22.69 8.29 -23.08
CA THR D 202 21.69 8.11 -24.10
C THR D 202 21.78 9.29 -25.06
N GLN D 203 21.77 10.51 -24.53
CA GLN D 203 21.87 11.69 -25.38
C GLN D 203 23.27 11.83 -26.00
N ALA D 204 24.28 11.40 -25.27
CA ALA D 204 25.66 11.49 -25.75
C ALA D 204 25.82 10.60 -26.98
N GLY D 205 25.26 9.40 -26.92
CA GLY D 205 25.34 8.49 -28.04
C GLY D 205 24.65 9.09 -29.24
N MET D 206 23.51 9.73 -28.99
CA MET D 206 22.76 10.38 -30.05
C MET D 206 23.52 11.56 -30.64
N VAL D 207 24.13 12.36 -29.77
CA VAL D 207 24.89 13.52 -30.22
C VAL D 207 25.98 13.08 -31.20
N VAL D 208 26.71 12.04 -30.82
CA VAL D 208 27.77 11.52 -31.66
C VAL D 208 27.20 10.98 -32.97
N GLY D 209 26.23 10.08 -32.86
CA GLY D 209 25.61 9.50 -34.03
C GLY D 209 25.02 10.48 -35.02
N PHE D 210 24.51 11.61 -34.54
CA PHE D 210 23.93 12.60 -35.45
C PHE D 210 24.92 13.69 -35.86
N ALA D 211 26.07 13.70 -35.18
CA ALA D 211 27.12 14.66 -35.48
C ALA D 211 27.58 14.28 -36.88
N ALA D 212 27.54 12.98 -37.15
CA ALA D 212 27.95 12.40 -38.43
C ALA D 212 27.21 12.97 -39.63
N ASP D 213 25.97 13.43 -39.44
CA ASP D 213 25.24 14.00 -40.56
C ASP D 213 24.92 15.46 -40.31
N GLY D 214 25.55 16.02 -39.27
CA GLY D 214 25.35 17.42 -38.94
C GLY D 214 24.09 17.79 -38.19
N ARG D 215 23.59 16.88 -37.35
CA ARG D 215 22.38 17.17 -36.61
C ARG D 215 22.54 17.03 -35.09
N ALA D 216 23.78 17.07 -34.62
CA ALA D 216 24.04 16.94 -33.18
C ALA D 216 23.23 17.95 -32.37
N ASP D 217 23.16 19.19 -32.84
CA ASP D 217 22.43 20.21 -32.11
C ASP D 217 20.93 20.19 -32.39
N ARG D 218 20.49 19.12 -33.06
CA ARG D 218 19.07 18.94 -33.34
C ARG D 218 18.55 17.99 -32.26
N VAL D 219 19.47 17.35 -31.56
CA VAL D 219 19.12 16.44 -30.48
C VAL D 219 18.79 17.32 -29.26
N ILE D 220 17.50 17.61 -29.06
CA ILE D 220 17.07 18.44 -27.94
C ILE D 220 16.93 17.62 -26.65
N GLY D 221 17.91 17.73 -25.78
CA GLY D 221 17.86 17.01 -24.53
C GLY D 221 16.96 17.74 -23.54
N VAL D 222 16.30 16.96 -22.69
CA VAL D 222 15.42 17.54 -21.67
C VAL D 222 15.87 16.95 -20.35
N ASP D 223 16.44 17.82 -19.51
CA ASP D 223 16.96 17.44 -18.23
C ASP D 223 15.85 16.98 -17.31
N ALA D 224 16.10 15.89 -16.60
CA ALA D 224 15.18 15.32 -15.65
C ALA D 224 15.97 15.07 -14.35
N SER D 225 17.23 15.51 -14.33
CA SER D 225 18.04 15.34 -13.12
C SER D 225 17.81 16.47 -12.12
N ALA D 226 17.44 17.65 -12.62
CA ALA D 226 17.26 18.84 -11.77
C ALA D 226 18.64 19.33 -11.29
N LYS D 227 19.69 18.91 -12.00
CA LYS D 227 21.08 19.32 -11.74
C LYS D 227 21.66 19.43 -13.14
N PRO D 228 21.08 20.30 -13.97
CA PRO D 228 21.48 20.52 -15.36
C PRO D 228 22.96 20.72 -15.68
N ALA D 229 23.65 21.54 -14.89
CA ALA D 229 25.07 21.78 -15.13
C ALA D 229 25.86 20.47 -15.06
N GLN D 230 25.59 19.69 -14.03
CA GLN D 230 26.26 18.41 -13.85
C GLN D 230 25.88 17.41 -14.96
N THR D 231 24.60 17.44 -15.36
CA THR D 231 24.15 16.53 -16.39
C THR D 231 24.65 16.98 -17.75
N ARG D 232 24.62 18.28 -17.97
CA ARG D 232 25.09 18.84 -19.23
C ARG D 232 26.58 18.48 -19.42
N GLU D 233 27.31 18.42 -18.31
CA GLU D 233 28.73 18.10 -18.38
C GLU D 233 28.96 16.61 -18.62
N GLN D 234 28.12 15.76 -18.02
CA GLN D 234 28.30 14.34 -18.23
C GLN D 234 28.00 13.95 -19.66
N ILE D 235 27.00 14.59 -20.25
CA ILE D 235 26.65 14.27 -21.62
C ILE D 235 27.84 14.69 -22.51
N THR D 236 28.34 15.89 -22.25
CA THR D 236 29.47 16.43 -23.00
C THR D 236 30.67 15.50 -23.00
N ARG D 237 31.10 15.13 -21.80
CA ARG D 237 32.23 14.23 -21.62
C ARG D 237 32.06 12.87 -22.27
N ILE D 238 30.92 12.23 -22.03
CA ILE D 238 30.65 10.91 -22.59
C ILE D 238 30.63 10.94 -24.10
N ALA D 239 30.07 12.01 -24.64
CA ALA D 239 29.95 12.24 -26.07
C ALA D 239 31.33 12.34 -26.71
N ARG D 240 32.18 13.16 -26.11
CA ARG D 240 33.54 13.34 -26.62
C ARG D 240 34.29 12.00 -26.53
N GLN D 241 34.21 11.32 -25.40
CA GLN D 241 34.87 10.03 -25.22
C GLN D 241 34.33 8.97 -26.19
N THR D 242 33.02 9.04 -26.46
CA THR D 242 32.41 8.07 -27.36
C THR D 242 32.73 8.38 -28.80
N ALA D 243 32.77 9.66 -29.15
CA ALA D 243 33.09 10.08 -30.52
C ALA D 243 34.51 9.61 -30.84
N GLU D 244 35.40 9.69 -29.85
CA GLU D 244 36.78 9.27 -30.03
C GLU D 244 36.84 7.77 -30.22
N LYS D 245 36.01 7.04 -29.46
CA LYS D 245 36.02 5.60 -29.55
C LYS D 245 35.43 5.05 -30.85
N VAL D 246 34.61 5.84 -31.53
CA VAL D 246 34.03 5.36 -32.80
C VAL D 246 34.72 6.05 -33.97
N GLY D 247 35.73 6.86 -33.66
CA GLY D 247 36.45 7.55 -34.70
C GLY D 247 35.67 8.62 -35.42
N LEU D 248 34.91 9.44 -34.68
CA LEU D 248 34.18 10.51 -35.34
C LEU D 248 35.28 11.35 -35.97
N GLU D 249 35.07 11.85 -37.18
CA GLU D 249 36.11 12.64 -37.81
C GLU D 249 36.20 14.05 -37.24
N ARG D 250 35.61 14.25 -36.06
CA ARG D 250 35.58 15.57 -35.46
C ARG D 250 35.54 15.45 -33.94
N ASP D 251 35.92 16.52 -33.24
CA ASP D 251 35.88 16.51 -31.79
C ASP D 251 34.51 17.10 -31.42
N ILE D 252 33.89 16.56 -30.38
CA ILE D 252 32.59 17.07 -29.99
C ILE D 252 32.70 18.36 -29.18
N MET D 253 31.98 19.39 -29.63
CA MET D 253 31.98 20.68 -28.97
C MET D 253 30.78 20.83 -28.04
N ARG D 254 30.93 21.68 -27.04
CA ARG D 254 29.85 21.92 -26.09
C ARG D 254 28.59 22.34 -26.83
N ALA D 255 28.76 23.12 -27.90
CA ALA D 255 27.63 23.58 -28.67
C ALA D 255 26.90 22.44 -29.40
N ASP D 256 27.44 21.22 -29.34
CA ASP D 256 26.79 20.07 -29.96
C ASP D 256 25.77 19.52 -28.94
N VAL D 257 25.91 19.94 -27.69
CA VAL D 257 25.05 19.46 -26.64
C VAL D 257 23.98 20.43 -26.16
N VAL D 258 22.73 20.10 -26.50
CA VAL D 258 21.58 20.92 -26.12
C VAL D 258 20.80 20.29 -24.95
N LEU D 259 20.68 21.00 -23.85
CA LEU D 259 19.94 20.48 -22.72
C LEU D 259 18.99 21.51 -22.14
N ASP D 260 17.69 21.32 -22.37
CA ASP D 260 16.68 22.23 -21.83
C ASP D 260 16.54 21.86 -20.33
N GLU D 261 16.54 22.86 -19.46
CA GLU D 261 16.43 22.61 -18.02
C GLU D 261 15.10 23.05 -17.43
N ARG D 262 14.20 23.53 -18.28
CA ARG D 262 12.91 24.06 -17.84
C ARG D 262 11.87 23.09 -17.32
N PHE D 263 12.08 21.79 -17.53
CA PHE D 263 11.05 20.81 -17.15
C PHE D 263 11.45 19.74 -16.16
N ALA D 264 12.58 19.92 -15.49
CA ALA D 264 13.10 18.94 -14.54
C ALA D 264 12.56 19.06 -13.14
N GLY D 265 11.93 20.20 -12.83
CA GLY D 265 11.45 20.47 -11.50
C GLY D 265 10.44 19.51 -10.92
N PRO D 266 10.35 19.43 -9.59
CA PRO D 266 11.13 20.18 -8.61
C PRO D 266 12.44 19.53 -8.25
N GLU D 267 12.47 18.20 -8.39
CA GLU D 267 13.64 17.39 -8.07
C GLU D 267 13.64 16.12 -8.91
N TYR D 268 14.80 15.48 -8.97
CA TYR D 268 14.91 14.21 -9.67
C TYR D 268 13.95 13.24 -8.95
N GLY D 269 13.18 12.50 -9.74
CA GLY D 269 12.26 11.56 -9.14
C GLY D 269 10.92 12.13 -8.72
N LEU D 270 10.72 13.44 -8.85
CA LEU D 270 9.46 14.03 -8.45
C LEU D 270 8.85 14.79 -9.61
N PRO D 271 7.55 14.58 -9.87
CA PRO D 271 6.93 15.30 -10.99
C PRO D 271 6.44 16.66 -10.55
N ASN D 272 6.26 17.57 -11.50
CA ASN D 272 5.66 18.85 -11.18
C ASN D 272 4.26 18.75 -11.83
N GLU D 273 3.42 19.75 -11.63
CA GLU D 273 2.07 19.69 -12.19
C GLU D 273 2.10 19.60 -13.72
N GLY D 274 3.12 20.21 -14.33
CA GLY D 274 3.24 20.16 -15.77
C GLY D 274 3.53 18.75 -16.22
N THR D 275 4.34 18.03 -15.45
CA THR D 275 4.68 16.66 -15.78
C THR D 275 3.40 15.82 -15.83
N LEU D 276 2.60 15.91 -14.78
CA LEU D 276 1.37 15.13 -14.72
C LEU D 276 0.42 15.45 -15.87
N GLU D 277 0.30 16.74 -16.21
CA GLU D 277 -0.56 17.17 -17.30
C GLU D 277 -0.12 16.54 -18.60
N ALA D 278 1.19 16.60 -18.87
CA ALA D 278 1.73 16.03 -20.10
C ALA D 278 1.56 14.54 -20.16
N ILE D 279 1.73 13.87 -19.02
CA ILE D 279 1.56 12.41 -19.01
C ILE D 279 0.10 12.12 -19.38
N ARG D 280 -0.82 12.90 -18.82
CA ARG D 280 -2.22 12.68 -19.11
C ARG D 280 -2.60 13.03 -20.58
N LEU D 281 -2.14 14.18 -21.07
CA LEU D 281 -2.48 14.61 -22.44
C LEU D 281 -2.00 13.59 -23.45
N CYS D 282 -0.75 13.18 -23.28
CA CYS D 282 -0.16 12.21 -24.18
C CYS D 282 -0.87 10.87 -24.12
N ALA D 283 -1.23 10.44 -22.91
CA ALA D 283 -1.91 9.16 -22.77
C ALA D 283 -3.30 9.24 -23.39
N ARG D 284 -3.97 10.34 -23.14
CA ARG D 284 -5.35 10.51 -23.59
C ARG D 284 -5.54 10.88 -25.05
N THR D 285 -4.44 11.27 -25.72
CA THR D 285 -4.55 11.61 -27.13
C THR D 285 -3.92 10.54 -27.96
N GLU D 286 -3.02 9.74 -27.38
CA GLU D 286 -2.32 8.73 -28.16
C GLU D 286 -2.31 7.32 -27.61
N GLY D 287 -2.65 7.16 -26.33
CA GLY D 287 -2.62 5.82 -25.75
C GLY D 287 -1.21 5.39 -25.42
N MET D 288 -0.30 6.35 -25.36
CA MET D 288 1.11 6.09 -25.04
C MET D 288 1.39 6.66 -23.64
N LEU D 289 1.72 5.78 -22.71
CA LEU D 289 1.98 6.18 -21.33
C LEU D 289 3.40 6.71 -21.16
N THR D 290 3.63 7.58 -20.18
CA THR D 290 4.96 8.10 -19.86
C THR D 290 4.98 8.14 -18.33
N ASP D 291 6.18 8.24 -17.72
CA ASP D 291 6.30 8.22 -16.27
C ASP D 291 6.61 9.55 -15.62
N PRO D 292 6.37 9.66 -14.30
CA PRO D 292 6.64 10.95 -13.63
C PRO D 292 8.10 11.28 -13.36
N VAL D 293 9.00 10.32 -13.59
CA VAL D 293 10.42 10.57 -13.34
C VAL D 293 11.19 11.02 -14.58
N TYR D 294 11.04 10.28 -15.67
CA TYR D 294 11.76 10.55 -16.93
C TYR D 294 10.98 11.07 -18.15
N GLU D 295 10.29 10.16 -18.83
CA GLU D 295 9.57 10.46 -20.04
C GLU D 295 8.48 11.50 -19.95
N GLY D 296 7.78 11.56 -18.82
CA GLY D 296 6.76 12.58 -18.68
C GLY D 296 7.38 13.98 -18.70
N LYS D 297 8.61 14.09 -18.22
CA LYS D 297 9.27 15.38 -18.20
C LYS D 297 9.73 15.71 -19.60
N SER D 298 10.22 14.73 -20.34
CA SER D 298 10.62 15.03 -21.69
C SER D 298 9.41 15.22 -22.57
N MET D 299 8.29 14.58 -22.20
CA MET D 299 7.06 14.72 -22.96
C MET D 299 6.56 16.12 -22.64
N HIS D 300 6.66 16.47 -21.36
CA HIS D 300 6.25 17.82 -20.94
C HIS D 300 7.04 18.86 -21.76
N GLY D 301 8.36 18.65 -21.86
CA GLY D 301 9.19 19.56 -22.63
C GLY D 301 8.73 19.74 -24.07
N MET D 302 8.61 18.65 -24.80
CA MET D 302 8.20 18.73 -26.20
C MET D 302 6.89 19.47 -26.40
N ILE D 303 5.88 19.10 -25.63
CA ILE D 303 4.59 19.76 -25.75
C ILE D 303 4.72 21.26 -25.49
N GLU D 304 5.51 21.62 -24.49
CA GLU D 304 5.69 23.01 -24.15
C GLU D 304 6.44 23.73 -25.27
N MET D 305 7.34 23.00 -25.92
CA MET D 305 8.10 23.56 -27.02
C MET D 305 7.19 23.88 -28.21
N VAL D 306 6.34 22.91 -28.57
CA VAL D 306 5.41 23.11 -29.68
C VAL D 306 4.41 24.21 -29.33
N ARG D 307 3.95 24.19 -28.09
CA ARG D 307 2.97 25.17 -27.64
C ARG D 307 3.50 26.60 -27.69
N ASN D 308 4.76 26.78 -27.35
CA ASN D 308 5.35 28.12 -27.36
C ASN D 308 5.87 28.55 -28.73
N GLY D 309 5.70 27.67 -29.71
CA GLY D 309 6.15 27.97 -31.05
C GLY D 309 7.66 27.97 -31.15
N GLU D 310 8.29 27.11 -30.36
CA GLU D 310 9.75 27.02 -30.38
C GLU D 310 10.25 26.19 -31.54
N PHE D 311 9.38 25.38 -32.13
CA PHE D 311 9.76 24.61 -33.29
C PHE D 311 9.23 25.38 -34.49
N PRO D 312 9.99 25.43 -35.59
CA PRO D 312 9.50 26.16 -36.77
C PRO D 312 8.32 25.43 -37.40
N GLU D 313 7.33 26.18 -37.88
CA GLU D 313 6.18 25.55 -38.51
C GLU D 313 6.66 24.53 -39.55
N GLY D 314 6.07 23.33 -39.54
CA GLY D 314 6.45 22.31 -40.49
C GLY D 314 7.53 21.35 -40.01
N SER D 315 8.14 21.66 -38.86
CA SER D 315 9.18 20.78 -38.34
C SER D 315 8.67 19.37 -38.06
N ARG D 316 9.57 18.40 -38.18
CA ARG D 316 9.25 17.02 -37.87
C ARG D 316 10.09 16.63 -36.67
N VAL D 317 9.44 16.50 -35.53
CA VAL D 317 10.09 16.14 -34.27
C VAL D 317 9.96 14.67 -33.93
N LEU D 318 11.09 14.02 -33.63
CA LEU D 318 11.11 12.62 -33.27
C LEU D 318 11.35 12.46 -31.78
N TYR D 319 10.29 12.07 -31.05
CA TYR D 319 10.36 11.86 -29.62
C TYR D 319 10.90 10.46 -29.33
N ALA D 320 11.98 10.39 -28.57
CA ALA D 320 12.56 9.12 -28.22
C ALA D 320 11.92 8.69 -26.90
N HIS D 321 11.05 7.69 -26.97
CA HIS D 321 10.42 7.21 -25.76
C HIS D 321 11.32 6.15 -25.17
N LEU D 322 12.03 6.53 -24.11
CA LEU D 322 13.00 5.66 -23.49
C LEU D 322 12.56 4.55 -22.55
N GLY D 323 11.27 4.50 -22.21
CA GLY D 323 10.78 3.46 -21.33
C GLY D 323 10.29 4.05 -20.01
N GLY D 324 10.51 3.32 -18.93
CA GLY D 324 10.16 3.81 -17.59
C GLY D 324 8.73 3.68 -17.08
N VAL D 325 7.82 3.22 -17.91
CA VAL D 325 6.42 3.13 -17.48
C VAL D 325 6.19 2.34 -16.18
N PRO D 326 6.88 1.21 -15.95
CA PRO D 326 6.62 0.51 -14.69
C PRO D 326 6.76 1.34 -13.39
N ALA D 327 7.56 2.40 -13.40
CA ALA D 327 7.71 3.21 -12.19
C ALA D 327 6.40 3.90 -11.75
N LEU D 328 5.46 4.01 -12.69
CA LEU D 328 4.14 4.59 -12.43
C LEU D 328 3.55 3.97 -11.15
N ASN D 329 3.80 2.67 -10.95
CA ASN D 329 3.30 1.95 -9.80
C ASN D 329 3.71 2.49 -8.41
N GLY D 330 4.84 3.17 -8.35
CA GLY D 330 5.29 3.73 -7.09
C GLY D 330 4.76 5.14 -6.84
N TYR D 331 3.87 5.62 -7.72
CA TYR D 331 3.23 6.95 -7.58
C TYR D 331 1.72 6.77 -7.69
N SER D 332 1.20 5.76 -7.04
CA SER D 332 -0.22 5.47 -7.15
C SER D 332 -1.17 6.50 -6.57
N PHE D 333 -0.82 7.15 -5.48
CA PHE D 333 -1.73 8.12 -4.89
C PHE D 333 -2.03 9.28 -5.82
N ILE D 334 -0.98 9.78 -6.47
CA ILE D 334 -1.03 10.88 -7.42
C ILE D 334 -1.97 10.64 -8.57
N PHE D 335 -2.04 9.39 -9.03
CA PHE D 335 -2.89 9.04 -10.15
C PHE D 335 -4.17 8.30 -9.75
N ARG D 336 -4.50 8.32 -8.47
CA ARG D 336 -5.70 7.61 -7.99
C ARG D 336 -7.01 7.91 -8.70
N ASP D 337 -7.15 9.12 -9.25
CA ASP D 337 -8.37 9.49 -9.97
C ASP D 337 -8.00 9.84 -11.41
N GLY D 338 -6.85 9.38 -11.87
CA GLY D 338 -6.44 9.70 -13.24
C GLY D 338 -5.18 10.55 -13.16
N1 PLP E . -1.94 16.95 18.37
C2 PLP E . -2.92 16.12 17.91
C2A PLP E . -2.68 14.58 18.02
C3 PLP E . -4.12 16.64 17.37
O3 PLP E . -5.12 15.81 16.90
C4 PLP E . -4.27 18.09 17.31
C4A PLP E . -5.56 18.68 16.73
C5 PLP E . -3.21 18.92 17.81
C6 PLP E . -2.05 18.28 18.34
C5A PLP E . -3.20 20.45 17.84
O4P PLP E . -4.32 20.91 18.64
P PLP E . -5.05 22.29 18.25
O1P PLP E . -5.64 22.15 16.87
O2P PLP E . -6.16 22.56 19.25
O3P PLP E . -3.97 23.35 18.27
C4 2KT F . -9.61 19.19 11.92
C3 2KT F . -8.32 18.39 11.73
C2 2KT F . -7.56 18.26 13.05
O3 2KT F . -7.69 19.10 13.93
C 2KT F . -6.60 17.10 13.27
OXT 2KT F . -5.80 16.81 12.35
O 2KT F . -6.61 16.53 14.38
S SO4 G . -1.02 -12.39 19.28
O1 SO4 G . -1.48 -11.10 19.82
O2 SO4 G . 0.44 -12.50 19.37
O3 SO4 G . -1.63 -13.49 20.05
O4 SO4 G . -1.40 -12.50 17.87
N1 PLP H . -7.77 -10.64 21.22
C2 PLP H . -6.65 -9.93 21.04
C2A PLP H . -6.79 -8.45 20.59
C3 PLP H . -5.36 -10.53 21.27
O3 PLP H . -4.18 -9.82 21.10
C4 PLP H . -5.32 -11.90 21.70
C4A PLP H . -3.95 -12.58 21.96
C5 PLP H . -6.57 -12.61 21.87
C6 PLP H . -7.76 -11.92 21.61
C5A PLP H . -6.69 -14.06 22.32
O4P PLP H . -6.13 -14.19 23.64
P PLP H . -5.43 -15.59 24.09
O1P PLP H . -4.25 -15.80 23.21
O2P PLP H . -4.97 -15.45 25.54
O3P PLP H . -6.44 -16.68 23.92
N1 PLP I . -3.87 -14.10 -20.37
C2 PLP I . -4.00 -12.78 -20.25
C2A PLP I . -2.75 -11.98 -19.87
C3 PLP I . -5.27 -12.15 -20.48
O3 PLP I . -5.43 -10.79 -20.37
C4 PLP I . -6.38 -12.99 -20.84
C4A PLP I . -7.73 -12.34 -21.10
C5 PLP I . -6.18 -14.40 -20.94
C6 PLP I . -4.89 -14.91 -20.69
C5A PLP I . -7.26 -15.42 -21.32
O4P PLP I . -7.74 -15.12 -22.63
P PLP I . -9.26 -15.42 -23.01
O1P PLP I . -10.15 -14.54 -22.10
O2P PLP I . -9.48 -16.88 -22.73
O3P PLP I . -9.51 -15.06 -24.44
C4 2KT J . -11.58 -9.68 -16.61
C3 2KT J . -11.15 -8.99 -17.91
C2 2KT J . -10.11 -9.80 -18.68
O3 2KT J . -10.45 -10.63 -19.51
C 2KT J . -8.62 -9.61 -18.40
OXT 2KT J . -8.18 -9.96 -17.28
O 2KT J . -7.93 -9.17 -19.33
S SO4 K . 17.89 4.53 -14.05
O1 SO4 K . 16.76 5.23 -13.40
O2 SO4 K . 18.62 3.80 -13.00
O3 SO4 K . 17.34 3.59 -15.06
O4 SO4 K . 18.78 5.52 -14.69
N1 PLP L . 14.20 7.58 -19.43
C2 PLP L . 14.18 6.36 -18.88
C2A PLP L . 12.86 5.54 -18.94
C3 PLP L . 15.35 5.81 -18.28
O3 PLP L . 15.32 4.55 -17.72
C4 PLP L . 16.55 6.62 -18.27
C4A PLP L . 17.81 6.04 -17.64
C5 PLP L . 16.52 7.92 -18.85
C6 PLP L . 15.30 8.37 -19.43
C5A PLP L . 17.71 8.90 -18.93
O4P PLP L . 18.72 8.32 -19.77
P PLP L . 20.27 8.68 -19.50
O1P PLP L . 20.66 8.19 -18.14
O2P PLP L . 21.11 7.95 -20.55
O3P PLP L . 20.43 10.18 -19.56
#